data_9NY2
#
_entry.id   9NY2
#
_cell.length_a   1.00
_cell.length_b   1.00
_cell.length_c   1.00
_cell.angle_alpha   90.00
_cell.angle_beta   90.00
_cell.angle_gamma   90.00
#
_symmetry.space_group_name_H-M   'P 1'
#
_entity_poly.entity_id   1
_entity_poly.type   'polypeptide(L)'
_entity_poly.pdbx_seq_one_letter_code
;MATPTNAVSTVEINGKREDLIDIIYNIAPYDTPFMTAIGKGVATAITHEWQTDELRQPGKNTRVEGEDATIKAGSFTTML
NNFCQISDETLQVTGTADKVKKAGRKNELAYQLAKKSKELKLDMEYAMVGAPQAKIQRNTTTPGQMANIFAYYKTNGSVG
ANGTLPTGDGSDTGTAGDLRLLTEDMLLNASEAIWRNGGQANSIQTSSSIKKAISKNMKGRATEITLDASDNRIAQTVDV
YESDFGKYTIRANRWFHENTMFIFDPKMHALCYLRPFFQHELAKTGDSEKRQLLVEYTLRVNNEKSGALIRDVVAQV
;
_entity_poly.pdbx_strand_id   A,B,C,D,E,F,G
#
# COMPACT_ATOMS: atom_id res chain seq x y z
N MET A 1 15.43 60.59 46.80
CA MET A 1 15.43 60.27 45.38
C MET A 1 14.88 58.86 45.13
N ALA A 2 14.98 58.39 43.88
CA ALA A 2 14.65 57.00 43.59
C ALA A 2 15.55 56.07 44.37
N THR A 3 16.85 56.36 44.38
CA THR A 3 17.74 55.71 45.33
C THR A 3 17.45 56.25 46.72
N PRO A 4 17.77 55.49 47.78
CA PRO A 4 17.36 55.95 49.12
C PRO A 4 18.15 57.17 49.57
N THR A 5 17.52 58.34 49.41
CA THR A 5 18.00 59.67 49.80
C THR A 5 19.52 59.71 49.58
N ASN A 6 20.34 59.78 50.64
CA ASN A 6 21.79 59.82 50.50
C ASN A 6 22.37 58.42 50.61
N ALA A 7 22.24 57.67 49.52
CA ALA A 7 22.78 56.33 49.44
C ALA A 7 24.06 56.35 48.61
N VAL A 8 25.10 55.73 49.13
CA VAL A 8 26.37 55.60 48.41
C VAL A 8 26.20 54.55 47.33
N SER A 9 25.97 55.00 46.10
CA SER A 9 25.65 54.16 44.96
C SER A 9 26.86 54.08 44.03
N THR A 10 26.65 53.49 42.85
CA THR A 10 27.71 53.37 41.85
C THR A 10 28.13 54.71 41.28
N VAL A 11 27.34 55.76 41.50
CA VAL A 11 27.65 57.07 40.91
C VAL A 11 28.63 57.84 41.80
N GLU A 12 28.38 57.86 43.11
CA GLU A 12 29.28 58.57 44.03
C GLU A 12 30.67 57.97 44.06
N ILE A 13 30.80 56.64 44.13
CA ILE A 13 32.10 56.03 44.34
C ILE A 13 32.95 56.20 43.08
N ASN A 14 34.19 56.63 43.28
CA ASN A 14 35.14 56.87 42.20
C ASN A 14 36.28 55.87 42.28
N GLY A 15 37.08 55.84 41.21
CA GLY A 15 38.18 54.91 41.14
C GLY A 15 37.77 53.49 40.82
N LYS A 16 36.67 53.31 40.11
CA LYS A 16 36.21 51.98 39.74
C LYS A 16 37.09 51.42 38.63
N ARG A 17 37.76 50.31 38.91
CA ARG A 17 38.65 49.70 37.94
C ARG A 17 37.85 49.12 36.78
N GLU A 18 38.35 49.33 35.57
CA GLU A 18 37.66 48.89 34.37
C GLU A 18 37.72 47.37 34.25
N ASP A 19 36.76 46.83 33.49
CA ASP A 19 36.66 45.40 33.23
C ASP A 19 36.92 45.17 31.76
N LEU A 20 38.16 44.82 31.42
CA LEU A 20 38.55 44.52 30.05
C LEU A 20 39.27 43.18 30.04
N ILE A 21 38.85 42.30 29.14
CA ILE A 21 39.42 40.96 29.08
C ILE A 21 40.67 40.96 28.21
N ASP A 22 41.51 39.94 28.41
CA ASP A 22 42.79 39.82 27.73
C ASP A 22 42.71 38.95 26.48
N ILE A 23 41.51 38.64 26.02
CA ILE A 23 41.29 37.75 24.88
C ILE A 23 40.82 38.58 23.70
N ILE A 24 41.44 38.36 22.54
CA ILE A 24 41.02 38.98 21.29
C ILE A 24 40.46 37.90 20.39
N TYR A 25 39.26 38.13 19.86
CA TYR A 25 38.54 37.14 19.08
C TYR A 25 38.78 37.40 17.59
N ASN A 26 39.55 36.53 16.96
CA ASN A 26 39.81 36.61 15.53
C ASN A 26 39.58 35.24 14.92
N ILE A 27 38.75 35.19 13.87
CA ILE A 27 38.39 33.91 13.26
C ILE A 27 38.56 33.98 11.75
N ALA A 28 39.30 34.98 11.28
CA ALA A 28 39.51 35.13 9.83
C ALA A 28 40.32 33.96 9.30
N PRO A 29 39.94 33.36 8.18
CA PRO A 29 40.71 32.25 7.63
C PRO A 29 41.84 32.72 6.73
N TYR A 30 42.91 31.91 6.70
CA TYR A 30 44.09 32.25 5.90
C TYR A 30 44.66 31.01 5.22
N ASP A 31 43.82 30.05 4.86
CA ASP A 31 44.29 28.82 4.22
C ASP A 31 44.50 29.04 2.73
N THR A 32 45.46 28.29 2.18
CA THR A 32 45.79 28.36 0.74
C THR A 32 45.80 26.95 0.19
N PRO A 33 44.65 26.46 -0.28
CA PRO A 33 44.59 25.06 -0.75
C PRO A 33 45.39 24.80 -2.01
N PHE A 34 45.28 25.67 -3.02
CA PHE A 34 45.97 25.44 -4.28
C PHE A 34 47.48 25.48 -4.09
N MET A 35 47.97 26.42 -3.28
CA MET A 35 49.41 26.50 -3.04
C MET A 35 49.91 25.25 -2.34
N THR A 36 49.12 24.72 -1.40
CA THR A 36 49.52 23.49 -0.71
C THR A 36 49.50 22.30 -1.65
N ALA A 37 48.55 22.27 -2.59
CA ALA A 37 48.39 21.10 -3.45
C ALA A 37 49.57 20.94 -4.41
N ILE A 38 50.00 22.02 -5.04
CA ILE A 38 51.02 21.95 -6.09
C ILE A 38 52.40 21.78 -5.47
N GLY A 39 53.39 21.45 -6.31
CA GLY A 39 54.74 21.20 -5.82
C GLY A 39 55.59 22.45 -5.72
N LYS A 40 56.77 22.27 -5.14
CA LYS A 40 57.73 23.36 -4.93
C LYS A 40 58.97 23.13 -5.79
N GLY A 41 59.69 24.22 -6.05
CA GLY A 41 60.89 24.13 -6.86
C GLY A 41 61.74 25.38 -6.74
N VAL A 42 62.91 25.32 -7.37
CA VAL A 42 63.91 26.38 -7.29
C VAL A 42 64.17 26.90 -8.70
N ALA A 43 64.16 28.22 -8.85
CA ALA A 43 64.49 28.88 -10.11
C ALA A 43 65.77 29.68 -9.92
N THR A 44 66.63 29.66 -10.94
CA THR A 44 67.93 30.32 -10.87
C THR A 44 68.08 31.45 -11.88
N ALA A 45 66.98 31.91 -12.47
CA ALA A 45 67.05 32.98 -13.46
C ALA A 45 65.70 33.69 -13.51
N ILE A 46 65.69 34.84 -14.18
CA ILE A 46 64.45 35.58 -14.37
C ILE A 46 63.46 34.77 -15.19
N THR A 47 63.93 34.12 -16.24
CA THR A 47 63.08 33.32 -17.13
C THR A 47 63.30 31.84 -16.83
N HIS A 48 62.20 31.11 -16.68
CA HIS A 48 62.23 29.67 -16.41
C HIS A 48 61.61 28.94 -17.59
N GLU A 49 62.33 27.95 -18.12
CA GLU A 49 61.93 27.30 -19.36
C GLU A 49 61.85 25.78 -19.18
N TRP A 50 61.00 25.17 -20.00
CA TRP A 50 60.84 23.72 -20.03
C TRP A 50 60.34 23.32 -21.41
N GLN A 51 60.19 22.01 -21.62
CA GLN A 51 59.86 21.46 -22.92
C GLN A 51 58.70 20.48 -22.82
N THR A 52 58.00 20.33 -23.95
CA THR A 52 56.90 19.38 -24.09
C THR A 52 57.02 18.65 -25.42
N ASP A 53 56.38 17.49 -25.51
CA ASP A 53 56.43 16.69 -26.72
C ASP A 53 55.11 15.95 -26.90
N GLU A 54 54.93 15.41 -28.10
CA GLU A 54 53.69 14.71 -28.46
C GLU A 54 53.97 13.84 -29.68
N LEU A 55 53.05 12.92 -29.97
CA LEU A 55 53.16 11.99 -31.08
C LEU A 55 52.26 12.45 -32.23
N ARG A 56 52.27 11.67 -33.31
CA ARG A 56 51.53 12.00 -34.52
C ARG A 56 50.44 10.95 -34.77
N GLN A 57 49.44 11.36 -35.55
CA GLN A 57 48.31 10.50 -35.87
C GLN A 57 48.72 9.39 -36.83
N PRO A 58 48.10 8.22 -36.72
CA PRO A 58 48.41 7.13 -37.64
C PRO A 58 47.83 7.38 -39.03
N GLY A 59 48.34 6.62 -39.99
CA GLY A 59 47.90 6.78 -41.37
C GLY A 59 47.79 5.48 -42.13
N LYS A 60 47.79 5.58 -43.47
CA LYS A 60 47.61 4.39 -44.31
C LYS A 60 48.75 3.40 -44.09
N ASN A 61 49.97 3.79 -44.44
CA ASN A 61 51.17 3.00 -44.20
C ASN A 61 51.07 1.61 -44.84
N THR A 62 50.95 1.62 -46.16
CA THR A 62 50.80 0.36 -46.89
C THR A 62 52.12 -0.14 -47.46
N ARG A 63 52.97 0.75 -47.97
CA ARG A 63 54.32 0.44 -48.42
C ARG A 63 54.35 -0.57 -49.56
N VAL A 64 55.50 -0.67 -50.24
CA VAL A 64 55.64 -1.53 -51.41
C VAL A 64 56.84 -2.45 -51.18
N GLU A 65 56.74 -3.67 -51.70
CA GLU A 65 57.76 -4.69 -51.44
C GLU A 65 59.09 -4.30 -52.09
N GLY A 66 60.13 -4.21 -51.28
CA GLY A 66 61.48 -4.09 -51.76
C GLY A 66 61.87 -2.74 -52.33
N GLU A 67 61.05 -1.72 -52.17
CA GLU A 67 61.37 -0.41 -52.73
C GLU A 67 62.48 0.26 -51.94
N ASP A 68 63.11 1.25 -52.57
CA ASP A 68 64.10 2.07 -51.88
C ASP A 68 63.46 2.78 -50.69
N ALA A 69 64.19 2.82 -49.59
CA ALA A 69 63.65 3.41 -48.36
C ALA A 69 63.35 4.88 -48.56
N THR A 70 62.15 5.29 -48.14
CA THR A 70 61.71 6.68 -48.24
C THR A 70 61.84 7.33 -46.88
N ILE A 71 62.53 8.46 -46.84
CA ILE A 71 62.80 9.17 -45.59
C ILE A 71 61.70 10.21 -45.36
N LYS A 72 61.06 10.13 -44.21
CA LYS A 72 60.05 11.10 -43.80
C LYS A 72 60.50 11.79 -42.52
N ALA A 73 60.10 13.05 -42.37
CA ALA A 73 60.59 13.86 -41.27
C ALA A 73 60.07 13.37 -39.93
N GLY A 74 60.82 13.66 -38.88
CA GLY A 74 60.46 13.28 -37.53
C GLY A 74 59.63 14.34 -36.82
N SER A 75 59.62 14.24 -35.50
CA SER A 75 58.88 15.17 -34.66
C SER A 75 59.83 15.91 -33.74
N PHE A 76 59.45 17.14 -33.38
CA PHE A 76 60.28 18.02 -32.59
C PHE A 76 59.51 18.49 -31.36
N THR A 77 60.25 18.91 -30.34
CA THR A 77 59.65 19.34 -29.09
C THR A 77 59.22 20.80 -29.17
N THR A 78 58.57 21.26 -28.11
CA THR A 78 58.08 22.63 -27.99
C THR A 78 58.60 23.25 -26.70
N MET A 79 58.99 24.51 -26.77
CA MET A 79 59.58 25.23 -25.64
C MET A 79 58.56 26.16 -25.01
N LEU A 80 58.52 26.18 -23.68
CA LEU A 80 57.66 27.08 -22.93
C LEU A 80 58.48 27.77 -21.85
N ASN A 81 58.07 28.98 -21.49
CA ASN A 81 58.81 29.76 -20.51
C ASN A 81 57.86 30.67 -19.74
N ASN A 82 58.32 31.08 -18.56
CA ASN A 82 57.57 31.97 -17.68
C ASN A 82 58.53 32.92 -16.98
N PHE A 83 58.00 34.04 -16.53
CA PHE A 83 58.77 35.08 -15.86
C PHE A 83 58.57 35.02 -14.34
N CYS A 84 59.41 35.75 -13.63
CA CYS A 84 59.36 35.84 -12.18
C CYS A 84 58.73 37.17 -11.75
N GLN A 85 58.15 37.16 -10.56
CA GLN A 85 57.54 38.36 -10.01
C GLN A 85 57.83 38.45 -8.51
N ILE A 86 57.77 39.67 -7.99
CA ILE A 86 58.14 39.98 -6.62
C ILE A 86 56.91 40.45 -5.86
N SER A 87 56.83 40.08 -4.58
CA SER A 87 55.79 40.53 -3.68
C SER A 87 56.44 41.02 -2.40
N ASP A 88 55.83 42.03 -1.77
CA ASP A 88 56.42 42.65 -0.60
C ASP A 88 55.35 43.13 0.36
N GLU A 89 55.78 43.46 1.57
CA GLU A 89 54.95 44.08 2.59
C GLU A 89 55.81 44.99 3.45
N THR A 90 55.22 46.07 3.95
CA THR A 90 55.94 47.05 4.74
C THR A 90 55.15 47.37 6.01
N LEU A 91 55.86 47.66 7.09
CA LEU A 91 55.20 47.99 8.34
C LEU A 91 56.02 49.01 9.11
N GLN A 92 55.35 49.98 9.71
CA GLN A 92 55.99 51.00 10.54
C GLN A 92 55.18 51.20 11.81
N VAL A 93 55.87 51.16 12.96
CA VAL A 93 55.22 51.30 14.26
C VAL A 93 56.02 52.28 15.10
N THR A 94 55.32 53.23 15.73
CA THR A 94 56.01 54.22 16.56
C THR A 94 56.51 53.58 17.84
N GLY A 95 57.49 54.26 18.46
CA GLY A 95 58.07 53.74 19.69
C GLY A 95 57.11 53.74 20.86
N THR A 96 56.24 54.74 20.93
CA THR A 96 55.32 54.84 22.06
C THR A 96 54.35 53.67 22.10
N ALA A 97 53.85 53.25 20.93
CA ALA A 97 52.87 52.17 20.88
C ALA A 97 53.45 50.85 21.37
N ASP A 98 54.77 50.70 21.38
CA ASP A 98 55.39 49.45 21.82
C ASP A 98 55.70 49.45 23.32
N LYS A 99 55.44 50.54 24.03
CA LYS A 99 55.75 50.63 25.44
C LYS A 99 54.53 50.60 26.35
N VAL A 100 53.39 51.15 25.90
CA VAL A 100 52.22 51.18 26.75
C VAL A 100 51.63 49.78 26.89
N LYS A 101 50.86 49.60 27.95
CA LYS A 101 50.21 48.32 28.21
C LYS A 101 49.00 48.17 27.30
N LYS A 102 48.77 46.95 26.82
CA LYS A 102 47.66 46.66 25.91
C LYS A 102 47.04 45.33 26.30
N ALA A 103 45.77 45.16 25.93
CA ALA A 103 45.03 43.94 26.23
C ALA A 103 45.19 42.93 25.10
N GLY A 104 45.73 41.77 25.42
CA GLY A 104 45.89 40.69 24.47
C GLY A 104 47.23 40.63 23.76
N ARG A 105 48.03 41.69 23.83
CA ARG A 105 49.33 41.72 23.19
C ARG A 105 50.39 42.22 24.16
N LYS A 106 51.60 41.70 24.00
CA LYS A 106 52.78 42.19 24.71
C LYS A 106 53.65 43.11 23.87
N ASN A 107 53.86 42.76 22.61
CA ASN A 107 54.64 43.58 21.68
C ASN A 107 53.80 43.80 20.43
N GLU A 108 53.66 45.07 20.02
CA GLU A 108 52.83 45.39 18.86
C GLU A 108 53.50 44.95 17.55
N LEU A 109 54.83 45.02 17.49
CA LEU A 109 55.52 44.79 16.22
C LEU A 109 55.29 43.38 15.70
N ALA A 110 55.51 42.36 16.54
CA ALA A 110 55.30 40.99 16.11
C ALA A 110 53.83 40.72 15.84
N TYR A 111 52.94 41.33 16.62
CA TYR A 111 51.51 41.16 16.43
C TYR A 111 51.08 41.63 15.05
N GLN A 112 51.63 42.76 14.59
CA GLN A 112 51.34 43.20 13.22
C GLN A 112 52.09 42.38 12.18
N LEU A 113 53.30 41.95 12.49
CA LEU A 113 54.12 41.23 11.51
C LEU A 113 53.51 39.89 11.14
N ALA A 114 52.92 39.19 12.11
CA ALA A 114 52.28 37.91 11.80
C ALA A 114 51.14 38.09 10.81
N LYS A 115 50.30 39.10 11.03
CA LYS A 115 49.21 39.38 10.11
C LYS A 115 49.73 39.80 8.75
N LYS A 116 50.81 40.58 8.71
CA LYS A 116 51.40 40.97 7.44
C LYS A 116 51.90 39.76 6.66
N SER A 117 52.54 38.81 7.35
CA SER A 117 53.00 37.60 6.68
C SER A 117 51.84 36.77 6.15
N LYS A 118 50.76 36.64 6.94
CA LYS A 118 49.59 35.92 6.49
C LYS A 118 48.98 36.59 5.25
N GLU A 119 48.90 37.92 5.26
CA GLU A 119 48.38 38.65 4.12
C GLU A 119 49.28 38.48 2.90
N LEU A 120 50.59 38.41 3.10
CA LEU A 120 51.51 38.17 1.99
C LEU A 120 51.26 36.80 1.37
N LYS A 121 51.07 35.78 2.20
CA LYS A 121 50.76 34.46 1.67
C LYS A 121 49.43 34.46 0.90
N LEU A 122 48.43 35.16 1.44
CA LEU A 122 47.16 35.28 0.73
C LEU A 122 47.32 35.98 -0.61
N ASP A 123 48.17 37.01 -0.64
CA ASP A 123 48.43 37.72 -1.89
C ASP A 123 49.11 36.80 -2.91
N MET A 124 50.03 35.95 -2.44
CA MET A 124 50.64 34.97 -3.33
C MET A 124 49.59 34.03 -3.91
N GLU A 125 48.68 33.54 -3.06
CA GLU A 125 47.63 32.65 -3.54
C GLU A 125 46.75 33.36 -4.57
N TYR A 126 46.39 34.61 -4.30
CA TYR A 126 45.57 35.36 -5.25
C TYR A 126 46.30 35.57 -6.56
N ALA A 127 47.58 35.90 -6.51
CA ALA A 127 48.35 36.03 -7.74
C ALA A 127 48.37 34.73 -8.51
N MET A 128 48.35 33.60 -7.80
CA MET A 128 48.34 32.32 -8.48
C MET A 128 47.00 32.06 -9.17
N VAL A 129 45.88 32.24 -8.46
CA VAL A 129 44.58 31.83 -8.96
C VAL A 129 43.50 32.89 -8.82
N GLY A 130 43.81 34.07 -8.29
CA GLY A 130 42.77 35.04 -8.03
C GLY A 130 42.13 35.62 -9.27
N ALA A 131 42.94 35.91 -10.30
CA ALA A 131 42.44 36.60 -11.49
C ALA A 131 43.36 36.27 -12.64
N PRO A 132 42.88 36.39 -13.88
CA PRO A 132 43.73 36.12 -15.04
C PRO A 132 44.93 37.09 -15.08
N GLN A 133 46.07 36.56 -15.53
CA GLN A 133 47.30 37.34 -15.59
C GLN A 133 48.13 36.87 -16.78
N ALA A 134 48.74 37.83 -17.47
CA ALA A 134 49.65 37.55 -18.57
C ALA A 134 51.05 38.01 -18.21
N LYS A 135 52.05 37.25 -18.65
CA LYS A 135 53.43 37.58 -18.32
C LYS A 135 53.86 38.87 -18.99
N ILE A 136 54.61 39.68 -18.26
CA ILE A 136 55.11 40.97 -18.75
C ILE A 136 56.59 41.07 -18.39
N GLN A 137 57.42 41.39 -19.38
CA GLN A 137 58.84 41.55 -19.13
C GLN A 137 59.09 42.81 -18.31
N ARG A 138 60.03 42.72 -17.37
CA ARG A 138 60.33 43.82 -16.46
C ARG A 138 61.40 44.73 -17.06
N ASN A 139 61.30 46.01 -16.72
CA ASN A 139 62.32 47.00 -17.07
C ASN A 139 62.46 47.95 -15.88
N THR A 140 63.13 49.08 -16.11
CA THR A 140 63.40 50.02 -15.02
C THR A 140 62.14 50.79 -14.61
N THR A 141 61.09 50.75 -15.41
CA THR A 141 59.87 51.50 -15.10
C THR A 141 58.62 50.64 -15.07
N THR A 142 58.69 49.39 -15.54
CA THR A 142 57.52 48.53 -15.61
C THR A 142 57.69 47.35 -14.68
N PRO A 143 56.75 47.10 -13.78
CA PRO A 143 56.85 45.94 -12.89
C PRO A 143 56.81 44.63 -13.67
N GLY A 144 57.54 43.64 -13.15
CA GLY A 144 57.52 42.32 -13.75
C GLY A 144 56.32 41.52 -13.26
N GLN A 145 55.64 40.87 -14.21
CA GLN A 145 54.42 40.12 -13.92
C GLN A 145 54.53 38.72 -14.49
N MET A 146 54.08 37.75 -13.72
CA MET A 146 54.09 36.35 -14.13
C MET A 146 52.72 35.95 -14.67
N ALA A 147 52.70 34.82 -15.40
CA ALA A 147 51.49 34.32 -16.03
C ALA A 147 50.94 33.16 -15.21
N ASN A 148 49.64 33.20 -14.92
CA ASN A 148 48.97 32.18 -14.14
C ASN A 148 48.31 31.16 -15.07
N ILE A 149 47.49 30.28 -14.49
CA ILE A 149 46.89 29.19 -15.24
C ILE A 149 45.92 29.68 -16.31
N PHE A 150 45.44 30.93 -16.20
CA PHE A 150 44.48 31.44 -17.15
C PHE A 150 45.08 31.70 -18.52
N ALA A 151 46.41 31.65 -18.65
CA ALA A 151 47.07 31.93 -19.92
C ALA A 151 47.80 30.71 -20.48
N TYR A 152 47.48 29.50 -20.01
CA TYR A 152 48.19 28.32 -20.47
C TYR A 152 47.23 27.25 -20.99
N TYR A 153 46.05 27.13 -20.38
CA TYR A 153 45.10 26.08 -20.73
C TYR A 153 44.19 26.58 -21.84
N LYS A 154 44.28 25.94 -23.01
CA LYS A 154 43.47 26.35 -24.15
C LYS A 154 42.95 25.18 -24.99
N THR A 155 43.06 23.94 -24.51
CA THR A 155 42.73 22.78 -25.32
C THR A 155 41.46 22.08 -24.88
N ASN A 156 41.38 21.66 -23.62
CA ASN A 156 40.25 20.89 -23.14
C ASN A 156 39.18 21.73 -22.48
N GLY A 157 39.36 23.05 -22.41
CA GLY A 157 38.40 23.92 -21.75
C GLY A 157 37.29 24.36 -22.69
N SER A 158 36.47 25.29 -22.19
CA SER A 158 35.38 25.86 -22.95
C SER A 158 35.19 27.31 -22.56
N VAL A 159 34.63 28.08 -23.49
CA VAL A 159 34.37 29.50 -23.27
C VAL A 159 32.96 29.82 -23.77
N GLY A 160 32.45 30.96 -23.31
CA GLY A 160 31.13 31.40 -23.72
C GLY A 160 31.10 31.93 -25.14
N ALA A 161 29.92 32.34 -25.56
CA ALA A 161 29.75 32.91 -26.89
C ALA A 161 30.57 34.19 -27.03
N ASN A 162 31.07 34.42 -28.24
CA ASN A 162 31.96 35.56 -28.53
C ASN A 162 33.15 35.60 -27.57
N GLY A 163 33.71 34.43 -27.29
CA GLY A 163 34.88 34.31 -26.43
C GLY A 163 36.08 33.85 -27.25
N THR A 164 37.27 34.24 -26.78
CA THR A 164 38.52 33.90 -27.46
C THR A 164 39.43 33.13 -26.52
N LEU A 165 40.02 32.06 -27.02
CA LEU A 165 40.95 31.26 -26.24
C LEU A 165 42.32 31.93 -26.19
N PRO A 166 43.11 31.66 -25.16
CA PRO A 166 44.46 32.20 -25.09
C PRO A 166 45.36 31.58 -26.15
N THR A 167 46.43 32.31 -26.47
CA THR A 167 47.37 31.84 -27.49
C THR A 167 48.05 30.54 -27.06
N GLY A 168 48.46 30.46 -25.80
CA GLY A 168 49.10 29.27 -25.24
C GLY A 168 50.49 29.53 -24.69
N ASP A 169 51.20 30.51 -25.26
CA ASP A 169 52.54 30.82 -24.77
C ASP A 169 52.50 31.46 -23.39
N GLY A 170 51.49 32.26 -23.11
CA GLY A 170 51.38 32.93 -21.83
C GLY A 170 51.40 34.44 -21.95
N SER A 171 51.35 34.94 -23.18
CA SER A 171 51.39 36.38 -23.42
C SER A 171 50.01 37.03 -23.39
N ASP A 172 48.93 36.24 -23.33
CA ASP A 172 47.59 36.79 -23.27
C ASP A 172 46.66 35.76 -22.64
N THR A 173 45.50 36.23 -22.21
CA THR A 173 44.51 35.38 -21.57
C THR A 173 43.20 35.29 -22.35
N GLY A 174 43.11 35.94 -23.51
CA GLY A 174 41.89 35.91 -24.29
C GLY A 174 40.84 36.87 -23.75
N THR A 175 39.67 36.82 -24.37
CA THR A 175 38.54 37.65 -24.01
C THR A 175 37.41 36.79 -23.46
N ALA A 176 36.86 37.21 -22.33
CA ALA A 176 35.78 36.44 -21.70
C ALA A 176 34.48 36.59 -22.48
N GLY A 177 33.70 35.51 -22.50
CA GLY A 177 32.40 35.51 -23.15
C GLY A 177 31.26 35.73 -22.17
N ASP A 178 30.05 35.66 -22.69
CA ASP A 178 28.86 35.84 -21.87
C ASP A 178 28.66 34.63 -20.96
N LEU A 179 28.15 34.88 -19.76
CA LEU A 179 27.94 33.82 -18.79
C LEU A 179 26.87 32.84 -19.27
N ARG A 180 27.02 31.59 -18.86
CA ARG A 180 26.09 30.53 -19.20
C ARG A 180 25.93 29.58 -18.04
N LEU A 181 24.82 28.84 -18.03
CA LEU A 181 24.52 27.94 -16.93
C LEU A 181 25.45 26.73 -16.95
N LEU A 182 25.62 26.13 -15.78
CA LEU A 182 26.47 24.95 -15.62
C LEU A 182 25.64 23.69 -15.83
N THR A 183 26.16 22.79 -16.66
CA THR A 183 25.46 21.56 -17.02
C THR A 183 26.43 20.39 -16.95
N GLU A 184 25.87 19.18 -16.99
CA GLU A 184 26.68 17.97 -16.86
C GLU A 184 27.56 17.77 -18.09
N ASP A 185 27.05 18.08 -19.27
CA ASP A 185 27.80 17.83 -20.50
C ASP A 185 29.10 18.60 -20.55
N MET A 186 29.18 19.75 -19.88
CA MET A 186 30.45 20.47 -19.81
C MET A 186 31.52 19.61 -19.16
N LEU A 187 31.23 19.06 -17.98
CA LEU A 187 32.18 18.20 -17.29
C LEU A 187 32.45 16.93 -18.09
N LEU A 188 31.41 16.36 -18.69
CA LEU A 188 31.58 15.12 -19.46
C LEU A 188 32.52 15.34 -20.65
N ASN A 189 32.31 16.42 -21.40
CA ASN A 189 33.16 16.73 -22.54
C ASN A 189 34.58 17.04 -22.09
N ALA A 190 34.73 17.77 -20.98
CA ALA A 190 36.08 18.05 -20.48
C ALA A 190 36.80 16.76 -20.11
N SER A 191 36.10 15.84 -19.44
CA SER A 191 36.71 14.56 -19.08
C SER A 191 37.10 13.77 -20.31
N GLU A 192 36.23 13.74 -21.32
CA GLU A 192 36.54 13.03 -22.55
C GLU A 192 37.77 13.62 -23.24
N ALA A 193 37.84 14.95 -23.31
CA ALA A 193 38.98 15.60 -23.94
C ALA A 193 40.26 15.30 -23.18
N ILE A 194 40.22 15.31 -21.85
CA ILE A 194 41.40 14.98 -21.07
C ILE A 194 41.82 13.54 -21.33
N TRP A 195 40.85 12.63 -21.39
CA TRP A 195 41.18 11.22 -21.62
C TRP A 195 41.79 11.01 -23.00
N ARG A 196 41.31 11.74 -24.01
CA ARG A 196 41.83 11.57 -25.37
C ARG A 196 43.30 11.94 -25.45
N ASN A 197 43.70 13.03 -24.78
CA ASN A 197 45.07 13.51 -24.84
C ASN A 197 46.00 12.76 -23.89
N GLY A 198 45.49 11.81 -23.13
CA GLY A 198 46.32 11.04 -22.23
C GLY A 198 46.57 11.66 -20.88
N GLY A 199 45.96 12.81 -20.59
CA GLY A 199 46.16 13.42 -19.29
C GLY A 199 45.51 12.62 -18.17
N GLN A 200 46.05 12.79 -16.97
CA GLN A 200 45.58 12.08 -15.77
C GLN A 200 45.33 13.10 -14.68
N ALA A 201 44.14 13.70 -14.68
CA ALA A 201 43.75 14.68 -13.68
C ALA A 201 42.78 14.06 -12.70
N ASN A 202 42.87 14.48 -11.43
CA ASN A 202 41.99 13.92 -10.41
C ASN A 202 41.48 14.97 -9.42
N SER A 203 41.62 16.26 -9.71
CA SER A 203 41.17 17.29 -8.79
C SER A 203 40.31 18.32 -9.53
N ILE A 204 39.29 18.82 -8.85
CA ILE A 204 38.44 19.88 -9.37
C ILE A 204 38.35 20.98 -8.32
N GLN A 205 38.57 22.22 -8.73
CA GLN A 205 38.49 23.36 -7.83
C GLN A 205 37.71 24.48 -8.50
N THR A 206 36.89 25.18 -7.70
CA THR A 206 36.08 26.27 -8.22
C THR A 206 35.69 27.18 -7.07
N SER A 207 34.94 28.23 -7.39
CA SER A 207 34.49 29.20 -6.41
C SER A 207 33.38 28.63 -5.54
N SER A 208 33.08 29.34 -4.46
CA SER A 208 32.06 28.89 -3.52
C SER A 208 30.68 28.88 -4.17
N SER A 209 30.37 29.90 -4.99
CA SER A 209 29.06 29.97 -5.63
C SER A 209 28.85 28.81 -6.59
N ILE A 210 29.88 28.47 -7.37
CA ILE A 210 29.76 27.35 -8.30
C ILE A 210 29.61 26.04 -7.55
N LYS A 211 30.34 25.88 -6.44
CA LYS A 211 30.18 24.69 -5.61
C LYS A 211 28.77 24.59 -5.05
N LYS A 212 28.20 25.72 -4.63
CA LYS A 212 26.82 25.73 -4.15
C LYS A 212 25.85 25.33 -5.26
N ALA A 213 26.06 25.87 -6.47
CA ALA A 213 25.18 25.54 -7.58
C ALA A 213 25.27 24.06 -7.95
N ILE A 214 26.48 23.51 -7.94
CA ILE A 214 26.66 22.11 -8.30
C ILE A 214 25.95 21.20 -7.29
N SER A 215 26.12 21.49 -6.00
CA SER A 215 25.55 20.63 -4.97
C SER A 215 24.03 20.72 -4.90
N LYS A 216 23.41 21.68 -5.60
CA LYS A 216 21.97 21.87 -5.51
C LYS A 216 21.20 21.17 -6.62
N ASN A 217 21.59 21.38 -7.88
CA ASN A 217 20.82 20.87 -9.02
C ASN A 217 21.75 20.24 -10.05
N MET A 218 22.62 19.34 -9.60
CA MET A 218 23.51 18.63 -10.53
C MET A 218 22.75 17.52 -11.25
N LYS A 219 22.27 16.52 -10.49
CA LYS A 219 21.46 15.41 -10.99
C LYS A 219 22.00 14.84 -12.30
N GLY A 220 23.29 14.48 -12.28
CA GLY A 220 23.90 13.85 -13.43
C GLY A 220 23.30 12.51 -13.80
N ARG A 221 22.82 12.40 -15.04
CA ARG A 221 22.30 11.17 -15.62
C ARG A 221 20.95 10.77 -15.01
N ALA A 222 20.53 11.47 -13.96
CA ALA A 222 19.27 11.18 -13.29
C ALA A 222 18.22 12.20 -13.65
N THR A 223 16.99 11.72 -13.89
CA THR A 223 15.88 12.60 -14.22
C THR A 223 15.10 13.06 -12.99
N GLU A 224 15.41 12.53 -11.82
CA GLU A 224 14.69 12.89 -10.60
C GLU A 224 15.52 12.47 -9.39
N ILE A 225 15.35 13.19 -8.29
CA ILE A 225 16.03 12.90 -7.03
C ILE A 225 14.97 12.57 -6.00
N THR A 226 15.16 11.44 -5.30
CA THR A 226 14.17 10.93 -4.36
C THR A 226 14.67 11.10 -2.92
N LEU A 227 13.74 11.46 -2.04
CA LEU A 227 14.02 11.59 -0.62
C LEU A 227 12.89 10.93 0.17
N ASP A 228 13.26 10.21 1.23
CA ASP A 228 12.25 9.57 2.06
C ASP A 228 11.47 10.63 2.83
N ALA A 229 10.14 10.49 2.83
CA ALA A 229 9.29 11.47 3.51
C ALA A 229 9.48 11.43 5.02
N SER A 230 9.73 10.25 5.59
CA SER A 230 9.90 10.12 7.03
C SER A 230 11.31 10.49 7.50
N ASP A 231 12.24 10.74 6.58
CA ASP A 231 13.59 11.10 6.97
C ASP A 231 13.61 12.49 7.60
N ASN A 232 14.36 12.62 8.69
CA ASN A 232 14.52 13.89 9.39
C ASN A 232 15.86 14.55 9.14
N ARG A 233 16.64 14.04 8.20
CA ARG A 233 17.95 14.57 7.86
C ARG A 233 17.96 15.06 6.42
N ILE A 234 18.40 16.30 6.23
CA ILE A 234 18.53 16.89 4.90
C ILE A 234 20.01 17.11 4.62
N ALA A 235 20.48 16.63 3.48
CA ALA A 235 21.88 16.73 3.10
C ALA A 235 21.99 17.32 1.70
N GLN A 236 22.96 18.22 1.52
CA GLN A 236 23.26 18.83 0.23
C GLN A 236 24.78 18.79 0.07
N THR A 237 25.29 17.69 -0.47
CA THR A 237 26.74 17.50 -0.56
C THR A 237 27.05 16.69 -1.81
N VAL A 238 27.80 17.28 -2.73
CA VAL A 238 28.30 16.59 -3.92
C VAL A 238 29.81 16.77 -3.95
N ASP A 239 30.55 15.66 -3.86
CA ASP A 239 32.00 15.69 -3.77
C ASP A 239 32.70 15.02 -4.94
N VAL A 240 32.24 13.85 -5.37
CA VAL A 240 32.96 13.02 -6.32
C VAL A 240 32.15 12.95 -7.62
N TYR A 241 32.81 13.23 -8.73
CA TYR A 241 32.24 13.05 -10.06
C TYR A 241 33.01 11.96 -10.78
N GLU A 242 32.29 10.96 -11.28
CA GLU A 242 32.91 9.81 -11.91
C GLU A 242 32.29 9.55 -13.27
N SER A 243 33.13 9.10 -14.21
CA SER A 243 32.69 8.71 -15.53
C SER A 243 33.63 7.61 -16.03
N ASP A 244 33.31 7.09 -17.22
CA ASP A 244 34.16 6.05 -17.80
C ASP A 244 35.51 6.59 -18.25
N PHE A 245 35.70 7.90 -18.30
CA PHE A 245 36.95 8.49 -18.73
C PHE A 245 37.80 9.04 -17.59
N GLY A 246 37.22 9.25 -16.41
CA GLY A 246 37.99 9.80 -15.31
C GLY A 246 37.18 9.82 -14.04
N LYS A 247 37.83 10.31 -12.98
CA LYS A 247 37.21 10.40 -11.66
C LYS A 247 37.87 11.54 -10.89
N TYR A 248 37.06 12.46 -10.39
CA TYR A 248 37.57 13.65 -9.73
C TYR A 248 36.80 13.91 -8.44
N THR A 249 37.44 14.64 -7.53
CA THR A 249 36.83 15.10 -6.29
C THR A 249 36.70 16.61 -6.33
N ILE A 250 35.52 17.11 -5.97
CA ILE A 250 35.21 18.54 -6.06
C ILE A 250 35.49 19.20 -4.72
N ARG A 251 36.21 20.32 -4.76
CA ARG A 251 36.54 21.08 -3.56
C ARG A 251 36.34 22.55 -3.83
N ALA A 252 36.02 23.30 -2.79
CA ALA A 252 35.75 24.73 -2.90
C ALA A 252 36.95 25.52 -2.39
N ASN A 253 37.27 26.61 -3.09
CA ASN A 253 38.38 27.49 -2.75
C ASN A 253 37.83 28.86 -2.42
N ARG A 254 38.25 29.40 -1.27
CA ARG A 254 37.76 30.71 -0.84
C ARG A 254 38.21 31.81 -1.79
N TRP A 255 39.46 31.76 -2.24
CA TRP A 255 40.06 32.83 -3.02
C TRP A 255 40.00 32.57 -4.53
N PHE A 256 39.36 31.49 -4.95
CA PHE A 256 39.29 31.18 -6.38
C PHE A 256 38.49 32.23 -7.13
N HIS A 257 38.89 32.48 -8.37
CA HIS A 257 38.16 33.40 -9.22
C HIS A 257 36.76 32.86 -9.49
N GLU A 258 35.76 33.74 -9.40
CA GLU A 258 34.40 33.33 -9.65
C GLU A 258 34.19 33.10 -11.15
N ASN A 259 33.14 32.33 -11.47
CA ASN A 259 32.81 31.98 -12.85
C ASN A 259 33.94 31.22 -13.52
N THR A 260 34.54 30.28 -12.78
CA THR A 260 35.64 29.49 -13.31
C THR A 260 35.67 28.14 -12.59
N MET A 261 35.94 27.09 -13.36
CA MET A 261 36.14 25.74 -12.82
C MET A 261 37.43 25.18 -13.40
N PHE A 262 38.20 24.47 -12.58
CA PHE A 262 39.52 24.00 -12.97
C PHE A 262 39.64 22.52 -12.64
N ILE A 263 39.82 21.70 -13.66
CA ILE A 263 40.10 20.28 -13.51
C ILE A 263 41.59 20.08 -13.78
N PHE A 264 42.31 19.53 -12.82
CA PHE A 264 43.76 19.51 -12.91
C PHE A 264 44.31 18.33 -12.11
N ASP A 265 45.62 18.13 -12.27
CA ASP A 265 46.40 17.14 -11.54
C ASP A 265 47.48 17.86 -10.77
N PRO A 266 47.56 17.71 -9.44
CA PRO A 266 48.53 18.50 -8.66
C PRO A 266 49.97 18.27 -9.06
N LYS A 267 50.33 17.08 -9.54
CA LYS A 267 51.72 16.75 -9.81
C LYS A 267 52.29 17.50 -11.02
N MET A 268 51.47 18.17 -11.81
CA MET A 268 51.93 18.85 -13.01
C MET A 268 52.02 20.36 -12.83
N HIS A 269 52.09 20.85 -11.60
CA HIS A 269 52.19 22.27 -11.33
C HIS A 269 53.23 22.51 -10.25
N ALA A 270 54.11 23.48 -10.49
CA ALA A 270 55.19 23.79 -9.56
C ALA A 270 55.25 25.29 -9.31
N LEU A 271 55.62 25.64 -8.08
CA LEU A 271 55.92 27.01 -7.70
C LEU A 271 57.41 27.12 -7.44
N CYS A 272 58.10 27.92 -8.24
CA CYS A 272 59.55 28.02 -8.19
C CYS A 272 59.94 29.32 -7.49
N TYR A 273 60.71 29.21 -6.42
CA TYR A 273 61.15 30.37 -5.66
C TYR A 273 62.51 30.83 -6.16
N LEU A 274 62.56 32.04 -6.74
CA LEU A 274 63.86 32.61 -7.07
C LEU A 274 64.56 33.11 -5.82
N ARG A 275 63.81 33.74 -4.92
CA ARG A 275 64.30 34.13 -3.60
C ARG A 275 63.26 33.71 -2.58
N PRO A 276 63.59 32.81 -1.65
CA PRO A 276 62.63 32.40 -0.63
C PRO A 276 62.22 33.59 0.24
N PHE A 277 61.00 33.50 0.76
CA PHE A 277 60.43 34.60 1.54
C PHE A 277 61.35 34.97 2.69
N PHE A 278 61.59 36.27 2.87
CA PHE A 278 62.46 36.74 3.93
C PHE A 278 61.98 38.13 4.37
N GLN A 279 62.66 38.68 5.37
CA GLN A 279 62.31 39.98 5.91
C GLN A 279 63.58 40.65 6.41
N HIS A 280 63.53 41.97 6.51
CA HIS A 280 64.69 42.73 6.93
C HIS A 280 64.27 44.08 7.51
N GLU A 281 65.26 44.75 8.08
CA GLU A 281 65.13 46.02 8.79
C GLU A 281 65.38 47.17 7.83
N LEU A 282 64.58 48.22 7.94
CA LEU A 282 64.84 49.42 7.17
C LEU A 282 65.64 50.42 8.02
N ALA A 283 65.99 51.54 7.40
CA ALA A 283 66.76 52.57 8.09
C ALA A 283 65.90 53.27 9.14
N LYS A 284 66.54 53.61 10.26
CA LYS A 284 65.89 54.32 11.34
C LYS A 284 65.98 55.82 11.09
N THR A 285 64.83 56.49 11.03
CA THR A 285 64.79 57.92 10.78
C THR A 285 64.07 58.69 11.90
N GLY A 286 63.82 58.05 13.04
CA GLY A 286 63.13 58.72 14.13
C GLY A 286 62.77 57.73 15.21
N ASP A 287 61.79 58.13 16.04
CA ASP A 287 61.30 57.27 17.11
C ASP A 287 60.22 56.34 16.54
N SER A 288 60.66 55.49 15.63
CA SER A 288 59.77 54.52 14.99
C SER A 288 60.64 53.36 14.49
N GLU A 289 59.97 52.23 14.22
CA GLU A 289 60.62 51.04 13.72
C GLU A 289 59.89 50.56 12.48
N LYS A 290 60.65 50.17 11.46
CA LYS A 290 60.09 49.74 10.19
C LYS A 290 60.64 48.36 9.84
N ARG A 291 59.78 47.54 9.25
CA ARG A 291 60.17 46.21 8.75
C ARG A 291 59.65 46.04 7.34
N GLN A 292 60.36 45.22 6.57
CA GLN A 292 59.93 44.92 5.20
C GLN A 292 60.07 43.42 4.95
N LEU A 293 59.13 42.88 4.17
CA LEU A 293 59.11 41.46 3.83
C LEU A 293 59.07 41.32 2.31
N LEU A 294 59.86 40.37 1.79
CA LEU A 294 60.03 40.17 0.36
C LEU A 294 59.87 38.69 0.00
N VAL A 295 59.42 38.46 -1.23
CA VAL A 295 59.42 37.13 -1.82
C VAL A 295 59.46 37.29 -3.33
N GLU A 296 60.05 36.30 -4.01
CA GLU A 296 60.18 36.34 -5.47
C GLU A 296 59.94 34.94 -6.02
N TYR A 297 58.93 34.81 -6.89
CA TYR A 297 58.45 33.49 -7.27
C TYR A 297 57.99 33.48 -8.71
N THR A 298 57.73 32.28 -9.21
CA THR A 298 57.16 32.06 -10.53
C THR A 298 56.40 30.74 -10.52
N LEU A 299 55.59 30.52 -11.54
CA LEU A 299 54.75 29.33 -11.65
C LEU A 299 55.06 28.58 -12.92
N ARG A 300 55.18 27.25 -12.82
CA ARG A 300 55.46 26.39 -13.95
C ARG A 300 54.33 25.39 -14.12
N VAL A 301 53.79 25.33 -15.34
CA VAL A 301 52.76 24.36 -15.73
C VAL A 301 53.41 23.38 -16.69
N ASN A 302 53.47 22.11 -16.29
CA ASN A 302 54.20 21.12 -17.07
C ASN A 302 53.59 20.92 -18.44
N ASN A 303 52.28 20.68 -18.49
CA ASN A 303 51.62 20.41 -19.77
C ASN A 303 50.14 20.76 -19.62
N GLU A 304 49.67 21.70 -20.45
CA GLU A 304 48.27 22.13 -20.39
C GLU A 304 47.31 21.08 -20.93
N LYS A 305 47.81 20.03 -21.58
CA LYS A 305 46.95 18.99 -22.12
C LYS A 305 46.47 18.01 -21.07
N SER A 306 46.97 18.11 -19.84
CA SER A 306 46.57 17.20 -18.77
C SER A 306 45.46 17.76 -17.90
N GLY A 307 44.85 18.89 -18.28
CA GLY A 307 43.79 19.47 -17.48
C GLY A 307 42.88 20.31 -18.35
N ALA A 308 41.82 20.83 -17.71
CA ALA A 308 40.83 21.64 -18.40
C ALA A 308 40.45 22.82 -17.54
N LEU A 309 40.05 23.91 -18.19
CA LEU A 309 39.64 25.14 -17.52
C LEU A 309 38.35 25.62 -18.17
N ILE A 310 37.24 25.54 -17.43
CA ILE A 310 35.93 25.97 -17.92
C ILE A 310 35.68 27.38 -17.42
N ARG A 311 35.35 28.27 -18.35
CA ARG A 311 35.18 29.69 -18.05
C ARG A 311 33.76 30.13 -18.38
N ASP A 312 33.37 31.26 -17.77
CA ASP A 312 32.08 31.89 -18.03
C ASP A 312 30.92 30.96 -17.68
N VAL A 313 30.87 30.56 -16.42
CA VAL A 313 29.76 29.79 -15.87
C VAL A 313 29.22 30.54 -14.66
N VAL A 314 27.91 30.55 -14.50
CA VAL A 314 27.24 31.31 -13.45
C VAL A 314 26.28 30.40 -12.70
N ALA A 315 26.20 30.59 -11.38
CA ALA A 315 25.29 29.79 -10.57
C ALA A 315 23.84 30.11 -10.88
N GLN A 316 23.49 31.40 -10.89
CA GLN A 316 22.12 31.85 -11.15
C GLN A 316 22.14 32.78 -12.35
N VAL A 317 21.14 32.63 -13.22
CA VAL A 317 21.02 33.49 -14.40
C VAL A 317 20.80 34.93 -13.99
N MET B 1 62.72 55.42 -6.42
CA MET B 1 61.53 55.16 -7.22
C MET B 1 61.55 53.72 -7.73
N ALA B 2 62.51 53.40 -8.60
CA ALA B 2 62.78 52.01 -8.95
C ALA B 2 64.21 51.94 -9.46
N THR B 3 64.97 51.01 -8.88
CA THR B 3 66.41 50.87 -9.11
C THR B 3 67.05 52.24 -8.95
N PRO B 4 67.17 52.75 -7.73
CA PRO B 4 67.54 54.16 -7.52
C PRO B 4 68.80 54.59 -8.26
N THR B 5 68.63 55.51 -9.22
CA THR B 5 69.69 56.05 -10.06
C THR B 5 70.58 54.90 -10.53
N ASN B 6 71.76 54.73 -9.93
CA ASN B 6 72.71 53.69 -10.34
C ASN B 6 72.57 52.50 -9.41
N ALA B 7 71.76 51.53 -9.85
CA ALA B 7 71.61 50.27 -9.15
C ALA B 7 71.99 49.13 -10.07
N VAL B 8 72.89 48.28 -9.60
CA VAL B 8 73.31 47.10 -10.37
C VAL B 8 72.17 46.08 -10.29
N SER B 9 71.33 46.05 -11.32
CA SER B 9 70.16 45.18 -11.35
C SER B 9 70.36 44.06 -12.35
N THR B 10 69.39 43.15 -12.41
CA THR B 10 69.47 42.02 -13.32
C THR B 10 69.33 42.42 -14.79
N VAL B 11 68.86 43.63 -15.07
CA VAL B 11 68.76 44.06 -16.46
C VAL B 11 70.06 44.68 -16.96
N GLU B 12 71.04 44.88 -16.08
CA GLU B 12 72.31 45.47 -16.47
C GLU B 12 73.42 44.45 -16.63
N ILE B 13 73.51 43.48 -15.71
CA ILE B 13 74.61 42.53 -15.74
C ILE B 13 74.48 41.61 -16.95
N ASN B 14 75.59 40.96 -17.30
CA ASN B 14 75.64 40.02 -18.41
C ASN B 14 76.28 38.72 -17.96
N GLY B 15 76.09 37.68 -18.76
CA GLY B 15 76.62 36.37 -18.44
C GLY B 15 75.75 35.53 -17.53
N LYS B 16 74.46 35.83 -17.45
CA LYS B 16 73.56 35.06 -16.61
C LYS B 16 73.28 33.71 -17.26
N ARG B 17 73.61 32.64 -16.54
CA ARG B 17 73.40 31.29 -17.07
C ARG B 17 71.91 30.99 -17.13
N GLU B 18 71.49 30.36 -18.22
CA GLU B 18 70.09 30.04 -18.43
C GLU B 18 69.63 28.94 -17.49
N ASP B 19 68.33 28.91 -17.23
CA ASP B 19 67.70 27.88 -16.40
C ASP B 19 66.85 27.01 -17.29
N LEU B 20 67.11 25.70 -17.28
CA LEU B 20 66.39 24.77 -18.14
C LEU B 20 66.51 23.38 -17.53
N ILE B 21 65.39 22.83 -17.07
CA ILE B 21 65.42 21.55 -16.37
C ILE B 21 65.67 20.42 -17.37
N ASP B 22 66.27 19.34 -16.86
CA ASP B 22 66.59 18.17 -17.68
C ASP B 22 65.45 17.16 -17.67
N ILE B 23 64.24 17.65 -17.94
CA ILE B 23 63.04 16.83 -17.97
C ILE B 23 62.23 17.21 -19.21
N ILE B 24 61.70 16.20 -19.89
CA ILE B 24 60.74 16.38 -20.97
C ILE B 24 59.45 15.70 -20.56
N TYR B 25 58.34 16.43 -20.61
CA TYR B 25 57.05 15.93 -20.13
C TYR B 25 56.26 15.43 -21.33
N ASN B 26 56.11 14.10 -21.43
CA ASN B 26 55.35 13.46 -22.49
C ASN B 26 54.34 12.51 -21.86
N ILE B 27 53.07 12.64 -22.25
CA ILE B 27 52.00 11.84 -21.67
C ILE B 27 51.11 11.26 -22.77
N ALA B 28 51.61 11.26 -24.00
CA ALA B 28 50.82 10.72 -25.10
C ALA B 28 50.60 9.22 -24.93
N PRO B 29 49.39 8.72 -25.17
CA PRO B 29 49.16 7.27 -25.03
C PRO B 29 49.48 6.52 -26.30
N TYR B 30 49.91 5.26 -26.14
CA TYR B 30 50.27 4.43 -27.26
C TYR B 30 49.80 2.99 -27.08
N ASP B 31 48.68 2.79 -26.41
CA ASP B 31 48.16 1.45 -26.17
C ASP B 31 47.34 0.96 -27.36
N THR B 32 47.34 -0.36 -27.54
CA THR B 32 46.62 -1.01 -28.64
C THR B 32 45.71 -2.09 -28.06
N PRO B 33 44.47 -1.75 -27.70
CA PRO B 33 43.60 -2.73 -27.05
C PRO B 33 43.19 -3.89 -27.95
N PHE B 34 42.75 -3.59 -29.18
CA PHE B 34 42.30 -4.63 -30.08
C PHE B 34 43.42 -5.61 -30.43
N MET B 35 44.61 -5.08 -30.70
CA MET B 35 45.74 -5.94 -31.03
C MET B 35 46.12 -6.83 -29.85
N THR B 36 45.99 -6.31 -28.64
CA THR B 36 46.28 -7.12 -27.45
C THR B 36 45.20 -8.17 -27.20
N ALA B 37 43.96 -7.88 -27.61
CA ALA B 37 42.87 -8.80 -27.34
C ALA B 37 43.00 -10.08 -28.16
N ILE B 38 43.28 -9.95 -29.45
CA ILE B 38 43.31 -11.11 -30.34
C ILE B 38 44.64 -11.85 -30.21
N GLY B 39 44.69 -13.08 -30.73
CA GLY B 39 45.88 -13.90 -30.61
C GLY B 39 46.82 -13.78 -31.80
N LYS B 40 47.98 -14.43 -31.68
CA LYS B 40 49.04 -14.36 -32.67
C LYS B 40 49.20 -15.70 -33.37
N GLY B 41 49.82 -15.64 -34.55
CA GLY B 41 50.04 -16.84 -35.34
C GLY B 41 51.12 -16.60 -36.38
N VAL B 42 51.42 -17.65 -37.13
CA VAL B 42 52.50 -17.65 -38.12
C VAL B 42 51.91 -17.91 -39.50
N ALA B 43 52.29 -17.10 -40.47
CA ALA B 43 51.95 -17.29 -41.87
C ALA B 43 53.22 -17.55 -42.66
N THR B 44 53.15 -18.48 -43.62
CA THR B 44 54.32 -18.85 -44.41
C THR B 44 54.13 -18.60 -45.91
N ALA B 45 53.21 -17.71 -46.29
CA ALA B 45 52.97 -17.42 -47.69
C ALA B 45 52.32 -16.06 -47.82
N ILE B 46 52.30 -15.54 -49.04
CA ILE B 46 51.60 -14.28 -49.30
C ILE B 46 50.11 -14.43 -49.03
N THR B 47 49.53 -15.56 -49.43
CA THR B 47 48.11 -15.82 -49.26
C THR B 47 47.90 -16.81 -48.11
N HIS B 48 47.07 -16.41 -47.14
CA HIS B 48 46.74 -17.23 -46.00
C HIS B 48 45.28 -17.64 -46.08
N GLU B 49 45.01 -18.94 -46.03
CA GLU B 49 43.68 -19.46 -46.31
C GLU B 49 43.18 -20.34 -45.19
N TRP B 50 41.86 -20.38 -45.05
CA TRP B 50 41.19 -21.23 -44.07
C TRP B 50 39.80 -21.60 -44.59
N GLN B 51 39.07 -22.38 -43.79
CA GLN B 51 37.82 -22.98 -44.22
C GLN B 51 36.71 -22.70 -43.21
N THR B 52 35.48 -22.69 -43.70
CA THR B 52 34.29 -22.57 -42.88
C THR B 52 33.25 -23.58 -43.34
N ASP B 53 32.29 -23.88 -42.46
CA ASP B 53 31.25 -24.84 -42.79
C ASP B 53 29.99 -24.53 -41.98
N GLU B 54 28.87 -25.07 -42.43
CA GLU B 54 27.58 -24.86 -41.80
C GLU B 54 26.65 -26.01 -42.16
N LEU B 55 25.48 -26.03 -41.53
CA LEU B 55 24.50 -27.08 -41.74
C LEU B 55 23.44 -26.61 -42.74
N ARG B 56 22.40 -27.42 -42.93
CA ARG B 56 21.34 -27.13 -43.88
C ARG B 56 20.02 -26.93 -43.15
N GLN B 57 19.11 -26.22 -43.81
CA GLN B 57 17.80 -25.95 -43.24
C GLN B 57 16.93 -27.20 -43.26
N PRO B 58 16.12 -27.40 -42.22
CA PRO B 58 15.23 -28.56 -42.19
C PRO B 58 14.11 -28.46 -43.21
N GLY B 59 13.58 -29.61 -43.56
CA GLY B 59 12.51 -29.70 -44.55
C GLY B 59 11.42 -30.65 -44.10
N LYS B 60 10.63 -31.12 -45.06
CA LYS B 60 9.50 -31.98 -44.75
C LYS B 60 9.97 -33.37 -44.32
N ASN B 61 10.71 -34.05 -45.19
CA ASN B 61 11.36 -35.33 -44.88
C ASN B 61 10.32 -36.37 -44.42
N THR B 62 9.43 -36.70 -45.35
CA THR B 62 8.34 -37.62 -45.02
C THR B 62 8.64 -39.04 -45.48
N ARG B 63 9.19 -39.21 -46.69
CA ARG B 63 9.67 -40.49 -47.19
C ARG B 63 8.58 -41.55 -47.28
N VAL B 64 8.81 -42.58 -48.09
CA VAL B 64 7.77 -43.56 -48.34
C VAL B 64 8.27 -44.93 -47.93
N GLU B 65 7.38 -45.71 -47.31
CA GLU B 65 7.75 -47.01 -46.76
C GLU B 65 8.20 -47.97 -47.86
N GLY B 66 9.33 -48.62 -47.62
CA GLY B 66 9.82 -49.66 -48.52
C GLY B 66 10.38 -49.14 -49.81
N GLU B 67 10.63 -47.84 -49.91
CA GLU B 67 11.11 -47.24 -51.13
C GLU B 67 12.57 -47.61 -51.34
N ASP B 68 12.97 -47.67 -52.61
CA ASP B 68 14.39 -47.78 -52.92
C ASP B 68 15.09 -46.50 -52.51
N ALA B 69 16.25 -46.63 -51.88
CA ALA B 69 16.94 -45.47 -51.32
C ALA B 69 17.34 -44.50 -52.41
N THR B 70 17.07 -43.21 -52.19
CA THR B 70 17.45 -42.15 -53.10
C THR B 70 18.56 -41.32 -52.47
N ILE B 71 19.59 -41.04 -53.24
CA ILE B 71 20.78 -40.36 -52.73
C ILE B 71 20.50 -38.87 -52.61
N LYS B 72 20.79 -38.31 -51.43
CA LYS B 72 20.64 -36.88 -51.18
C LYS B 72 22.01 -36.23 -51.12
N ALA B 73 22.16 -35.09 -51.78
CA ALA B 73 23.44 -34.40 -51.83
C ALA B 73 23.83 -33.89 -50.46
N GLY B 74 25.14 -33.88 -50.21
CA GLY B 74 25.69 -33.42 -48.96
C GLY B 74 25.95 -31.92 -48.96
N SER B 75 26.75 -31.48 -48.00
CA SER B 75 27.12 -30.08 -47.87
C SER B 75 28.64 -29.95 -47.91
N PHE B 76 29.10 -28.86 -48.50
CA PHE B 76 30.53 -28.64 -48.73
C PHE B 76 30.97 -27.38 -48.00
N THR B 77 32.27 -27.32 -47.72
CA THR B 77 32.86 -26.21 -47.00
C THR B 77 33.10 -25.02 -47.93
N THR B 78 33.50 -23.90 -47.33
CA THR B 78 33.79 -22.66 -48.04
C THR B 78 35.21 -22.22 -47.75
N MET B 79 35.88 -21.70 -48.77
CA MET B 79 37.27 -21.25 -48.66
C MET B 79 37.31 -19.75 -48.46
N LEU B 80 38.20 -19.29 -47.58
CA LEU B 80 38.47 -17.87 -47.41
C LEU B 80 39.97 -17.65 -47.36
N ASN B 81 40.41 -16.46 -47.77
CA ASN B 81 41.83 -16.16 -47.83
C ASN B 81 42.05 -14.67 -47.63
N ASN B 82 43.28 -14.33 -47.24
CA ASN B 82 43.69 -12.96 -47.03
C ASN B 82 45.13 -12.80 -47.48
N PHE B 83 45.49 -11.58 -47.85
CA PHE B 83 46.83 -11.27 -48.33
C PHE B 83 47.68 -10.72 -47.19
N CYS B 84 48.92 -10.37 -47.51
CA CYS B 84 49.88 -9.88 -46.53
C CYS B 84 50.19 -8.41 -46.78
N GLN B 85 50.60 -7.72 -45.72
CA GLN B 85 50.92 -6.30 -45.78
C GLN B 85 52.27 -6.07 -45.11
N ILE B 86 52.98 -5.05 -45.62
CA ILE B 86 54.30 -4.68 -45.14
C ILE B 86 54.24 -3.27 -44.58
N SER B 87 54.76 -3.08 -43.37
CA SER B 87 54.84 -1.76 -42.76
C SER B 87 56.29 -1.47 -42.39
N ASP B 88 56.66 -0.19 -42.42
CA ASP B 88 58.04 0.19 -42.20
C ASP B 88 58.12 1.61 -41.67
N GLU B 89 59.29 1.94 -41.13
CA GLU B 89 59.59 3.28 -40.65
C GLU B 89 61.08 3.55 -40.83
N THR B 90 61.41 4.76 -41.30
CA THR B 90 62.79 5.12 -41.60
C THR B 90 63.17 6.37 -40.81
N LEU B 91 64.46 6.49 -40.52
CA LEU B 91 64.98 7.62 -39.77
C LEU B 91 66.38 7.96 -40.23
N GLN B 92 66.69 9.26 -40.29
CA GLN B 92 68.03 9.72 -40.63
C GLN B 92 68.41 10.89 -39.72
N VAL B 93 69.58 10.80 -39.10
CA VAL B 93 70.05 11.81 -38.16
C VAL B 93 71.48 12.19 -38.51
N THR B 94 71.74 13.50 -38.60
CA THR B 94 73.08 13.98 -38.91
C THR B 94 74.03 13.72 -37.74
N GLY B 95 75.33 13.65 -38.08
CA GLY B 95 76.33 13.34 -37.07
C GLY B 95 76.48 14.43 -36.03
N THR B 96 76.43 15.69 -36.46
CA THR B 96 76.66 16.79 -35.54
C THR B 96 75.55 16.90 -34.49
N ALA B 97 74.32 16.56 -34.86
CA ALA B 97 73.22 16.64 -33.90
C ALA B 97 73.36 15.64 -32.75
N ASP B 98 74.16 14.60 -32.94
CA ASP B 98 74.35 13.60 -31.89
C ASP B 98 75.43 14.00 -30.88
N LYS B 99 76.19 15.05 -31.16
CA LYS B 99 77.30 15.45 -30.31
C LYS B 99 77.00 16.64 -29.42
N VAL B 100 76.13 17.55 -29.88
CA VAL B 100 75.85 18.75 -29.11
C VAL B 100 75.12 18.39 -27.82
N LYS B 101 75.29 19.23 -26.81
CA LYS B 101 74.65 19.00 -25.53
C LYS B 101 73.21 19.53 -25.57
N LYS B 102 72.26 18.69 -25.18
CA LYS B 102 70.85 19.05 -25.20
C LYS B 102 70.20 18.58 -23.90
N ALA B 103 69.08 19.20 -23.57
CA ALA B 103 68.39 18.95 -22.31
C ALA B 103 67.44 17.77 -22.46
N GLY B 104 67.58 16.79 -21.57
CA GLY B 104 66.68 15.67 -21.48
C GLY B 104 67.05 14.46 -22.34
N ARG B 105 68.03 14.59 -23.23
CA ARG B 105 68.45 13.50 -24.08
C ARG B 105 69.97 13.39 -24.08
N LYS B 106 70.47 12.16 -24.05
CA LYS B 106 71.90 11.92 -24.25
C LYS B 106 72.21 11.64 -25.71
N ASN B 107 71.40 10.80 -26.36
CA ASN B 107 71.57 10.47 -27.77
C ASN B 107 70.23 10.67 -28.46
N GLU B 108 70.23 11.47 -29.54
CA GLU B 108 68.99 11.75 -30.25
C GLU B 108 68.48 10.52 -30.99
N LEU B 109 69.39 9.66 -31.46
CA LEU B 109 69.00 8.54 -32.31
C LEU B 109 68.09 7.57 -31.56
N ALA B 110 68.44 7.24 -30.32
CA ALA B 110 67.61 6.31 -29.55
C ALA B 110 66.23 6.90 -29.25
N TYR B 111 66.18 8.19 -28.92
CA TYR B 111 64.93 8.88 -28.67
C TYR B 111 64.00 8.78 -29.89
N GLN B 112 64.53 9.18 -31.05
CA GLN B 112 63.72 9.13 -32.27
C GLN B 112 63.34 7.70 -32.64
N LEU B 113 64.25 6.74 -32.42
CA LEU B 113 63.95 5.35 -32.75
C LEU B 113 62.82 4.81 -31.88
N ALA B 114 62.83 5.12 -30.57
CA ALA B 114 61.75 4.69 -29.71
C ALA B 114 60.42 5.29 -30.14
N LYS B 115 60.43 6.59 -30.45
CA LYS B 115 59.19 7.22 -30.90
C LYS B 115 58.69 6.59 -32.19
N LYS B 116 59.60 6.30 -33.12
CA LYS B 116 59.20 5.69 -34.39
C LYS B 116 58.65 4.28 -34.18
N SER B 117 59.23 3.51 -33.25
CA SER B 117 58.69 2.18 -32.98
C SER B 117 57.28 2.26 -32.41
N LYS B 118 57.05 3.19 -31.47
CA LYS B 118 55.70 3.37 -30.94
C LYS B 118 54.73 3.77 -32.04
N GLU B 119 55.15 4.69 -32.91
CA GLU B 119 54.28 5.11 -34.01
C GLU B 119 54.01 3.97 -34.97
N LEU B 120 54.99 3.09 -35.18
CA LEU B 120 54.78 1.93 -36.05
C LEU B 120 53.75 0.98 -35.46
N LYS B 121 53.82 0.74 -34.15
CA LYS B 121 52.80 -0.09 -33.53
C LYS B 121 51.42 0.54 -33.64
N LEU B 122 51.34 1.86 -33.45
CA LEU B 122 50.07 2.55 -33.62
C LEU B 122 49.56 2.44 -35.06
N ASP B 123 50.47 2.52 -36.03
CA ASP B 123 50.11 2.36 -37.43
C ASP B 123 49.57 0.96 -37.70
N MET B 124 50.17 -0.05 -37.09
CA MET B 124 49.65 -1.41 -37.23
C MET B 124 48.24 -1.52 -36.68
N GLU B 125 48.00 -0.94 -35.50
CA GLU B 125 46.65 -0.97 -34.94
C GLU B 125 45.65 -0.25 -35.84
N TYR B 126 46.03 0.92 -36.36
CA TYR B 126 45.14 1.65 -37.26
C TYR B 126 44.84 0.86 -38.52
N ALA B 127 45.87 0.24 -39.11
CA ALA B 127 45.63 -0.61 -40.26
C ALA B 127 44.68 -1.75 -39.92
N MET B 128 44.74 -2.23 -38.68
CA MET B 128 43.81 -3.28 -38.26
C MET B 128 42.37 -2.78 -38.21
N VAL B 129 42.13 -1.66 -37.51
CA VAL B 129 40.76 -1.22 -37.24
C VAL B 129 40.52 0.25 -37.50
N GLY B 130 41.52 0.99 -38.00
CA GLY B 130 41.35 2.43 -38.13
C GLY B 130 40.33 2.85 -39.17
N ALA B 131 40.31 2.17 -40.31
CA ALA B 131 39.49 2.58 -41.44
C ALA B 131 39.19 1.37 -42.30
N PRO B 132 38.13 1.41 -43.10
CA PRO B 132 37.83 0.29 -44.01
C PRO B 132 38.97 0.06 -44.99
N GLN B 133 39.21 -1.22 -45.31
CA GLN B 133 40.29 -1.59 -46.19
C GLN B 133 39.96 -2.90 -46.89
N ALA B 134 40.24 -2.97 -48.19
CA ALA B 134 39.97 -4.15 -48.98
C ALA B 134 41.28 -4.76 -49.46
N LYS B 135 41.27 -6.09 -49.63
CA LYS B 135 42.47 -6.79 -50.07
C LYS B 135 42.83 -6.40 -51.49
N ILE B 136 44.13 -6.22 -51.73
CA ILE B 136 44.67 -5.93 -53.06
C ILE B 136 45.87 -6.82 -53.28
N GLN B 137 45.90 -7.54 -54.39
CA GLN B 137 47.01 -8.42 -54.69
C GLN B 137 48.26 -7.61 -55.00
N ARG B 138 49.38 -7.99 -54.40
CA ARG B 138 50.61 -7.25 -54.60
C ARG B 138 51.16 -7.46 -56.01
N ASN B 139 51.92 -6.48 -56.48
CA ASN B 139 52.47 -6.49 -57.82
C ASN B 139 53.72 -5.63 -57.80
N THR B 140 54.55 -5.78 -58.85
CA THR B 140 55.83 -5.09 -58.90
C THR B 140 55.68 -3.58 -58.98
N THR B 141 54.49 -3.05 -59.26
CA THR B 141 54.26 -1.61 -59.25
C THR B 141 53.23 -1.16 -58.22
N THR B 142 52.42 -2.07 -57.67
CA THR B 142 51.36 -1.69 -56.76
C THR B 142 51.54 -2.39 -55.41
N PRO B 143 51.27 -1.67 -54.32
CA PRO B 143 51.43 -2.28 -52.99
C PRO B 143 50.40 -3.35 -52.70
N GLY B 144 50.79 -4.31 -51.86
CA GLY B 144 49.84 -5.27 -51.32
C GLY B 144 49.11 -4.70 -50.11
N GLN B 145 47.84 -5.03 -50.00
CA GLN B 145 46.97 -4.42 -48.99
C GLN B 145 46.25 -5.48 -48.16
N MET B 146 45.94 -5.10 -46.92
CA MET B 146 45.21 -5.90 -45.96
C MET B 146 43.70 -5.84 -46.22
N ALA B 147 43.01 -6.91 -45.83
CA ALA B 147 41.56 -6.92 -45.73
C ALA B 147 41.18 -6.96 -44.26
N ASN B 148 40.60 -5.87 -43.75
CA ASN B 148 40.29 -5.76 -42.34
C ASN B 148 38.84 -6.17 -42.08
N ILE B 149 38.38 -5.95 -40.85
CA ILE B 149 37.07 -6.41 -40.43
C ILE B 149 35.94 -5.75 -41.23
N PHE B 150 36.19 -4.58 -41.80
CA PHE B 150 35.15 -3.90 -42.57
C PHE B 150 34.83 -4.61 -43.87
N ALA B 151 35.64 -5.58 -44.29
CA ALA B 151 35.43 -6.29 -45.54
C ALA B 151 34.95 -7.72 -45.35
N TYR B 152 34.69 -8.16 -44.12
CA TYR B 152 34.24 -9.51 -43.86
C TYR B 152 32.86 -9.59 -43.23
N TYR B 153 32.54 -8.73 -42.28
CA TYR B 153 31.30 -8.85 -41.53
C TYR B 153 30.15 -8.26 -42.34
N LYS B 154 29.20 -9.11 -42.72
CA LYS B 154 28.07 -8.66 -43.52
C LYS B 154 26.73 -9.25 -43.12
N THR B 155 26.67 -10.18 -42.15
CA THR B 155 25.44 -10.91 -41.88
C THR B 155 24.64 -10.32 -40.73
N ASN B 156 25.24 -10.22 -39.53
CA ASN B 156 24.51 -9.79 -38.35
C ASN B 156 24.56 -8.29 -38.11
N GLY B 157 25.29 -7.54 -38.94
CA GLY B 157 25.42 -6.11 -38.76
C GLY B 157 24.26 -5.34 -39.37
N SER B 158 24.37 -4.02 -39.30
CA SER B 158 23.38 -3.12 -39.88
C SER B 158 24.09 -1.99 -40.60
N VAL B 159 23.41 -1.44 -41.61
CA VAL B 159 23.95 -0.36 -42.41
C VAL B 159 22.88 0.72 -42.56
N GLY B 160 23.32 1.94 -42.83
CA GLY B 160 22.42 3.05 -42.99
C GLY B 160 21.64 3.00 -44.29
N ALA B 161 20.76 3.98 -44.45
CA ALA B 161 19.94 4.04 -45.65
C ALA B 161 20.81 4.27 -46.88
N ASN B 162 20.40 3.66 -48.00
CA ASN B 162 21.13 3.75 -49.26
C ASN B 162 22.55 3.21 -49.13
N GLY B 163 22.71 2.19 -48.30
CA GLY B 163 24.01 1.57 -48.07
C GLY B 163 24.02 0.15 -48.60
N THR B 164 25.20 -0.31 -49.00
CA THR B 164 25.39 -1.64 -49.56
C THR B 164 26.37 -2.43 -48.69
N LEU B 165 26.01 -3.67 -48.41
CA LEU B 165 26.85 -4.55 -47.60
C LEU B 165 28.02 -5.08 -48.44
N PRO B 166 29.12 -5.45 -47.78
CA PRO B 166 30.24 -6.03 -48.52
C PRO B 166 29.91 -7.40 -49.08
N THR B 167 30.68 -7.80 -50.09
CA THR B 167 30.47 -9.10 -50.73
C THR B 167 30.70 -10.23 -49.74
N GLY B 168 31.74 -10.13 -48.92
CA GLY B 168 32.05 -11.12 -47.90
C GLY B 168 33.37 -11.83 -48.09
N ASP B 169 33.91 -11.83 -49.32
CA ASP B 169 35.20 -12.46 -49.56
C ASP B 169 36.38 -11.55 -49.19
N GLY B 170 36.13 -10.26 -48.97
CA GLY B 170 37.17 -9.31 -48.64
C GLY B 170 37.59 -8.42 -49.79
N SER B 171 37.02 -8.60 -50.98
CA SER B 171 37.42 -7.82 -52.14
C SER B 171 36.87 -6.39 -52.11
N ASP B 172 35.86 -6.12 -51.29
CA ASP B 172 35.27 -4.79 -51.21
C ASP B 172 34.62 -4.61 -49.84
N THR B 173 34.36 -3.35 -49.50
CA THR B 173 33.79 -3.00 -48.20
C THR B 173 32.41 -2.36 -48.33
N GLY B 174 31.85 -2.29 -49.53
CA GLY B 174 30.56 -1.69 -49.72
C GLY B 174 30.60 -0.17 -49.70
N THR B 175 29.42 0.43 -49.63
CA THR B 175 29.26 1.88 -49.62
C THR B 175 28.59 2.32 -48.33
N ALA B 176 29.02 3.45 -47.80
CA ALA B 176 28.46 3.96 -46.56
C ALA B 176 27.08 4.56 -46.79
N GLY B 177 26.26 4.57 -45.73
CA GLY B 177 24.93 5.13 -45.77
C GLY B 177 24.82 6.38 -44.91
N ASP B 178 23.60 6.91 -44.88
CA ASP B 178 23.34 8.10 -44.08
C ASP B 178 23.43 7.80 -42.60
N LEU B 179 24.00 8.73 -41.84
CA LEU B 179 24.14 8.54 -40.40
C LEU B 179 22.78 8.54 -39.72
N ARG B 180 22.67 7.79 -38.64
CA ARG B 180 21.45 7.70 -37.87
C ARG B 180 21.78 7.71 -36.39
N LEU B 181 20.81 8.13 -35.58
CA LEU B 181 21.00 8.18 -34.14
C LEU B 181 21.16 6.78 -33.57
N LEU B 182 22.00 6.64 -32.55
CA LEU B 182 22.26 5.35 -31.94
C LEU B 182 21.14 5.01 -30.96
N THR B 183 20.53 3.85 -31.15
CA THR B 183 19.45 3.37 -30.30
C THR B 183 19.79 1.97 -29.80
N GLU B 184 19.10 1.55 -28.73
CA GLU B 184 19.32 0.21 -28.20
C GLU B 184 18.75 -0.86 -29.12
N ASP B 185 17.83 -0.49 -30.00
CA ASP B 185 17.25 -1.48 -30.92
C ASP B 185 18.31 -2.08 -31.82
N MET B 186 19.29 -1.29 -32.24
CA MET B 186 20.38 -1.82 -33.06
C MET B 186 21.15 -2.89 -32.30
N LEU B 187 21.49 -2.62 -31.04
CA LEU B 187 22.21 -3.60 -30.23
C LEU B 187 21.38 -4.86 -30.02
N LEU B 188 20.08 -4.69 -29.73
CA LEU B 188 19.23 -5.84 -29.51
C LEU B 188 19.11 -6.70 -30.76
N ASN B 189 18.92 -6.07 -31.92
CA ASN B 189 18.83 -6.81 -33.18
C ASN B 189 20.13 -7.53 -33.48
N ALA B 190 21.27 -6.87 -33.25
CA ALA B 190 22.56 -7.51 -33.49
C ALA B 190 22.75 -8.71 -32.58
N SER B 191 22.39 -8.57 -31.29
CA SER B 191 22.52 -9.68 -30.37
C SER B 191 21.64 -10.85 -30.78
N GLU B 192 20.39 -10.55 -31.19
CA GLU B 192 19.50 -11.62 -31.64
C GLU B 192 20.04 -12.32 -32.88
N ALA B 193 20.57 -11.54 -33.83
CA ALA B 193 21.12 -12.13 -35.04
C ALA B 193 22.31 -13.02 -34.73
N ILE B 194 23.17 -12.58 -33.82
CA ILE B 194 24.30 -13.41 -33.40
C ILE B 194 23.81 -14.70 -32.76
N TRP B 195 22.77 -14.59 -31.91
CA TRP B 195 22.24 -15.78 -31.24
C TRP B 195 21.64 -16.76 -32.25
N ARG B 196 20.98 -16.26 -33.29
CA ARG B 196 20.39 -17.15 -34.29
C ARG B 196 21.45 -17.98 -34.99
N ASN B 197 22.59 -17.38 -35.29
CA ASN B 197 23.66 -18.05 -36.02
C ASN B 197 24.60 -18.82 -35.10
N GLY B 198 24.35 -18.83 -33.80
CA GLY B 198 25.15 -19.62 -32.89
C GLY B 198 26.43 -18.97 -32.42
N GLY B 199 26.60 -17.67 -32.65
CA GLY B 199 27.82 -17.00 -32.23
C GLY B 199 27.92 -16.87 -30.73
N GLN B 200 29.14 -16.60 -30.26
CA GLN B 200 29.45 -16.47 -28.84
C GLN B 200 30.21 -15.19 -28.57
N ALA B 201 29.82 -14.11 -29.24
CA ALA B 201 30.48 -12.82 -29.03
C ALA B 201 30.22 -12.31 -27.62
N ASN B 202 31.25 -11.71 -27.02
CA ASN B 202 31.12 -11.19 -25.66
C ASN B 202 31.80 -9.84 -25.45
N SER B 203 32.35 -9.22 -26.50
CA SER B 203 33.03 -7.95 -26.35
C SER B 203 32.45 -6.94 -27.32
N ILE B 204 32.41 -5.68 -26.88
CA ILE B 204 31.94 -4.57 -27.71
C ILE B 204 33.00 -3.48 -27.68
N GLN B 205 33.35 -2.96 -28.86
CA GLN B 205 34.30 -1.87 -28.99
C GLN B 205 33.75 -0.82 -29.93
N THR B 206 34.02 0.44 -29.61
CA THR B 206 33.51 1.56 -30.40
C THR B 206 34.36 2.79 -30.10
N SER B 207 34.04 3.88 -30.78
CA SER B 207 34.76 5.13 -30.61
C SER B 207 34.42 5.77 -29.27
N SER B 208 35.19 6.80 -28.91
CA SER B 208 34.97 7.47 -27.64
C SER B 208 33.65 8.23 -27.61
N SER B 209 33.25 8.82 -28.74
CA SER B 209 32.00 9.58 -28.78
C SER B 209 30.80 8.69 -28.52
N ILE B 210 30.76 7.50 -29.14
CA ILE B 210 29.64 6.59 -28.93
C ILE B 210 29.64 6.08 -27.50
N LYS B 211 30.82 5.80 -26.94
CA LYS B 211 30.89 5.38 -25.55
C LYS B 211 30.36 6.46 -24.61
N LYS B 212 30.70 7.72 -24.89
CA LYS B 212 30.18 8.82 -24.10
C LYS B 212 28.66 8.93 -24.23
N ALA B 213 28.14 8.77 -25.44
CA ALA B 213 26.70 8.88 -25.66
C ALA B 213 25.95 7.77 -24.93
N ILE B 214 26.49 6.55 -24.96
CA ILE B 214 25.84 5.44 -24.28
C ILE B 214 25.78 5.69 -22.77
N SER B 215 26.90 6.16 -22.20
CA SER B 215 26.95 6.39 -20.76
C SER B 215 26.00 7.51 -20.33
N LYS B 216 25.86 8.55 -21.16
CA LYS B 216 25.07 9.71 -20.77
C LYS B 216 23.59 9.39 -20.70
N ASN B 217 23.05 8.74 -21.73
CA ASN B 217 21.61 8.49 -21.78
C ASN B 217 21.36 7.19 -22.53
N MET B 218 21.18 6.10 -21.78
CA MET B 218 20.86 4.82 -22.39
C MET B 218 19.48 4.35 -21.92
N LYS B 219 19.27 4.32 -20.60
CA LYS B 219 18.00 3.96 -19.97
C LYS B 219 17.35 2.73 -20.62
N GLY B 220 18.06 1.61 -20.59
CA GLY B 220 17.54 0.38 -21.15
C GLY B 220 16.36 -0.17 -20.38
N ARG B 221 15.19 -0.20 -21.04
CA ARG B 221 13.97 -0.74 -20.45
C ARG B 221 13.63 0.00 -19.15
N ALA B 222 13.79 1.32 -19.16
CA ALA B 222 13.52 2.13 -17.97
C ALA B 222 13.10 3.51 -18.42
N THR B 223 12.50 4.26 -17.49
CA THR B 223 12.00 5.60 -17.81
C THR B 223 12.29 6.63 -16.74
N GLU B 224 12.78 6.24 -15.56
CA GLU B 224 12.89 7.17 -14.44
C GLU B 224 14.34 7.56 -14.13
N ILE B 225 15.21 6.58 -13.89
CA ILE B 225 16.58 6.81 -13.43
C ILE B 225 16.55 7.65 -12.16
N THR B 226 16.56 6.98 -11.00
CA THR B 226 16.46 7.64 -9.71
C THR B 226 17.80 7.61 -9.00
N LEU B 227 18.04 8.66 -8.20
CA LEU B 227 19.25 8.77 -7.40
C LEU B 227 18.88 9.20 -5.99
N ASP B 228 19.49 8.54 -5.01
CA ASP B 228 19.25 8.89 -3.61
C ASP B 228 19.83 10.26 -3.30
N ALA B 229 19.08 11.05 -2.52
CA ALA B 229 19.53 12.41 -2.21
C ALA B 229 20.69 12.41 -1.23
N SER B 230 20.83 11.36 -0.42
CA SER B 230 21.91 11.29 0.56
C SER B 230 23.23 10.85 -0.05
N ASP B 231 23.24 10.36 -1.28
CA ASP B 231 24.47 9.91 -1.91
C ASP B 231 25.31 11.10 -2.33
N ASN B 232 26.58 11.08 -1.97
CA ASN B 232 27.51 12.16 -2.28
C ASN B 232 28.32 11.90 -3.55
N ARG B 233 28.07 10.80 -4.25
CA ARG B 233 28.82 10.43 -5.43
C ARG B 233 27.91 10.45 -6.65
N ILE B 234 28.39 11.05 -7.73
CA ILE B 234 27.69 11.09 -9.01
C ILE B 234 28.54 10.33 -10.01
N ALA B 235 27.94 9.33 -10.65
CA ALA B 235 28.65 8.47 -11.59
C ALA B 235 27.89 8.39 -12.90
N GLN B 236 28.64 8.39 -14.01
CA GLN B 236 28.10 8.20 -15.35
C GLN B 236 28.93 7.11 -16.00
N THR B 237 28.55 5.85 -15.79
CA THR B 237 29.34 4.72 -16.25
C THR B 237 28.42 3.58 -16.63
N VAL B 238 28.51 3.15 -17.88
CA VAL B 238 27.77 1.98 -18.38
C VAL B 238 28.78 1.06 -19.06
N ASP B 239 28.98 -0.12 -18.47
CA ASP B 239 29.95 -1.08 -18.99
C ASP B 239 29.35 -2.39 -19.46
N VAL B 240 28.30 -2.89 -18.81
CA VAL B 240 27.78 -4.23 -19.07
C VAL B 240 26.42 -4.10 -19.71
N TYR B 241 26.22 -4.81 -20.82
CA TYR B 241 24.93 -4.89 -21.49
C TYR B 241 24.46 -6.34 -21.47
N GLU B 242 23.19 -6.52 -21.12
CA GLU B 242 22.60 -7.84 -20.99
C GLU B 242 21.31 -7.92 -21.81
N SER B 243 21.01 -9.12 -22.26
CA SER B 243 19.77 -9.39 -22.99
C SER B 243 19.48 -10.88 -22.89
N ASP B 244 18.44 -11.33 -23.58
CA ASP B 244 18.09 -12.75 -23.57
C ASP B 244 19.07 -13.59 -24.37
N PHE B 245 19.95 -12.97 -25.14
CA PHE B 245 20.77 -13.68 -26.10
C PHE B 245 22.27 -13.58 -25.87
N GLY B 246 22.73 -12.71 -24.97
CA GLY B 246 24.16 -12.60 -24.74
C GLY B 246 24.46 -11.60 -23.64
N LYS B 247 25.75 -11.55 -23.29
CA LYS B 247 26.28 -10.63 -22.30
C LYS B 247 27.51 -9.96 -22.89
N TYR B 248 27.59 -8.64 -22.82
CA TYR B 248 28.68 -7.91 -23.43
C TYR B 248 29.24 -6.86 -22.48
N THR B 249 30.52 -6.57 -22.64
CA THR B 249 31.19 -5.49 -21.94
C THR B 249 31.61 -4.43 -22.94
N ILE B 250 31.27 -3.17 -22.67
CA ILE B 250 31.50 -2.06 -23.57
C ILE B 250 32.80 -1.36 -23.18
N ARG B 251 33.69 -1.20 -24.15
CA ARG B 251 34.99 -0.56 -23.93
C ARG B 251 35.25 0.42 -25.07
N ALA B 252 36.01 1.46 -24.75
CA ALA B 252 36.31 2.52 -25.71
C ALA B 252 37.70 2.35 -26.30
N ASN B 253 37.84 2.69 -27.58
CA ASN B 253 39.10 2.60 -28.29
C ASN B 253 39.46 3.96 -28.88
N ARG B 254 40.69 4.40 -28.60
CA ARG B 254 41.13 5.71 -29.10
C ARG B 254 41.21 5.73 -30.62
N TRP B 255 41.73 4.66 -31.22
CA TRP B 255 42.01 4.63 -32.65
C TRP B 255 40.89 4.01 -33.47
N PHE B 256 39.76 3.66 -32.84
CA PHE B 256 38.67 3.02 -33.57
C PHE B 256 38.05 3.99 -34.56
N HIS B 257 37.55 3.44 -35.66
CA HIS B 257 36.88 4.24 -36.67
C HIS B 257 35.62 4.90 -36.09
N GLU B 258 35.39 6.15 -36.48
CA GLU B 258 34.23 6.87 -35.98
C GLU B 258 32.95 6.34 -36.60
N ASN B 259 31.85 6.50 -35.86
CA ASN B 259 30.52 6.08 -36.32
C ASN B 259 30.48 4.58 -36.63
N THR B 260 31.05 3.78 -35.73
CA THR B 260 31.08 2.34 -35.90
C THR B 260 31.08 1.65 -34.54
N MET B 261 30.37 0.54 -34.46
CA MET B 261 30.37 -0.31 -33.27
C MET B 261 30.64 -1.75 -33.69
N PHE B 262 31.41 -2.48 -32.88
CA PHE B 262 31.84 -3.82 -33.24
C PHE B 262 31.59 -4.76 -32.07
N ILE B 263 30.75 -5.77 -32.27
CA ILE B 263 30.53 -6.82 -31.29
C ILE B 263 31.21 -8.08 -31.79
N PHE B 264 32.08 -8.65 -30.96
CA PHE B 264 32.94 -9.72 -31.43
C PHE B 264 33.37 -10.62 -30.28
N ASP B 265 33.89 -11.78 -30.67
CA ASP B 265 34.53 -12.73 -29.77
C ASP B 265 36.03 -12.71 -30.04
N PRO B 266 36.87 -12.37 -29.06
CA PRO B 266 38.30 -12.23 -29.34
C PRO B 266 38.96 -13.49 -29.85
N LYS B 267 38.45 -14.67 -29.50
CA LYS B 267 39.06 -15.93 -29.89
C LYS B 267 38.88 -16.25 -31.37
N MET B 268 38.04 -15.50 -32.09
CA MET B 268 37.76 -15.78 -33.49
C MET B 268 38.57 -14.93 -34.46
N HIS B 269 39.59 -14.22 -33.96
CA HIS B 269 40.45 -13.42 -34.80
C HIS B 269 41.90 -13.72 -34.46
N ALA B 270 42.77 -13.60 -35.47
CA ALA B 270 44.19 -13.88 -35.28
C ALA B 270 45.01 -12.94 -36.13
N LEU B 271 46.20 -12.59 -35.63
CA LEU B 271 47.17 -11.80 -36.37
C LEU B 271 48.39 -12.67 -36.64
N CYS B 272 48.68 -12.92 -37.91
CA CYS B 272 49.76 -13.81 -38.32
C CYS B 272 50.93 -13.01 -38.85
N TYR B 273 52.12 -13.31 -38.36
CA TYR B 273 53.33 -12.60 -38.77
C TYR B 273 54.07 -13.42 -39.81
N LEU B 274 54.17 -12.90 -41.04
CA LEU B 274 55.03 -13.52 -42.03
C LEU B 274 56.49 -13.24 -41.74
N ARG B 275 56.79 -12.01 -41.34
CA ARG B 275 58.13 -11.62 -40.88
C ARG B 275 57.94 -10.83 -39.59
N PRO B 276 58.41 -11.34 -38.45
CA PRO B 276 58.28 -10.59 -37.21
C PRO B 276 59.04 -9.27 -37.27
N PHE B 277 58.56 -8.31 -36.49
CA PHE B 277 59.12 -6.96 -36.53
C PHE B 277 60.61 -6.98 -36.27
N PHE B 278 61.36 -6.28 -37.12
CA PHE B 278 62.81 -6.24 -36.99
C PHE B 278 63.31 -4.88 -37.49
N GLN B 279 64.62 -4.67 -37.37
CA GLN B 279 65.22 -3.41 -37.78
C GLN B 279 66.66 -3.64 -38.22
N HIS B 280 67.16 -2.70 -39.02
CA HIS B 280 68.54 -2.74 -39.47
C HIS B 280 68.95 -1.34 -39.91
N GLU B 281 70.25 -1.15 -40.04
CA GLU B 281 70.82 0.14 -40.44
C GLU B 281 71.20 0.10 -41.92
N LEU B 282 70.98 1.21 -42.60
CA LEU B 282 71.26 1.30 -44.03
C LEU B 282 72.73 1.63 -44.26
N ALA B 283 73.11 1.83 -45.51
CA ALA B 283 74.49 2.11 -45.85
C ALA B 283 74.88 3.54 -45.48
N LYS B 284 76.11 3.70 -45.00
CA LYS B 284 76.63 5.00 -44.63
C LYS B 284 77.18 5.70 -45.86
N THR B 285 76.57 6.82 -46.25
CA THR B 285 76.97 7.57 -47.43
C THR B 285 77.49 8.96 -47.11
N GLY B 286 77.73 9.27 -45.84
CA GLY B 286 78.23 10.59 -45.48
C GLY B 286 78.31 10.81 -43.98
N ASP B 287 77.92 12.01 -43.53
CA ASP B 287 78.01 12.39 -42.13
C ASP B 287 76.68 12.20 -41.41
N SER B 288 75.91 11.17 -41.78
CA SER B 288 74.62 10.92 -41.17
C SER B 288 74.45 9.42 -40.94
N GLU B 289 73.49 9.08 -40.09
CA GLU B 289 73.16 7.70 -39.77
C GLU B 289 71.71 7.43 -40.13
N LYS B 290 71.46 6.28 -40.74
CA LYS B 290 70.14 5.90 -41.21
C LYS B 290 69.73 4.57 -40.60
N ARG B 291 68.46 4.49 -40.20
CA ARG B 291 67.90 3.27 -39.62
C ARG B 291 66.55 2.99 -40.24
N GLN B 292 66.18 1.71 -40.28
CA GLN B 292 64.90 1.28 -40.80
C GLN B 292 64.34 0.14 -39.96
N LEU B 293 63.03 0.12 -39.80
CA LEU B 293 62.31 -0.94 -39.10
C LEU B 293 61.18 -1.44 -40.02
N LEU B 294 60.99 -2.76 -40.03
CA LEU B 294 60.02 -3.38 -40.92
C LEU B 294 59.24 -4.47 -40.20
N VAL B 295 58.06 -4.76 -40.73
CA VAL B 295 57.21 -5.84 -40.25
C VAL B 295 56.31 -6.27 -41.39
N GLU B 296 55.93 -7.55 -41.39
CA GLU B 296 55.05 -8.11 -42.42
C GLU B 296 54.01 -8.99 -41.75
N TYR B 297 52.74 -8.66 -41.94
CA TYR B 297 51.67 -9.29 -41.17
C TYR B 297 50.43 -9.48 -42.01
N THR B 298 49.49 -10.26 -41.46
CA THR B 298 48.19 -10.50 -42.08
C THR B 298 47.19 -10.77 -40.97
N LEU B 299 45.90 -10.68 -41.31
CA LEU B 299 44.82 -10.83 -40.34
C LEU B 299 43.85 -11.91 -40.80
N ARG B 300 43.50 -12.82 -39.90
CA ARG B 300 42.58 -13.91 -40.17
C ARG B 300 41.34 -13.75 -39.29
N VAL B 301 40.17 -13.84 -39.92
CA VAL B 301 38.89 -13.83 -39.23
C VAL B 301 38.31 -15.23 -39.35
N ASN B 302 38.13 -15.92 -38.21
CA ASN B 302 37.75 -17.32 -38.24
C ASN B 302 36.39 -17.53 -38.87
N ASN B 303 35.37 -16.81 -38.39
CA ASN B 303 34.02 -16.98 -38.89
C ASN B 303 33.26 -15.68 -38.74
N GLU B 304 32.66 -15.23 -39.84
CA GLU B 304 31.91 -13.97 -39.83
C GLU B 304 30.63 -14.06 -39.02
N LYS B 305 30.02 -15.25 -38.93
CA LYS B 305 28.74 -15.39 -38.27
C LYS B 305 28.80 -15.15 -36.76
N SER B 306 29.99 -15.09 -36.18
CA SER B 306 30.13 -14.99 -34.73
C SER B 306 30.18 -13.55 -34.22
N GLY B 307 30.03 -12.55 -35.08
CA GLY B 307 30.10 -11.16 -34.68
C GLY B 307 29.19 -10.27 -35.50
N ALA B 308 29.13 -9.00 -35.10
CA ALA B 308 28.31 -8.03 -35.79
C ALA B 308 29.05 -6.69 -35.86
N LEU B 309 28.76 -5.93 -36.91
CA LEU B 309 29.38 -4.63 -37.13
C LEU B 309 28.32 -3.63 -37.53
N ILE B 310 28.03 -2.67 -36.66
CA ILE B 310 27.03 -1.65 -36.92
C ILE B 310 27.74 -0.40 -37.42
N ARG B 311 27.29 0.11 -38.57
CA ARG B 311 27.94 1.22 -39.23
C ARG B 311 26.97 2.39 -39.39
N ASP B 312 27.54 3.56 -39.65
CA ASP B 312 26.79 4.78 -39.93
C ASP B 312 25.84 5.13 -38.78
N VAL B 313 26.39 5.13 -37.57
CA VAL B 313 25.65 5.51 -36.37
C VAL B 313 26.29 6.75 -35.78
N VAL B 314 25.48 7.78 -35.57
CA VAL B 314 25.96 9.04 -35.01
C VAL B 314 25.61 9.08 -33.53
N ALA B 315 26.43 9.78 -32.75
CA ALA B 315 26.26 9.88 -31.31
C ALA B 315 25.91 11.31 -30.93
N GLN B 316 25.01 11.43 -29.95
CA GLN B 316 24.56 12.73 -29.44
C GLN B 316 24.04 13.62 -30.55
N VAL B 317 23.23 13.04 -31.43
CA VAL B 317 22.68 13.72 -32.61
C VAL B 317 23.79 14.40 -33.40
N MET C 1 -45.26 14.93 38.61
CA MET C 1 -44.35 15.27 37.53
C MET C 1 -43.06 15.89 38.04
N ALA C 2 -42.85 15.85 39.34
CA ALA C 2 -41.65 16.43 39.93
C ALA C 2 -41.28 15.60 41.14
N THR C 3 -40.44 16.17 41.98
CA THR C 3 -40.10 15.51 43.23
C THR C 3 -41.36 15.34 44.07
N PRO C 4 -41.56 14.17 44.65
CA PRO C 4 -42.74 13.92 45.46
C PRO C 4 -42.83 14.89 46.63
N THR C 5 -44.06 15.26 46.97
CA THR C 5 -44.28 16.23 48.03
C THR C 5 -43.80 15.69 49.37
N ASN C 6 -43.22 16.58 50.18
CA ASN C 6 -42.75 16.27 51.52
C ASN C 6 -41.69 15.18 51.51
N ALA C 7 -40.92 15.10 50.44
CA ALA C 7 -39.81 14.17 50.33
C ALA C 7 -38.51 14.89 50.65
N VAL C 8 -37.67 14.25 51.47
CA VAL C 8 -36.39 14.81 51.89
C VAL C 8 -35.38 14.46 50.80
N SER C 9 -35.09 15.41 49.92
CA SER C 9 -34.22 15.15 48.77
C SER C 9 -33.27 16.32 48.54
N THR C 10 -32.13 16.30 49.23
CA THR C 10 -30.92 17.01 48.82
C THR C 10 -31.06 18.53 48.87
N VAL C 11 -32.27 19.03 49.10
CA VAL C 11 -32.52 20.47 49.13
C VAL C 11 -32.77 20.96 50.55
N GLU C 12 -33.56 20.22 51.31
CA GLU C 12 -33.81 20.55 52.71
C GLU C 12 -32.74 20.01 53.64
N ILE C 13 -31.82 19.19 53.13
CA ILE C 13 -30.75 18.63 53.95
C ILE C 13 -29.73 19.72 54.25
N ASN C 14 -29.36 19.83 55.53
CA ASN C 14 -28.33 20.75 55.97
C ASN C 14 -27.12 19.96 56.44
N GLY C 15 -25.94 20.58 56.33
CA GLY C 15 -24.72 19.93 56.75
C GLY C 15 -24.02 19.11 55.69
N LYS C 16 -24.33 19.32 54.42
CA LYS C 16 -23.64 18.59 53.36
C LYS C 16 -22.20 19.06 53.25
N ARG C 17 -21.29 18.10 53.09
CA ARG C 17 -19.88 18.40 52.96
C ARG C 17 -19.51 18.68 51.51
N GLU C 18 -18.62 19.65 51.31
CA GLU C 18 -18.14 19.98 49.98
C GLU C 18 -17.18 18.91 49.47
N ASP C 19 -17.04 18.85 48.15
CA ASP C 19 -16.18 17.89 47.47
C ASP C 19 -15.11 18.65 46.71
N LEU C 20 -13.95 18.84 47.34
CA LEU C 20 -12.82 19.53 46.74
C LEU C 20 -11.60 18.64 46.83
N ILE C 21 -11.00 18.33 45.68
CA ILE C 21 -9.85 17.44 45.67
C ILE C 21 -8.58 18.21 46.06
N ASP C 22 -7.56 17.46 46.46
CA ASP C 22 -6.33 18.03 47.00
C ASP C 22 -5.20 18.05 45.97
N ILE C 23 -5.51 18.27 44.70
CA ILE C 23 -4.52 18.30 43.63
C ILE C 23 -4.73 19.56 42.80
N ILE C 24 -3.63 20.29 42.55
CA ILE C 24 -3.65 21.44 41.66
C ILE C 24 -2.94 21.06 40.37
N TYR C 25 -3.60 21.30 39.24
CA TYR C 25 -3.10 20.89 37.94
C TYR C 25 -2.39 22.07 37.29
N ASN C 26 -1.06 22.00 37.23
CA ASN C 26 -0.25 23.03 36.60
C ASN C 26 0.68 22.36 35.60
N ILE C 27 0.64 22.83 34.34
CA ILE C 27 1.44 22.22 33.28
C ILE C 27 2.20 23.31 32.52
N ALA C 28 2.29 24.49 33.11
CA ALA C 28 2.96 25.61 32.45
C ALA C 28 4.45 25.29 32.31
N PRO C 29 5.04 25.49 31.14
CA PRO C 29 6.48 25.24 30.97
C PRO C 29 7.32 26.42 31.40
N TYR C 30 8.52 26.12 31.88
CA TYR C 30 9.43 27.17 32.35
C TYR C 30 10.87 26.88 31.93
N ASP C 31 11.07 26.25 30.78
CA ASP C 31 12.40 25.94 30.31
C ASP C 31 13.03 27.16 29.63
N THR C 32 14.37 27.22 29.69
CA THR C 32 15.14 28.31 29.09
C THR C 32 16.23 27.70 28.22
N PRO C 33 15.95 27.45 26.95
CA PRO C 33 16.93 26.78 26.08
C PRO C 33 18.16 27.61 25.80
N PHE C 34 17.97 28.88 25.42
CA PHE C 34 19.10 29.71 25.04
C PHE C 34 20.03 29.97 26.22
N MET C 35 19.47 30.22 27.40
CA MET C 35 20.29 30.45 28.58
C MET C 35 21.11 29.21 28.93
N THR C 36 20.51 28.03 28.80
CA THR C 36 21.24 26.79 29.07
C THR C 36 22.31 26.53 28.03
N ALA C 37 22.07 26.95 26.78
CA ALA C 37 23.03 26.66 25.71
C ALA C 37 24.33 27.44 25.89
N ILE C 38 24.23 28.73 26.21
CA ILE C 38 25.40 29.60 26.26
C ILE C 38 26.14 29.43 27.59
N GLY C 39 27.36 29.96 27.67
CA GLY C 39 28.18 29.81 28.85
C GLY C 39 28.04 30.95 29.84
N LYS C 40 28.65 30.76 31.01
CA LYS C 40 28.57 31.71 32.12
C LYS C 40 29.90 32.42 32.28
N GLY C 41 29.84 33.57 32.94
CA GLY C 41 31.04 34.37 33.19
C GLY C 41 30.81 35.36 34.30
N VAL C 42 31.89 36.04 34.68
CA VAL C 42 31.90 36.96 35.80
C VAL C 42 32.27 38.35 35.30
N ALA C 43 31.46 39.35 35.67
CA ALA C 43 31.74 40.74 35.37
C ALA C 43 32.02 41.49 36.66
N THR C 44 32.99 42.40 36.63
CA THR C 44 33.43 43.12 37.82
C THR C 44 33.13 44.61 37.75
N ALA C 45 32.34 45.06 36.78
CA ALA C 45 32.04 46.47 36.64
C ALA C 45 30.70 46.62 35.91
N ILE C 46 30.22 47.86 35.87
CA ILE C 46 28.98 48.16 35.18
C ILE C 46 29.12 47.89 33.68
N THR C 47 30.24 48.29 33.10
CA THR C 47 30.50 48.14 31.67
C THR C 47 31.46 46.99 31.44
N HIS C 48 31.11 46.10 30.52
CA HIS C 48 31.95 44.97 30.14
C HIS C 48 32.41 45.17 28.71
N GLU C 49 33.72 45.07 28.47
CA GLU C 49 34.30 45.40 27.18
C GLU C 49 35.14 44.25 26.65
N TRP C 50 35.22 44.16 25.33
CA TRP C 50 36.03 43.15 24.65
C TRP C 50 36.42 43.69 23.29
N GLN C 51 37.21 42.91 22.55
CA GLN C 51 37.82 43.34 21.30
C GLN C 51 37.62 42.30 20.21
N THR C 52 37.61 42.76 18.96
CA THR C 52 37.51 41.92 17.79
C THR C 52 38.54 42.37 16.76
N ASP C 53 38.90 41.45 15.87
CA ASP C 53 39.89 41.73 14.84
C ASP C 53 39.61 40.88 13.61
N GLU C 54 40.24 41.25 12.50
CA GLU C 54 40.07 40.55 11.23
C GLU C 54 41.27 40.85 10.34
N LEU C 55 41.27 40.25 9.15
CA LEU C 55 42.31 40.44 8.14
C LEU C 55 41.75 41.22 6.96
N ARG C 56 42.59 41.44 5.96
CA ARG C 56 42.21 42.17 4.77
C ARG C 56 42.04 41.22 3.59
N GLN C 57 41.67 41.80 2.43
CA GLN C 57 41.44 41.03 1.21
C GLN C 57 42.67 41.05 0.32
N PRO C 58 42.91 39.96 -0.41
CA PRO C 58 44.12 39.88 -1.24
C PRO C 58 44.08 40.85 -2.40
N GLY C 59 45.27 41.20 -2.88
CA GLY C 59 45.40 42.12 -3.99
C GLY C 59 46.39 41.66 -5.03
N LYS C 60 46.88 42.60 -5.85
CA LYS C 60 47.80 42.24 -6.93
C LYS C 60 49.22 42.03 -6.40
N ASN C 61 49.79 43.08 -5.81
CA ASN C 61 51.11 43.03 -5.17
C ASN C 61 52.17 42.56 -6.16
N THR C 62 52.36 43.36 -7.21
CA THR C 62 53.25 42.97 -8.30
C THR C 62 54.65 43.57 -8.15
N ARG C 63 54.74 44.82 -7.71
CA ARG C 63 56.00 45.46 -7.32
C ARG C 63 57.03 45.58 -8.45
N VAL C 64 58.01 46.46 -8.26
CA VAL C 64 59.07 46.70 -9.23
C VAL C 64 60.40 46.37 -8.57
N GLU C 65 61.35 45.86 -9.37
CA GLU C 65 62.65 45.48 -8.82
C GLU C 65 63.37 46.70 -8.25
N GLY C 66 64.02 46.51 -7.11
CA GLY C 66 64.76 47.59 -6.48
C GLY C 66 63.90 48.74 -6.00
N GLU C 67 62.62 48.50 -5.74
CA GLU C 67 61.72 49.57 -5.31
C GLU C 67 62.12 50.12 -3.96
N ASP C 68 62.02 51.45 -3.82
CA ASP C 68 62.14 52.07 -2.51
C ASP C 68 60.92 51.70 -1.66
N ALA C 69 61.15 51.42 -0.39
CA ALA C 69 60.09 50.96 0.49
C ALA C 69 59.00 52.02 0.64
N THR C 70 57.75 51.59 0.50
CA THR C 70 56.59 52.45 0.69
C THR C 70 55.75 51.89 1.83
N ILE C 71 55.46 52.72 2.82
CA ILE C 71 54.77 52.28 4.02
C ILE C 71 53.28 52.12 3.70
N LYS C 72 52.71 50.99 4.06
CA LYS C 72 51.29 50.71 3.89
C LYS C 72 50.61 50.60 5.25
N ALA C 73 49.38 51.08 5.31
CA ALA C 73 48.66 51.13 6.57
C ALA C 73 48.34 49.73 7.07
N GLY C 74 48.32 49.58 8.40
CA GLY C 74 47.99 48.32 9.04
C GLY C 74 46.52 48.21 9.34
N SER C 75 46.20 47.31 10.28
CA SER C 75 44.84 47.07 10.72
C SER C 75 44.76 47.19 12.23
N PHE C 76 43.58 47.60 12.71
CA PHE C 76 43.36 47.84 14.13
C PHE C 76 42.12 47.11 14.60
N THR C 77 42.09 46.82 15.90
CA THR C 77 40.99 46.09 16.49
C THR C 77 39.80 47.00 16.71
N THR C 78 38.65 46.38 17.00
CA THR C 78 37.41 47.09 17.28
C THR C 78 36.96 46.75 18.70
N MET C 79 36.53 47.78 19.43
CA MET C 79 36.13 47.64 20.82
C MET C 79 34.62 47.61 20.94
N LEU C 80 34.11 46.66 21.71
CA LEU C 80 32.68 46.54 21.97
C LEU C 80 32.45 46.50 23.47
N ASN C 81 31.29 46.98 23.90
CA ASN C 81 30.98 47.04 25.32
C ASN C 81 29.49 46.88 25.52
N ASN C 82 29.13 46.46 26.74
CA ASN C 82 27.74 46.25 27.14
C ASN C 82 27.57 46.70 28.58
N PHE C 83 26.32 47.01 28.94
CA PHE C 83 25.97 47.50 30.25
C PHE C 83 25.29 46.41 31.07
N CYS C 84 25.27 46.61 32.38
CA CYS C 84 24.64 45.66 33.30
C CYS C 84 23.16 46.01 33.48
N GLN C 85 22.40 45.03 33.97
CA GLN C 85 20.97 45.18 34.14
C GLN C 85 20.53 44.41 35.38
N ILE C 86 19.59 44.98 36.11
CA ILE C 86 19.10 44.42 37.38
C ILE C 86 17.68 43.93 37.20
N SER C 87 17.40 42.73 37.71
CA SER C 87 16.06 42.17 37.73
C SER C 87 15.72 41.73 39.14
N ASP C 88 14.44 41.85 39.49
CA ASP C 88 14.04 41.55 40.86
C ASP C 88 12.59 41.10 40.90
N GLU C 89 12.22 40.52 42.05
CA GLU C 89 10.85 40.12 42.33
C GLU C 89 10.60 40.33 43.82
N THR C 90 9.33 40.52 44.18
CA THR C 90 8.97 40.76 45.57
C THR C 90 7.70 40.01 45.91
N LEU C 91 7.54 39.71 47.19
CA LEU C 91 6.36 38.98 47.66
C LEU C 91 6.06 39.36 49.10
N GLN C 92 4.77 39.47 49.42
CA GLN C 92 4.32 39.75 50.78
C GLN C 92 3.09 38.91 51.07
N VAL C 93 3.10 38.21 52.21
CA VAL C 93 2.02 37.31 52.60
C VAL C 93 1.65 37.58 54.04
N THR C 94 0.35 37.72 54.31
CA THR C 94 -0.13 37.94 55.66
C THR C 94 -0.04 36.66 56.48
N GLY C 95 0.02 36.84 57.80
CA GLY C 95 0.14 35.69 58.69
C GLY C 95 -1.09 34.81 58.71
N THR C 96 -2.28 35.42 58.66
CA THR C 96 -3.51 34.64 58.76
C THR C 96 -3.68 33.71 57.55
N ALA C 97 -3.34 34.20 56.36
CA ALA C 97 -3.46 33.37 55.15
C ALA C 97 -2.51 32.18 55.16
N ASP C 98 -1.43 32.23 55.96
CA ASP C 98 -0.48 31.12 55.98
C ASP C 98 -0.90 30.01 56.93
N LYS C 99 -1.90 30.27 57.77
CA LYS C 99 -2.31 29.30 58.78
C LYS C 99 -3.54 28.51 58.38
N VAL C 100 -4.47 29.11 57.63
CA VAL C 100 -5.72 28.44 57.31
C VAL C 100 -5.45 27.22 56.43
N LYS C 101 -6.33 26.22 56.55
CA LYS C 101 -6.19 25.00 55.77
C LYS C 101 -6.60 25.25 54.33
N LYS C 102 -5.74 24.83 53.39
CA LYS C 102 -5.99 25.01 51.97
C LYS C 102 -5.84 23.68 51.25
N ALA C 103 -6.43 23.60 50.07
CA ALA C 103 -6.40 22.39 49.26
C ALA C 103 -5.23 22.45 48.29
N GLY C 104 -4.34 21.46 48.37
CA GLY C 104 -3.21 21.38 47.48
C GLY C 104 -1.96 22.08 47.95
N ARG C 105 -2.04 22.88 49.02
CA ARG C 105 -0.88 23.57 49.55
C ARG C 105 -0.82 23.41 51.07
N LYS C 106 0.39 23.52 51.59
CA LYS C 106 0.63 23.58 53.03
C LYS C 106 1.18 24.93 53.47
N ASN C 107 2.20 25.43 52.80
CA ASN C 107 2.79 26.73 53.09
C ASN C 107 2.61 27.63 51.88
N GLU C 108 1.89 28.74 52.06
CA GLU C 108 1.60 29.65 50.96
C GLU C 108 2.85 30.41 50.52
N LEU C 109 3.72 30.75 51.47
CA LEU C 109 4.90 31.54 51.15
C LEU C 109 5.79 30.82 50.15
N ALA C 110 6.11 29.54 50.41
CA ALA C 110 6.94 28.79 49.48
C ALA C 110 6.22 28.58 48.14
N TYR C 111 4.91 28.35 48.19
CA TYR C 111 4.15 28.12 46.96
C TYR C 111 4.22 29.34 46.04
N GLN C 112 4.13 30.54 46.60
CA GLN C 112 4.26 31.73 45.77
C GLN C 112 5.72 31.99 45.40
N LEU C 113 6.66 31.68 46.30
CA LEU C 113 8.06 31.97 46.05
C LEU C 113 8.61 31.17 44.87
N ALA C 114 8.22 29.89 44.78
CA ALA C 114 8.68 29.07 43.67
C ALA C 114 8.22 29.64 42.32
N LYS C 115 6.94 30.05 42.25
CA LYS C 115 6.43 30.64 41.04
C LYS C 115 7.14 31.95 40.71
N LYS C 116 7.42 32.76 41.74
CA LYS C 116 8.12 34.02 41.50
C LYS C 116 9.53 33.77 40.96
N SER C 117 10.24 32.78 41.51
CA SER C 117 11.57 32.47 41.01
C SER C 117 11.54 31.99 39.57
N LYS C 118 10.58 31.11 39.25
CA LYS C 118 10.46 30.65 37.87
C LYS C 118 10.15 31.81 36.93
N GLU C 119 9.27 32.73 37.36
CA GLU C 119 8.95 33.89 36.54
C GLU C 119 10.17 34.79 36.36
N LEU C 120 11.01 34.91 37.39
CA LEU C 120 12.22 35.70 37.26
C LEU C 120 13.18 35.10 36.23
N LYS C 121 13.34 33.78 36.26
CA LYS C 121 14.19 33.13 35.25
C LYS C 121 13.61 33.32 33.85
N LEU C 122 12.29 33.20 33.71
CA LEU C 122 11.67 33.41 32.41
C LEU C 122 11.85 34.86 31.95
N ASP C 123 11.80 35.81 32.88
CA ASP C 123 12.03 37.21 32.54
C ASP C 123 13.45 37.43 32.05
N MET C 124 14.42 36.77 32.69
CA MET C 124 15.79 36.85 32.22
C MET C 124 15.92 36.32 30.79
N GLU C 125 15.29 35.17 30.53
CA GLU C 125 15.34 34.60 29.18
C GLU C 125 14.69 35.54 28.16
N TYR C 126 13.55 36.13 28.52
CA TYR C 126 12.87 37.06 27.61
C TYR C 126 13.73 38.29 27.36
N ALA C 127 14.38 38.81 28.40
CA ALA C 127 15.28 39.94 28.19
C ALA C 127 16.41 39.57 27.25
N MET C 128 16.86 38.31 27.32
CA MET C 128 17.95 37.88 26.44
C MET C 128 17.49 37.79 24.99
N VAL C 129 16.35 37.14 24.73
CA VAL C 129 15.94 36.84 23.37
C VAL C 129 14.50 37.21 23.05
N GLY C 130 13.73 37.70 24.02
CA GLY C 130 12.31 37.92 23.79
C GLY C 130 12.01 39.00 22.77
N ALA C 131 12.72 40.13 22.86
CA ALA C 131 12.41 41.29 22.03
C ALA C 131 13.68 42.10 21.85
N PRO C 132 13.78 42.90 20.79
CA PRO C 132 14.96 43.74 20.60
C PRO C 132 15.14 44.74 21.75
N GLN C 133 16.39 44.98 22.11
CA GLN C 133 16.73 45.87 23.20
C GLN C 133 18.03 46.60 22.90
N ALA C 134 18.07 47.88 23.24
CA ALA C 134 19.26 48.70 23.10
C ALA C 134 19.77 49.11 24.47
N LYS C 135 21.09 49.13 24.63
CA LYS C 135 21.68 49.45 25.92
C LYS C 135 21.44 50.91 26.27
N ILE C 136 21.16 51.15 27.56
CA ILE C 136 20.93 52.49 28.07
C ILE C 136 21.70 52.65 29.38
N GLN C 137 22.48 53.72 29.48
CA GLN C 137 23.25 53.97 30.69
C GLN C 137 22.32 54.35 31.84
N ARG C 138 22.65 53.88 33.03
CA ARG C 138 21.83 54.11 34.21
C ARG C 138 22.20 55.42 34.89
N ASN C 139 21.25 55.93 35.68
CA ASN C 139 21.48 57.10 36.52
C ASN C 139 20.61 56.97 37.76
N THR C 140 20.43 58.08 38.47
CA THR C 140 19.65 58.04 39.72
C THR C 140 18.16 57.86 39.48
N THR C 141 17.68 58.11 38.26
CA THR C 141 16.26 57.99 37.98
C THR C 141 15.93 57.08 36.80
N THR C 142 16.92 56.62 36.04
CA THR C 142 16.67 55.78 34.88
C THR C 142 17.23 54.39 35.09
N PRO C 143 16.45 53.33 34.91
CA PRO C 143 16.99 51.98 35.07
C PRO C 143 18.01 51.66 33.99
N GLY C 144 18.99 50.83 34.37
CA GLY C 144 19.98 50.38 33.40
C GLY C 144 19.42 49.28 32.51
N GLN C 145 19.72 49.38 31.22
CA GLN C 145 19.23 48.45 30.23
C GLN C 145 20.40 47.89 29.44
N MET C 146 20.35 46.59 29.17
CA MET C 146 21.39 45.90 28.42
C MET C 146 20.92 45.63 27.00
N ALA C 147 21.88 45.37 26.12
CA ALA C 147 21.62 45.11 24.71
C ALA C 147 21.66 43.61 24.43
N ASN C 148 20.70 43.14 23.65
CA ASN C 148 20.58 41.73 23.30
C ASN C 148 21.14 41.49 21.91
N ILE C 149 20.95 40.28 21.39
CA ILE C 149 21.53 39.88 20.11
C ILE C 149 20.97 40.68 18.95
N PHE C 150 19.84 41.36 19.14
CA PHE C 150 19.24 42.13 18.05
C PHE C 150 20.01 43.42 17.75
N ALA C 151 20.98 43.79 18.58
CA ALA C 151 21.74 45.01 18.38
C ALA C 151 23.19 44.77 18.00
N TYR C 152 23.58 43.51 17.75
CA TYR C 152 24.96 43.19 17.44
C TYR C 152 25.17 42.50 16.10
N TYR C 153 24.19 41.72 15.63
CA TYR C 153 24.35 40.94 14.41
C TYR C 153 23.88 41.77 13.22
N LYS C 154 24.81 42.06 12.29
CA LYS C 154 24.47 42.87 11.13
C LYS C 154 25.06 42.36 9.82
N THR C 155 26.03 41.44 9.84
CA THR C 155 26.79 41.13 8.63
C THR C 155 26.20 39.96 7.84
N ASN C 156 26.14 38.78 8.45
CA ASN C 156 25.75 37.58 7.72
C ASN C 156 24.25 37.41 7.58
N GLY C 157 23.45 38.16 8.33
CA GLY C 157 22.01 38.05 8.28
C GLY C 157 21.39 38.87 7.17
N SER C 158 20.09 39.08 7.27
CA SER C 158 19.35 39.86 6.29
C SER C 158 18.13 40.48 6.97
N VAL C 159 17.60 41.52 6.34
CA VAL C 159 16.45 42.24 6.86
C VAL C 159 15.45 42.44 5.72
N GLY C 160 14.20 42.67 6.09
CA GLY C 160 13.15 42.85 5.11
C GLY C 160 13.29 44.13 4.32
N ALA C 161 12.39 44.28 3.34
CA ALA C 161 12.40 45.47 2.50
C ALA C 161 12.14 46.72 3.32
N ASN C 162 12.76 47.83 2.90
CA ASN C 162 12.70 49.10 3.63
C ASN C 162 13.10 48.94 5.10
N GLY C 163 14.05 48.06 5.37
CA GLY C 163 14.55 47.88 6.72
C GLY C 163 15.96 48.39 6.88
N THR C 164 16.36 48.68 8.11
CA THR C 164 17.70 49.20 8.39
C THR C 164 18.41 48.28 9.36
N LEU C 165 19.65 47.93 9.03
CA LEU C 165 20.44 47.09 9.90
C LEU C 165 20.95 47.88 11.10
N PRO C 166 21.19 47.22 12.23
CA PRO C 166 21.74 47.92 13.39
C PRO C 166 23.16 48.37 13.15
N THR C 167 23.57 49.37 13.94
CA THR C 167 24.93 49.91 13.81
C THR C 167 25.97 48.85 14.14
N GLY C 168 25.71 48.03 15.16
CA GLY C 168 26.61 46.97 15.55
C GLY C 168 27.30 47.19 16.87
N ASP C 169 27.24 48.39 17.43
CA ASP C 169 27.85 48.68 18.73
C ASP C 169 26.89 48.49 19.89
N GLY C 170 25.63 48.18 19.63
CA GLY C 170 24.64 47.98 20.66
C GLY C 170 23.84 49.21 21.04
N SER C 171 24.07 50.34 20.36
CA SER C 171 23.34 51.56 20.69
C SER C 171 21.93 51.60 20.09
N ASP C 172 21.65 50.75 19.11
CA ASP C 172 20.33 50.71 18.49
C ASP C 172 20.12 49.34 17.87
N THR C 173 18.85 49.04 17.59
CA THR C 173 18.47 47.74 17.02
C THR C 173 17.94 47.86 15.60
N GLY C 174 18.01 49.04 14.99
CA GLY C 174 17.52 49.21 13.65
C GLY C 174 16.01 49.25 13.58
N THR C 175 15.50 49.17 12.36
CA THR C 175 14.07 49.20 12.09
C THR C 175 13.65 47.95 11.33
N ALA C 176 12.44 47.49 11.61
CA ALA C 176 11.91 46.29 10.96
C ALA C 176 11.28 46.65 9.61
N GLY C 177 11.33 45.69 8.69
CA GLY C 177 10.78 45.85 7.37
C GLY C 177 9.54 44.99 7.14
N ASP C 178 9.12 44.97 5.88
CA ASP C 178 7.95 44.18 5.51
C ASP C 178 8.25 42.69 5.61
N LEU C 179 7.25 41.92 6.04
CA LEU C 179 7.42 40.49 6.19
C LEU C 179 7.57 39.81 4.83
N ARG C 180 8.25 38.67 4.82
CA ARG C 180 8.51 37.92 3.60
C ARG C 180 8.49 36.44 3.90
N LEU C 181 8.23 35.65 2.87
CA LEU C 181 8.19 34.19 3.00
C LEU C 181 9.60 33.64 3.18
N LEU C 182 9.70 32.58 3.97
CA LEU C 182 10.99 31.92 4.19
C LEU C 182 11.21 30.85 3.14
N THR C 183 12.43 30.81 2.59
CA THR C 183 12.79 29.85 1.55
C THR C 183 14.15 29.26 1.87
N GLU C 184 14.52 28.22 1.13
CA GLU C 184 15.80 27.55 1.34
C GLU C 184 16.97 28.46 1.02
N ASP C 185 16.85 29.29 -0.02
CA ASP C 185 17.96 30.10 -0.47
C ASP C 185 18.47 31.03 0.63
N MET C 186 17.59 31.51 1.49
CA MET C 186 18.02 32.35 2.60
C MET C 186 18.96 31.57 3.52
N LEU C 187 18.57 30.35 3.90
CA LEU C 187 19.41 29.54 4.77
C LEU C 187 20.74 29.20 4.09
N LEU C 188 20.69 28.85 2.81
CA LEU C 188 21.91 28.49 2.09
C LEU C 188 22.87 29.67 2.00
N ASN C 189 22.34 30.86 1.68
CA ASN C 189 23.18 32.04 1.59
C ASN C 189 23.75 32.42 2.95
N ALA C 190 22.95 32.29 4.02
CA ALA C 190 23.46 32.57 5.35
C ALA C 190 24.60 31.62 5.71
N SER C 191 24.42 30.33 5.42
CA SER C 191 25.48 29.36 5.71
C SER C 191 26.73 29.67 4.92
N GLU C 192 26.59 30.02 3.64
CA GLU C 192 27.75 30.33 2.82
C GLU C 192 28.47 31.58 3.32
N ALA C 193 27.70 32.60 3.72
CA ALA C 193 28.31 33.82 4.25
C ALA C 193 29.04 33.55 5.55
N ILE C 194 28.47 32.71 6.42
CA ILE C 194 29.15 32.35 7.66
C ILE C 194 30.44 31.60 7.35
N TRP C 195 30.40 30.68 6.39
CA TRP C 195 31.60 29.93 6.03
C TRP C 195 32.67 30.84 5.45
N ARG C 196 32.26 31.87 4.70
CA ARG C 196 33.22 32.79 4.10
C ARG C 196 34.03 33.53 5.17
N ASN C 197 33.37 33.95 6.25
CA ASN C 197 34.03 34.69 7.31
C ASN C 197 34.75 33.80 8.31
N GLY C 198 34.67 32.48 8.15
CA GLY C 198 35.36 31.57 9.04
C GLY C 198 34.61 31.17 10.29
N GLY C 199 33.32 31.44 10.37
CA GLY C 199 32.57 31.08 11.55
C GLY C 199 32.35 29.58 11.66
N GLN C 200 32.00 29.15 12.87
CA GLN C 200 31.76 27.75 13.18
C GLN C 200 30.41 27.56 13.83
N ALA C 201 29.39 28.27 13.33
CA ALA C 201 28.05 28.14 13.87
C ALA C 201 27.50 26.75 13.60
N ASN C 202 26.83 26.18 14.61
CA ASN C 202 26.28 24.84 14.47
C ASN C 202 24.89 24.69 15.09
N SER C 203 24.25 25.79 15.51
CA SER C 203 22.94 25.70 16.11
C SER C 203 21.99 26.68 15.43
N ILE C 204 20.73 26.28 15.32
CA ILE C 204 19.67 27.13 14.77
C ILE C 204 18.52 27.16 15.77
N GLN C 205 18.07 28.37 16.10
CA GLN C 205 16.94 28.55 17.01
C GLN C 205 15.98 29.58 16.43
N THR C 206 14.69 29.32 16.57
CA THR C 206 13.67 30.22 16.05
C THR C 206 12.35 29.93 16.74
N SER C 207 11.32 30.67 16.35
CA SER C 207 10.01 30.52 16.93
C SER C 207 9.35 29.23 16.44
N SER C 208 8.21 28.91 17.06
CA SER C 208 7.49 27.69 16.70
C SER C 208 6.94 27.73 15.29
N SER C 209 6.47 28.90 14.84
CA SER C 209 5.90 29.00 13.50
C SER C 209 6.95 28.71 12.42
N ILE C 210 8.16 29.25 12.60
CA ILE C 210 9.21 29.02 11.62
C ILE C 210 9.64 27.55 11.62
N LYS C 211 9.70 26.94 12.81
CA LYS C 211 10.02 25.51 12.87
C LYS C 211 8.94 24.68 12.18
N LYS C 212 7.68 25.07 12.33
CA LYS C 212 6.60 24.40 11.62
C LYS C 212 6.75 24.55 10.12
N ALA C 213 7.09 25.76 9.67
CA ALA C 213 7.24 26.00 8.23
C ALA C 213 8.40 25.23 7.64
N ILE C 214 9.50 25.11 8.39
CA ILE C 214 10.69 24.42 7.87
C ILE C 214 10.37 22.95 7.59
N SER C 215 9.69 22.28 8.53
CA SER C 215 9.33 20.89 8.32
C SER C 215 8.27 20.71 7.24
N LYS C 216 7.48 21.74 6.96
CA LYS C 216 6.43 21.61 5.96
C LYS C 216 7.00 21.45 4.56
N ASN C 217 7.98 22.28 4.20
CA ASN C 217 8.57 22.28 2.85
C ASN C 217 10.04 22.63 2.94
N MET C 218 10.89 21.60 2.97
CA MET C 218 12.34 21.78 2.92
C MET C 218 12.94 21.21 1.64
N LYS C 219 12.71 19.93 1.36
CA LYS C 219 13.15 19.23 0.15
C LYS C 219 14.53 19.69 -0.31
N GLY C 220 15.51 19.51 0.57
CA GLY C 220 16.88 19.86 0.24
C GLY C 220 17.46 19.01 -0.87
N ARG C 221 17.62 19.60 -2.06
CA ARG C 221 18.24 18.97 -3.23
C ARG C 221 17.32 17.91 -3.83
N ALA C 222 16.23 17.60 -3.13
CA ALA C 222 15.29 16.59 -3.59
C ALA C 222 14.29 17.18 -4.56
N THR C 223 13.56 16.30 -5.25
CA THR C 223 12.55 16.71 -6.21
C THR C 223 11.24 15.95 -6.09
N GLU C 224 11.21 14.83 -5.38
CA GLU C 224 10.02 13.99 -5.31
C GLU C 224 9.44 13.89 -3.91
N ILE C 225 10.25 13.51 -2.92
CA ILE C 225 9.78 13.17 -1.58
C ILE C 225 8.74 12.07 -1.68
N THR C 226 9.18 10.82 -1.59
CA THR C 226 8.31 9.67 -1.77
C THR C 226 7.91 9.08 -0.43
N LEU C 227 6.78 8.38 -0.44
CA LEU C 227 6.25 7.73 0.75
C LEU C 227 5.62 6.41 0.33
N ASP C 228 5.88 5.36 1.12
CA ASP C 228 5.32 4.05 0.82
C ASP C 228 3.81 4.04 1.02
N ALA C 229 3.10 3.39 0.10
CA ALA C 229 1.64 3.36 0.16
C ALA C 229 1.15 2.51 1.31
N SER C 230 1.89 1.48 1.70
CA SER C 230 1.47 0.59 2.76
C SER C 230 1.87 1.07 4.15
N ASP C 231 2.56 2.20 4.24
CA ASP C 231 2.97 2.72 5.54
C ASP C 231 1.78 3.35 6.26
N ASN C 232 1.58 2.97 7.51
CA ASN C 232 0.47 3.48 8.31
C ASN C 232 0.87 4.66 9.19
N ARG C 233 2.12 5.09 9.14
CA ARG C 233 2.62 6.17 9.96
C ARG C 233 3.10 7.31 9.08
N ILE C 234 2.68 8.53 9.41
CA ILE C 234 3.08 9.73 8.69
C ILE C 234 3.87 10.62 9.64
N ALA C 235 5.10 10.93 9.26
CA ALA C 235 5.99 11.75 10.07
C ALA C 235 6.34 13.00 9.29
N GLN C 236 6.30 14.15 9.97
CA GLN C 236 6.57 15.46 9.36
C GLN C 236 7.43 16.25 10.34
N THR C 237 8.75 16.11 10.19
CA THR C 237 9.68 16.79 11.09
C THR C 237 11.07 16.80 10.46
N VAL C 238 11.75 17.93 10.57
CA VAL C 238 13.12 18.10 10.11
C VAL C 238 13.94 18.64 11.27
N ASP C 239 15.05 17.97 11.58
CA ASP C 239 15.88 18.33 12.73
C ASP C 239 17.29 18.72 12.37
N VAL C 240 17.92 18.03 11.42
CA VAL C 240 19.32 18.26 11.06
C VAL C 240 19.38 18.76 9.63
N TYR C 241 20.09 19.85 9.42
CA TYR C 241 20.31 20.41 8.09
C TYR C 241 21.81 20.41 7.81
N GLU C 242 22.21 19.71 6.74
CA GLU C 242 23.60 19.57 6.39
C GLU C 242 23.84 20.10 4.98
N SER C 243 24.90 20.89 4.82
CA SER C 243 25.27 21.46 3.53
C SER C 243 26.78 21.36 3.39
N ASP C 244 27.31 21.99 2.34
CA ASP C 244 28.75 21.98 2.10
C ASP C 244 29.50 22.86 3.10
N PHE C 245 28.81 23.74 3.82
CA PHE C 245 29.46 24.73 4.65
C PHE C 245 29.22 24.56 6.14
N GLY C 246 28.32 23.67 6.54
CA GLY C 246 28.10 23.46 7.97
C GLY C 246 26.98 22.48 8.21
N LYS C 247 26.87 22.07 9.46
CA LYS C 247 25.81 21.19 9.93
C LYS C 247 25.09 21.86 11.09
N TYR C 248 23.76 21.87 11.04
CA TYR C 248 22.97 22.59 12.02
C TYR C 248 21.89 21.67 12.57
N THR C 249 21.61 21.83 13.86
CA THR C 249 20.48 21.19 14.52
C THR C 249 19.43 22.25 14.81
N ILE C 250 18.19 22.00 14.42
CA ILE C 250 17.12 22.99 14.50
C ILE C 250 16.26 22.65 15.71
N ARG C 251 15.99 23.66 16.54
CA ARG C 251 15.13 23.50 17.70
C ARG C 251 14.26 24.75 17.85
N ALA C 252 13.05 24.55 18.38
CA ALA C 252 12.10 25.62 18.57
C ALA C 252 12.18 26.15 20.00
N ASN C 253 12.00 27.46 20.15
CA ASN C 253 12.03 28.13 21.44
C ASN C 253 10.71 28.83 21.66
N ARG C 254 10.07 28.56 22.81
CA ARG C 254 8.78 29.16 23.11
C ARG C 254 8.90 30.68 23.24
N TRP C 255 9.96 31.16 23.88
CA TRP C 255 10.10 32.58 24.21
C TRP C 255 10.83 33.37 23.13
N PHE C 256 11.20 32.74 22.02
CA PHE C 256 11.89 33.46 20.96
C PHE C 256 10.97 34.48 20.31
N HIS C 257 11.57 35.57 19.83
CA HIS C 257 10.81 36.61 19.14
C HIS C 257 10.23 36.04 17.85
N GLU C 258 9.01 36.48 17.53
CA GLU C 258 8.35 36.00 16.32
C GLU C 258 9.02 36.56 15.07
N ASN C 259 8.90 35.81 13.98
CA ASN C 259 9.44 36.20 12.68
C ASN C 259 10.95 36.44 12.74
N THR C 260 11.67 35.53 13.41
CA THR C 260 13.11 35.64 13.53
C THR C 260 13.73 34.26 13.56
N MET C 261 14.92 34.14 12.96
CA MET C 261 15.71 32.92 13.00
C MET C 261 17.15 33.29 13.34
N PHE C 262 17.81 32.44 14.13
CA PHE C 262 19.14 32.73 14.64
C PHE C 262 20.03 31.52 14.42
N ILE C 263 21.06 31.67 13.58
CA ILE C 263 22.09 30.65 13.40
C ILE C 263 23.32 31.12 14.18
N PHE C 264 23.79 30.28 15.10
CA PHE C 264 24.80 30.74 16.05
C PHE C 264 25.62 29.57 16.55
N ASP C 265 26.75 29.92 17.17
CA ASP C 265 27.64 29.00 17.87
C ASP C 265 27.51 29.24 19.35
N PRO C 266 27.07 28.26 20.14
CA PRO C 266 26.87 28.52 21.59
C PRO C 266 28.12 28.95 22.32
N LYS C 267 29.30 28.47 21.89
CA LYS C 267 30.53 28.82 22.57
C LYS C 267 30.96 30.26 22.38
N MET C 268 30.29 31.00 21.48
CA MET C 268 30.70 32.35 21.15
C MET C 268 29.86 33.42 21.86
N HIS C 269 29.07 33.03 22.85
CA HIS C 269 28.27 33.96 23.64
C HIS C 269 28.49 33.67 25.12
N ALA C 270 28.27 34.69 25.96
CA ALA C 270 28.44 34.50 27.38
C ALA C 270 27.43 35.35 28.15
N LEU C 271 27.05 34.85 29.32
CA LEU C 271 26.20 35.59 30.26
C LEU C 271 27.04 35.88 31.48
N CYS C 272 27.32 37.16 31.73
CA CYS C 272 28.21 37.57 32.81
C CYS C 272 27.38 38.09 33.97
N TYR C 273 27.57 37.48 35.14
CA TYR C 273 26.86 37.88 36.35
C TYR C 273 27.70 38.88 37.14
N LEU C 274 27.13 40.05 37.42
CA LEU C 274 27.80 40.96 38.34
C LEU C 274 27.46 40.63 39.79
N ARG C 275 26.18 40.37 40.06
CA ARG C 275 25.74 39.81 41.33
C ARG C 275 24.89 38.58 41.01
N PRO C 276 25.33 37.39 41.39
CA PRO C 276 24.53 36.19 41.09
C PRO C 276 23.19 36.23 41.79
N PHE C 277 22.25 35.45 41.28
CA PHE C 277 20.90 35.45 41.80
C PHE C 277 20.89 35.13 43.29
N PHE C 278 20.19 35.97 44.06
CA PHE C 278 20.10 35.76 45.49
C PHE C 278 18.75 36.27 45.98
N GLN C 279 18.49 36.05 47.27
CA GLN C 279 17.21 36.39 47.87
C GLN C 279 17.44 36.81 49.31
N HIS C 280 16.52 37.61 49.83
CA HIS C 280 16.62 38.00 51.24
C HIS C 280 15.28 38.47 51.75
N GLU C 281 15.17 38.50 53.08
CA GLU C 281 14.01 39.00 53.78
C GLU C 281 14.00 40.53 53.76
N LEU C 282 12.88 41.09 54.18
CA LEU C 282 12.72 42.52 54.34
C LEU C 282 12.33 42.83 55.79
N ALA C 283 12.13 44.13 56.06
CA ALA C 283 11.80 44.56 57.41
C ALA C 283 10.42 44.06 57.81
N LYS C 284 10.32 43.55 59.03
CA LYS C 284 9.05 43.04 59.56
C LYS C 284 8.33 44.20 60.25
N THR C 285 7.36 44.79 59.57
CA THR C 285 6.62 45.93 60.09
C THR C 285 5.29 45.55 60.71
N GLY C 286 4.97 44.26 60.78
CA GLY C 286 3.70 43.84 61.35
C GLY C 286 3.45 42.35 61.24
N ASP C 287 2.19 41.97 61.06
CA ASP C 287 1.81 40.56 60.97
C ASP C 287 1.81 40.09 59.52
N SER C 288 3.01 40.12 58.92
CA SER C 288 3.17 39.71 57.53
C SER C 288 4.63 39.37 57.30
N GLU C 289 4.90 38.72 56.16
CA GLU C 289 6.24 38.35 55.76
C GLU C 289 6.52 38.89 54.37
N LYS C 290 7.74 39.41 54.17
CA LYS C 290 8.15 39.99 52.91
C LYS C 290 9.46 39.36 52.45
N ARG C 291 9.53 39.04 51.17
CA ARG C 291 10.70 38.43 50.56
C ARG C 291 11.03 39.14 49.26
N GLN C 292 12.33 39.18 48.93
CA GLN C 292 12.80 39.78 47.69
C GLN C 292 13.81 38.88 47.01
N LEU C 293 13.77 38.87 45.68
CA LEU C 293 14.69 38.15 44.82
C LEU C 293 15.39 39.14 43.91
N LEU C 294 16.70 38.97 43.74
CA LEU C 294 17.50 39.92 42.96
C LEU C 294 18.52 39.19 42.11
N VAL C 295 18.85 39.80 40.97
CA VAL C 295 19.91 39.31 40.10
C VAL C 295 20.41 40.48 39.26
N GLU C 296 21.69 40.44 38.88
CA GLU C 296 22.29 41.50 38.10
C GLU C 296 23.25 40.88 37.08
N TYR C 297 22.99 41.13 35.80
CA TYR C 297 23.64 40.36 34.74
C TYR C 297 23.83 41.23 33.50
N THR C 298 24.59 40.67 32.55
CA THR C 298 24.81 41.29 31.27
C THR C 298 25.15 40.19 30.27
N LEU C 299 25.11 40.53 28.98
CA LEU C 299 25.35 39.57 27.91
C LEU C 299 26.52 40.04 27.04
N ARG C 300 27.41 39.11 26.71
CA ARG C 300 28.57 39.38 25.87
C ARG C 300 28.51 38.54 24.60
N VAL C 301 28.65 39.20 23.46
CA VAL C 301 28.73 38.55 22.16
C VAL C 301 30.15 38.68 21.66
N ASN C 302 30.83 37.55 21.49
CA ASN C 302 32.26 37.57 21.18
C ASN C 302 32.51 38.16 19.80
N ASN C 303 31.80 37.67 18.78
CA ASN C 303 32.01 38.14 17.42
C ASN C 303 30.75 37.87 16.61
N GLU C 304 30.13 38.94 16.10
CA GLU C 304 28.90 38.81 15.34
C GLU C 304 29.11 38.16 13.97
N LYS C 305 30.35 38.03 13.51
CA LYS C 305 30.62 37.43 12.21
C LYS C 305 30.55 35.91 12.23
N SER C 306 30.41 35.30 13.40
CA SER C 306 30.35 33.85 13.52
C SER C 306 28.93 33.30 13.42
N GLY C 307 27.94 34.15 13.17
CA GLY C 307 26.56 33.71 13.08
C GLY C 307 25.75 34.64 12.20
N ALA C 308 24.46 34.35 12.09
CA ALA C 308 23.55 35.13 11.28
C ALA C 308 22.20 35.24 11.98
N LEU C 309 21.51 36.35 11.71
CA LEU C 309 20.20 36.62 12.30
C LEU C 309 19.27 37.07 11.17
N ILE C 310 18.32 36.22 10.81
CA ILE C 310 17.37 36.51 9.75
C ILE C 310 16.09 37.06 10.37
N ARG C 311 15.66 38.21 9.89
CA ARG C 311 14.55 38.95 10.47
C ARG C 311 13.42 39.09 9.45
N ASP C 312 12.21 39.31 9.99
CA ASP C 312 11.02 39.57 9.18
C ASP C 312 10.73 38.44 8.20
N VAL C 313 10.66 37.22 8.73
CA VAL C 313 10.29 36.04 7.95
C VAL C 313 9.00 35.49 8.52
N VAL C 314 7.99 35.36 7.67
CA VAL C 314 6.65 34.95 8.10
C VAL C 314 6.32 33.60 7.47
N ALA C 315 5.79 32.70 8.29
CA ALA C 315 5.36 31.40 7.82
C ALA C 315 3.91 31.46 7.34
N GLN C 316 3.68 30.91 6.16
CA GLN C 316 2.34 30.86 5.55
C GLN C 316 1.74 32.27 5.42
N VAL C 317 2.41 33.07 4.60
CA VAL C 317 1.99 34.45 4.35
C VAL C 317 0.60 34.48 3.74
N MET D 1 -49.14 -30.05 -13.69
CA MET D 1 -49.76 -31.38 -13.68
C MET D 1 -48.71 -32.49 -13.67
N ALA D 2 -47.44 -32.11 -13.61
CA ALA D 2 -46.35 -33.08 -13.63
C ALA D 2 -46.20 -33.77 -12.28
N THR D 3 -47.32 -34.29 -11.78
CA THR D 3 -47.44 -35.07 -10.56
C THR D 3 -48.39 -36.21 -10.82
N PRO D 4 -48.22 -37.36 -10.17
CA PRO D 4 -49.22 -38.43 -10.30
C PRO D 4 -50.59 -37.93 -9.89
N THR D 5 -51.62 -38.39 -10.61
CA THR D 5 -52.96 -37.84 -10.44
C THR D 5 -53.47 -38.01 -9.02
N ASN D 6 -53.44 -39.24 -8.52
CA ASN D 6 -53.83 -39.50 -7.13
C ASN D 6 -52.58 -39.68 -6.28
N ALA D 7 -51.92 -38.56 -6.00
CA ALA D 7 -50.70 -38.55 -5.24
C ALA D 7 -50.85 -37.61 -4.05
N VAL D 8 -50.48 -38.10 -2.88
CA VAL D 8 -50.50 -37.30 -1.66
C VAL D 8 -49.20 -36.53 -1.57
N SER D 9 -49.28 -35.21 -1.73
CA SER D 9 -48.11 -34.34 -1.71
C SER D 9 -48.28 -33.27 -0.65
N THR D 10 -47.23 -32.47 -0.46
CA THR D 10 -47.25 -31.43 0.56
C THR D 10 -48.26 -30.33 0.24
N VAL D 11 -48.78 -30.29 -1.00
CA VAL D 11 -49.73 -29.24 -1.37
C VAL D 11 -51.07 -29.47 -0.68
N GLU D 12 -51.54 -30.71 -0.64
CA GLU D 12 -52.89 -31.00 -0.18
C GLU D 12 -52.97 -31.51 1.25
N ILE D 13 -51.85 -31.80 1.90
CA ILE D 13 -51.89 -32.22 3.30
C ILE D 13 -51.96 -31.00 4.20
N ASN D 14 -52.41 -31.21 5.44
CA ASN D 14 -52.59 -30.16 6.40
C ASN D 14 -51.96 -30.55 7.73
N GLY D 15 -51.72 -29.56 8.57
CA GLY D 15 -51.12 -29.80 9.87
C GLY D 15 -49.61 -29.84 9.88
N LYS D 16 -48.95 -29.27 8.87
CA LYS D 16 -47.50 -29.24 8.84
C LYS D 16 -46.98 -28.29 9.90
N ARG D 17 -46.03 -28.76 10.71
CA ARG D 17 -45.44 -27.92 11.73
C ARG D 17 -44.49 -26.91 11.11
N GLU D 18 -44.45 -25.72 11.71
CA GLU D 18 -43.55 -24.67 11.24
C GLU D 18 -42.11 -24.99 11.65
N ASP D 19 -41.17 -24.42 10.90
CA ASP D 19 -39.74 -24.60 11.13
C ASP D 19 -39.16 -23.24 11.50
N LEU D 20 -39.02 -22.98 12.79
CA LEU D 20 -38.48 -21.73 13.29
C LEU D 20 -37.29 -22.05 14.19
N ILE D 21 -36.10 -21.57 13.80
CA ILE D 21 -34.90 -21.88 14.55
C ILE D 21 -34.89 -21.12 15.87
N ASP D 22 -34.08 -21.61 16.81
CA ASP D 22 -34.02 -21.07 18.17
C ASP D 22 -32.86 -20.11 18.36
N ILE D 23 -32.47 -19.38 17.31
CA ILE D 23 -31.35 -18.45 17.36
C ILE D 23 -31.82 -17.09 16.87
N ILE D 24 -31.41 -16.04 17.57
CA ILE D 24 -31.64 -14.66 17.16
C ILE D 24 -30.30 -14.03 16.86
N TYR D 25 -30.16 -13.46 15.66
CA TYR D 25 -28.89 -12.93 15.18
C TYR D 25 -28.87 -11.43 15.39
N ASN D 26 -28.05 -10.98 16.35
CA ASN D 26 -27.88 -9.57 16.65
C ASN D 26 -26.39 -9.25 16.59
N ILE D 27 -26.03 -8.23 15.79
CA ILE D 27 -24.64 -7.89 15.59
C ILE D 27 -24.43 -6.39 15.82
N ALA D 28 -25.38 -5.75 16.48
CA ALA D 28 -25.26 -4.32 16.74
C ALA D 28 -24.09 -4.07 17.68
N PRO D 29 -23.26 -3.07 17.40
CA PRO D 29 -22.12 -2.79 18.28
C PRO D 29 -22.53 -1.93 19.47
N TYR D 30 -21.83 -2.15 20.59
CA TYR D 30 -22.11 -1.41 21.82
C TYR D 30 -20.84 -1.06 22.57
N ASP D 31 -19.74 -0.83 21.86
CA ASP D 31 -18.49 -0.46 22.50
C ASP D 31 -18.45 1.03 22.83
N THR D 32 -17.67 1.38 23.85
CA THR D 32 -17.53 2.75 24.33
C THR D 32 -16.05 3.10 24.40
N PRO D 33 -15.49 3.65 23.32
CA PRO D 33 -14.05 3.94 23.34
C PRO D 33 -13.65 5.02 24.34
N PHE D 34 -14.36 6.15 24.35
CA PHE D 34 -13.98 7.25 25.23
C PHE D 34 -14.14 6.87 26.69
N MET D 35 -15.20 6.13 27.03
CA MET D 35 -15.38 5.69 28.41
C MET D 35 -14.23 4.79 28.85
N THR D 36 -13.80 3.87 27.98
CA THR D 36 -12.71 2.98 28.33
C THR D 36 -11.38 3.72 28.43
N ALA D 37 -11.18 4.75 27.61
CA ALA D 37 -9.89 5.43 27.56
C ALA D 37 -9.64 6.23 28.84
N ILE D 38 -10.63 7.00 29.29
CA ILE D 38 -10.43 7.95 30.39
C ILE D 38 -10.46 7.24 31.73
N GLY D 39 -10.05 7.95 32.79
CA GLY D 39 -9.97 7.33 34.09
C GLY D 39 -11.30 7.30 34.82
N LYS D 40 -11.33 6.54 35.91
CA LYS D 40 -12.51 6.39 36.75
C LYS D 40 -12.24 6.93 38.15
N GLY D 41 -13.31 7.37 38.81
CA GLY D 41 -13.18 7.93 40.14
C GLY D 41 -14.47 8.00 40.92
N VAL D 42 -14.40 8.51 42.15
CA VAL D 42 -15.54 8.54 43.06
C VAL D 42 -15.83 9.98 43.43
N ALA D 43 -17.10 10.37 43.31
CA ALA D 43 -17.58 11.67 43.75
C ALA D 43 -18.49 11.49 44.96
N THR D 44 -18.32 12.38 45.94
CA THR D 44 -19.05 12.28 47.21
C THR D 44 -20.01 13.42 47.44
N ALA D 45 -20.36 14.19 46.42
CA ALA D 45 -21.27 15.31 46.57
C ALA D 45 -21.91 15.62 45.22
N ILE D 46 -22.93 16.48 45.28
CA ILE D 46 -23.62 16.89 44.05
C ILE D 46 -22.67 17.67 43.15
N THR D 47 -21.87 18.55 43.72
CA THR D 47 -20.94 19.39 42.97
C THR D 47 -19.52 18.88 43.16
N HIS D 48 -18.79 18.72 42.06
CA HIS D 48 -17.40 18.26 42.09
C HIS D 48 -16.51 19.42 41.69
N GLU D 49 -15.49 19.69 42.50
CA GLU D 49 -14.65 20.86 42.33
C GLU D 49 -13.18 20.48 42.26
N TRP D 50 -12.42 21.28 41.51
CA TRP D 50 -10.97 21.12 41.40
C TRP D 50 -10.35 22.47 41.07
N GLN D 51 -9.02 22.49 41.00
CA GLN D 51 -8.26 23.73 40.87
C GLN D 51 -7.27 23.63 39.72
N THR D 52 -6.99 24.79 39.11
CA THR D 52 -5.97 24.91 38.07
C THR D 52 -5.11 26.13 38.36
N ASP D 53 -3.92 26.15 37.76
CA ASP D 53 -3.00 27.25 37.96
C ASP D 53 -2.09 27.39 36.74
N GLU D 54 -1.46 28.55 36.62
CA GLU D 54 -0.59 28.84 35.49
C GLU D 54 0.41 29.91 35.93
N LEU D 55 1.32 30.27 35.02
CA LEU D 55 2.32 31.29 35.25
C LEU D 55 2.05 32.51 34.37
N ARG D 56 2.52 33.66 34.82
CA ARG D 56 2.31 34.90 34.10
C ARG D 56 3.25 34.98 32.90
N GLN D 57 2.90 35.87 31.96
CA GLN D 57 3.68 36.04 30.75
C GLN D 57 4.97 36.82 31.05
N PRO D 58 6.08 36.48 30.40
CA PRO D 58 7.30 37.24 30.59
C PRO D 58 7.19 38.64 29.99
N GLY D 59 8.01 39.55 30.52
CA GLY D 59 8.03 40.92 30.04
C GLY D 59 9.31 41.60 30.45
N LYS D 60 9.38 42.88 30.12
CA LYS D 60 10.56 43.67 30.47
C LYS D 60 10.70 43.80 31.98
N ASN D 61 11.94 43.67 32.47
CA ASN D 61 12.23 43.74 33.90
C ASN D 61 13.50 44.58 34.10
N THR D 62 13.30 45.88 34.30
CA THR D 62 14.39 46.81 34.58
C THR D 62 14.03 47.59 35.84
N ARG D 63 14.96 47.67 36.78
CA ARG D 63 14.72 48.34 38.06
C ARG D 63 15.83 49.34 38.37
N VAL D 64 15.44 50.41 39.05
CA VAL D 64 16.35 51.45 39.51
C VAL D 64 17.02 50.99 40.79
N GLU D 65 18.31 51.30 40.92
CA GLU D 65 19.08 50.86 42.08
C GLU D 65 18.44 51.34 43.38
N GLY D 66 18.25 50.41 44.32
CA GLY D 66 17.65 50.77 45.60
C GLY D 66 16.27 51.36 45.46
N GLU D 67 15.35 50.62 44.84
CA GLU D 67 14.08 51.25 44.45
C GLU D 67 13.09 51.27 45.61
N ASP D 68 13.45 50.66 46.74
CA ASP D 68 12.54 50.54 47.89
C ASP D 68 11.27 49.83 47.43
N ALA D 69 11.43 48.57 47.00
CA ALA D 69 10.43 47.85 46.22
C ALA D 69 9.02 48.01 46.77
N THR D 70 8.07 48.14 45.84
CA THR D 70 6.69 48.49 46.17
C THR D 70 5.78 47.27 46.33
N ILE D 71 6.31 46.06 46.24
CA ILE D 71 5.56 44.82 46.44
C ILE D 71 4.52 44.64 45.34
N LYS D 72 4.79 43.72 44.43
CA LYS D 72 3.85 43.41 43.36
C LYS D 72 2.88 42.30 43.79
N ALA D 73 1.71 42.30 43.17
CA ALA D 73 0.68 41.33 43.52
C ALA D 73 1.06 39.94 43.04
N GLY D 74 0.53 38.93 43.74
CA GLY D 74 0.78 37.54 43.41
C GLY D 74 -0.24 36.99 42.42
N SER D 75 -0.23 35.66 42.31
CA SER D 75 -1.13 34.95 41.43
C SER D 75 -1.93 33.92 42.23
N PHE D 76 -3.16 33.65 41.80
CA PHE D 76 -4.06 32.78 42.51
C PHE D 76 -4.63 31.73 41.57
N THR D 77 -5.04 30.60 42.15
CA THR D 77 -5.57 29.50 41.37
C THR D 77 -6.99 29.80 40.90
N THR D 78 -7.45 28.98 39.96
CA THR D 78 -8.79 29.08 39.40
C THR D 78 -9.59 27.85 39.79
N MET D 79 -10.82 28.05 40.25
CA MET D 79 -11.69 26.97 40.68
C MET D 79 -12.62 26.57 39.55
N LEU D 80 -12.75 25.27 39.33
CA LEU D 80 -13.67 24.73 38.34
C LEU D 80 -14.55 23.70 39.01
N ASN D 81 -15.77 23.56 38.50
CA ASN D 81 -16.72 22.64 39.11
C ASN D 81 -17.66 22.09 38.05
N ASN D 82 -18.25 20.93 38.36
CA ASN D 82 -19.21 20.28 37.50
C ASN D 82 -20.30 19.66 38.36
N PHE D 83 -21.48 19.50 37.77
CA PHE D 83 -22.64 18.97 38.46
C PHE D 83 -22.86 17.50 38.11
N CYS D 84 -23.56 16.80 38.99
CA CYS D 84 -23.86 15.40 38.77
C CYS D 84 -25.08 15.24 37.87
N GLN D 85 -25.25 14.03 37.34
CA GLN D 85 -26.31 13.73 36.40
C GLN D 85 -26.83 12.33 36.66
N ILE D 86 -28.14 12.15 36.51
CA ILE D 86 -28.81 10.88 36.78
C ILE D 86 -29.35 10.33 35.46
N SER D 87 -29.03 9.07 35.18
CA SER D 87 -29.54 8.38 34.00
C SER D 87 -30.25 7.10 34.44
N ASP D 88 -31.30 6.74 33.72
CA ASP D 88 -32.09 5.58 34.12
C ASP D 88 -32.73 4.93 32.91
N GLU D 89 -33.23 3.72 33.12
CA GLU D 89 -33.97 2.96 32.13
C GLU D 89 -35.08 2.20 32.83
N THR D 90 -36.24 2.12 32.19
CA THR D 90 -37.39 1.45 32.78
C THR D 90 -37.95 0.43 31.79
N LEU D 91 -38.58 -0.61 32.32
CA LEU D 91 -39.14 -1.67 31.49
C LEU D 91 -40.35 -2.27 32.17
N GLN D 92 -41.39 -2.56 31.39
CA GLN D 92 -42.60 -3.20 31.89
C GLN D 92 -43.04 -4.28 30.90
N VAL D 93 -43.27 -5.48 31.40
CA VAL D 93 -43.67 -6.62 30.57
C VAL D 93 -44.90 -7.27 31.18
N THR D 94 -45.92 -7.50 30.37
CA THR D 94 -47.13 -8.14 30.84
C THR D 94 -46.90 -9.61 31.15
N GLY D 95 -47.77 -10.17 32.00
CA GLY D 95 -47.61 -11.55 32.42
C GLY D 95 -47.77 -12.55 31.30
N THR D 96 -48.64 -12.26 30.34
CA THR D 96 -48.88 -13.19 29.24
C THR D 96 -47.63 -13.40 28.39
N ALA D 97 -46.86 -12.33 28.19
CA ALA D 97 -45.69 -12.40 27.31
C ALA D 97 -44.61 -13.31 27.84
N ASP D 98 -44.67 -13.70 29.11
CA ASP D 98 -43.65 -14.58 29.68
C ASP D 98 -44.05 -16.05 29.70
N LYS D 99 -45.32 -16.36 29.49
CA LYS D 99 -45.78 -17.74 29.54
C LYS D 99 -45.79 -18.40 28.17
N VAL D 100 -46.08 -17.63 27.11
CA VAL D 100 -46.16 -18.20 25.78
C VAL D 100 -44.77 -18.61 25.31
N LYS D 101 -44.72 -19.62 24.44
CA LYS D 101 -43.44 -20.08 23.90
C LYS D 101 -42.92 -19.07 22.88
N LYS D 102 -41.61 -18.87 22.86
CA LYS D 102 -40.97 -17.96 21.92
C LYS D 102 -39.68 -18.59 21.41
N ALA D 103 -39.28 -18.19 20.21
CA ALA D 103 -38.07 -18.70 19.59
C ALA D 103 -36.88 -17.83 19.97
N GLY D 104 -35.88 -18.45 20.57
CA GLY D 104 -34.65 -17.77 20.93
C GLY D 104 -34.62 -17.18 22.32
N ARG D 105 -35.76 -17.14 23.02
CA ARG D 105 -35.80 -16.64 24.38
C ARG D 105 -36.59 -17.60 25.25
N LYS D 106 -36.13 -17.73 26.50
CA LYS D 106 -36.88 -18.44 27.52
C LYS D 106 -37.70 -17.50 28.40
N ASN D 107 -37.23 -16.28 28.59
CA ASN D 107 -37.94 -15.26 29.35
C ASN D 107 -37.71 -13.91 28.69
N GLU D 108 -38.79 -13.22 28.36
CA GLU D 108 -38.67 -11.93 27.66
C GLU D 108 -38.04 -10.88 28.56
N LEU D 109 -38.29 -10.95 29.87
CA LEU D 109 -37.82 -9.92 30.79
C LEU D 109 -36.30 -9.82 30.77
N ALA D 110 -35.60 -10.96 30.83
CA ALA D 110 -34.14 -10.94 30.84
C ALA D 110 -33.59 -10.40 29.53
N TYR D 111 -34.20 -10.79 28.40
CA TYR D 111 -33.75 -10.32 27.10
C TYR D 111 -33.86 -8.80 27.01
N GLN D 112 -35.03 -8.26 27.33
CA GLN D 112 -35.21 -6.82 27.28
C GLN D 112 -34.31 -6.11 28.29
N LEU D 113 -34.10 -6.73 29.46
CA LEU D 113 -33.24 -6.11 30.47
C LEU D 113 -31.80 -6.01 30.00
N ALA D 114 -31.29 -7.06 29.34
CA ALA D 114 -29.93 -7.00 28.81
C ALA D 114 -29.83 -5.93 27.74
N LYS D 115 -30.83 -5.84 26.86
CA LYS D 115 -30.78 -4.81 25.83
C LYS D 115 -30.76 -3.41 26.44
N LYS D 116 -31.61 -3.18 27.46
CA LYS D 116 -31.62 -1.88 28.12
C LYS D 116 -30.32 -1.61 28.87
N SER D 117 -29.70 -2.65 29.43
CA SER D 117 -28.43 -2.47 30.12
C SER D 117 -27.34 -1.99 29.15
N LYS D 118 -27.30 -2.58 27.95
CA LYS D 118 -26.37 -2.08 26.95
C LYS D 118 -26.71 -0.65 26.52
N GLU D 119 -28.01 -0.38 26.35
CA GLU D 119 -28.43 0.95 25.91
C GLU D 119 -28.07 2.01 26.93
N LEU D 120 -28.05 1.67 28.22
CA LEU D 120 -27.70 2.65 29.24
C LEU D 120 -26.25 3.11 29.11
N LYS D 121 -25.33 2.17 28.88
CA LYS D 121 -23.94 2.55 28.66
C LYS D 121 -23.79 3.34 27.37
N LEU D 122 -24.54 2.97 26.33
CA LEU D 122 -24.52 3.77 25.11
C LEU D 122 -24.99 5.20 25.39
N ASP D 123 -26.02 5.35 26.22
CA ASP D 123 -26.51 6.67 26.59
C ASP D 123 -25.45 7.45 27.35
N MET D 124 -24.73 6.79 28.25
CA MET D 124 -23.66 7.47 28.98
C MET D 124 -22.58 7.98 28.03
N GLU D 125 -22.18 7.13 27.07
CA GLU D 125 -21.16 7.56 26.11
C GLU D 125 -21.65 8.75 25.29
N TYR D 126 -22.92 8.70 24.84
CA TYR D 126 -23.48 9.82 24.10
C TYR D 126 -23.52 11.09 24.94
N ALA D 127 -23.85 10.94 26.23
CA ALA D 127 -23.85 12.11 27.11
C ALA D 127 -22.46 12.72 27.20
N MET D 128 -21.43 11.86 27.21
CA MET D 128 -20.08 12.40 27.31
C MET D 128 -19.63 13.08 26.01
N VAL D 129 -19.85 12.46 24.86
CA VAL D 129 -19.28 12.94 23.61
C VAL D 129 -20.28 13.04 22.47
N GLY D 130 -21.56 12.75 22.69
CA GLY D 130 -22.49 12.74 21.59
C GLY D 130 -22.82 14.11 21.04
N ALA D 131 -23.04 15.09 21.91
CA ALA D 131 -23.51 16.40 21.50
C ALA D 131 -23.10 17.41 22.56
N PRO D 132 -23.04 18.70 22.21
CA PRO D 132 -22.70 19.72 23.21
C PRO D 132 -23.73 19.75 24.33
N GLN D 133 -23.25 20.03 25.54
CA GLN D 133 -24.10 20.03 26.73
C GLN D 133 -23.51 20.98 27.75
N ALA D 134 -24.39 21.74 28.42
CA ALA D 134 -23.98 22.68 29.45
C ALA D 134 -24.60 22.27 30.78
N LYS D 135 -23.89 22.56 31.87
CA LYS D 135 -24.34 22.15 33.18
C LYS D 135 -25.51 23.01 33.65
N ILE D 136 -26.46 22.37 34.33
CA ILE D 136 -27.61 23.04 34.92
C ILE D 136 -27.83 22.49 36.31
N GLN D 137 -27.97 23.38 37.30
CA GLN D 137 -28.18 22.94 38.67
C GLN D 137 -29.57 22.37 38.85
N ARG D 138 -29.68 21.31 39.64
CA ARG D 138 -30.94 20.63 39.85
C ARG D 138 -31.76 21.32 40.94
N ASN D 139 -33.07 21.09 40.89
CA ASN D 139 -33.98 21.53 41.95
C ASN D 139 -35.13 20.54 42.00
N THR D 140 -36.24 20.94 42.65
CA THR D 140 -37.37 20.05 42.80
C THR D 140 -38.12 19.79 41.50
N THR D 141 -37.91 20.63 40.49
CA THR D 141 -38.63 20.50 39.22
C THR D 141 -37.73 20.46 38.00
N THR D 142 -36.44 20.74 38.14
CA THR D 142 -35.53 20.80 37.00
C THR D 142 -34.52 19.66 37.09
N PRO D 143 -34.40 18.82 36.07
CA PRO D 143 -33.40 17.75 36.10
C PRO D 143 -31.98 18.31 36.07
N GLY D 144 -31.09 17.61 36.75
CA GLY D 144 -29.69 18.01 36.76
C GLY D 144 -28.98 17.65 35.47
N GLN D 145 -28.08 18.52 35.04
CA GLN D 145 -27.34 18.33 33.80
C GLN D 145 -25.86 18.60 34.05
N MET D 146 -25.02 17.82 33.38
CA MET D 146 -23.58 17.94 33.48
C MET D 146 -23.00 18.49 32.18
N ALA D 147 -21.83 19.10 32.30
CA ALA D 147 -21.15 19.70 31.16
C ALA D 147 -20.13 18.74 30.58
N ASN D 148 -20.11 18.63 29.26
CA ASN D 148 -19.20 17.74 28.55
C ASN D 148 -18.03 18.54 28.00
N ILE D 149 -17.20 17.88 27.18
CA ILE D 149 -15.99 18.49 26.66
C ILE D 149 -16.27 19.72 25.81
N PHE D 150 -17.46 19.82 25.22
CA PHE D 150 -17.77 20.95 24.36
C PHE D 150 -17.93 22.25 25.13
N ALA D 151 -17.99 22.21 26.46
CA ALA D 151 -18.14 23.41 27.26
C ALA D 151 -16.88 23.78 28.04
N TYR D 152 -15.77 23.07 27.83
CA TYR D 152 -14.55 23.34 28.56
C TYR D 152 -13.37 23.71 27.68
N TYR D 153 -13.30 23.20 26.44
CA TYR D 153 -12.15 23.41 25.58
C TYR D 153 -12.37 24.66 24.72
N LYS D 154 -11.53 25.67 24.91
CA LYS D 154 -11.64 26.90 24.16
C LYS D 154 -10.32 27.49 23.67
N THR D 155 -9.17 27.01 24.15
CA THR D 155 -7.90 27.71 23.90
C THR D 155 -7.21 27.21 22.63
N ASN D 156 -6.88 25.92 22.58
CA ASN D 156 -6.05 25.39 21.51
C ASN D 156 -6.84 25.01 20.26
N GLY D 157 -8.17 24.96 20.34
CA GLY D 157 -8.98 24.56 19.21
C GLY D 157 -9.24 25.69 18.24
N SER D 158 -10.07 25.39 17.23
CA SER D 158 -10.47 26.37 16.24
C SER D 158 -11.95 26.17 15.93
N VAL D 159 -12.57 27.24 15.46
CA VAL D 159 -14.00 27.24 15.14
C VAL D 159 -14.19 27.91 13.79
N GLY D 160 -15.32 27.63 13.17
CA GLY D 160 -15.64 28.19 11.86
C GLY D 160 -16.00 29.66 11.95
N ALA D 161 -16.26 30.23 10.77
CA ALA D 161 -16.61 31.64 10.69
C ALA D 161 -17.93 31.92 11.40
N ASN D 162 -18.03 33.10 12.01
CA ASN D 162 -19.20 33.50 12.78
C ASN D 162 -19.50 32.53 13.92
N GLY D 163 -18.47 31.95 14.50
CA GLY D 163 -18.62 31.04 15.62
C GLY D 163 -18.09 31.64 16.90
N THR D 164 -18.67 31.23 18.02
CA THR D 164 -18.30 31.73 19.34
C THR D 164 -17.74 30.60 20.19
N LEU D 165 -16.74 30.93 20.98
CA LEU D 165 -16.11 29.97 21.87
C LEU D 165 -16.82 29.94 23.21
N PRO D 166 -16.77 28.80 23.91
CA PRO D 166 -17.38 28.73 25.25
C PRO D 166 -16.63 29.60 26.25
N THR D 167 -17.34 29.98 27.30
CA THR D 167 -16.75 30.82 28.34
C THR D 167 -15.59 30.09 29.03
N GLY D 168 -15.74 28.80 29.30
CA GLY D 168 -14.71 28.00 29.91
C GLY D 168 -15.06 27.42 31.27
N ASP D 169 -16.13 27.87 31.91
CA ASP D 169 -16.56 27.33 33.19
C ASP D 169 -17.61 26.24 33.05
N GLY D 170 -18.00 25.89 31.83
CA GLY D 170 -19.00 24.88 31.60
C GLY D 170 -20.43 25.37 31.58
N SER D 171 -20.66 26.68 31.72
CA SER D 171 -22.00 27.22 31.75
C SER D 171 -22.62 27.37 30.35
N ASP D 172 -21.81 27.29 29.31
CA ASP D 172 -22.33 27.40 27.94
C ASP D 172 -21.35 26.71 27.00
N THR D 173 -21.83 26.43 25.79
CA THR D 173 -21.04 25.72 24.79
C THR D 173 -20.75 26.56 23.55
N GLY D 174 -21.16 27.81 23.51
CA GLY D 174 -20.93 28.64 22.35
C GLY D 174 -21.89 28.32 21.21
N THR D 175 -21.64 28.95 20.08
CA THR D 175 -22.46 28.80 18.88
C THR D 175 -21.62 28.23 17.75
N ALA D 176 -22.23 27.35 16.96
CA ALA D 176 -21.54 26.72 15.85
C ALA D 176 -21.32 27.72 14.71
N GLY D 177 -20.24 27.49 13.96
CA GLY D 177 -19.89 28.34 12.83
C GLY D 177 -20.13 27.67 11.50
N ASP D 178 -19.64 28.33 10.46
CA ASP D 178 -19.81 27.82 9.10
C ASP D 178 -18.90 26.62 8.86
N LEU D 179 -19.42 25.63 8.15
CA LEU D 179 -18.66 24.42 7.87
C LEU D 179 -17.53 24.71 6.89
N ARG D 180 -16.41 24.02 7.06
CA ARG D 180 -15.25 24.19 6.21
C ARG D 180 -14.59 22.83 5.96
N LEU D 181 -13.88 22.75 4.83
CA LEU D 181 -13.14 21.54 4.50
C LEU D 181 -11.95 21.36 5.42
N LEU D 182 -11.58 20.10 5.67
CA LEU D 182 -10.55 19.77 6.64
C LEU D 182 -9.20 19.57 5.94
N THR D 183 -8.16 20.22 6.46
CA THR D 183 -6.80 20.11 5.95
C THR D 183 -5.85 19.79 7.10
N GLU D 184 -4.60 19.49 6.75
CA GLU D 184 -3.58 19.23 7.77
C GLU D 184 -3.20 20.48 8.55
N ASP D 185 -3.48 21.67 8.00
CA ASP D 185 -3.05 22.90 8.63
C ASP D 185 -3.64 23.06 10.03
N MET D 186 -4.93 22.75 10.19
CA MET D 186 -5.54 22.87 11.50
C MET D 186 -4.97 21.84 12.48
N LEU D 187 -4.65 20.65 12.00
CA LEU D 187 -3.99 19.67 12.87
C LEU D 187 -2.65 20.18 13.35
N LEU D 188 -1.83 20.72 12.43
CA LEU D 188 -0.53 21.24 12.80
C LEU D 188 -0.66 22.42 13.76
N ASN D 189 -1.61 23.31 13.50
CA ASN D 189 -1.81 24.45 14.38
C ASN D 189 -2.25 24.02 15.77
N ALA D 190 -3.14 23.02 15.85
CA ALA D 190 -3.56 22.52 17.15
C ALA D 190 -2.39 21.89 17.90
N SER D 191 -1.56 21.12 17.19
CA SER D 191 -0.39 20.52 17.83
C SER D 191 0.56 21.61 18.35
N GLU D 192 0.79 22.63 17.55
CA GLU D 192 1.65 23.73 17.98
C GLU D 192 1.08 24.46 19.18
N ALA D 193 -0.23 24.70 19.18
CA ALA D 193 -0.86 25.37 20.32
C ALA D 193 -0.75 24.54 21.59
N ILE D 194 -0.97 23.23 21.47
CA ILE D 194 -0.83 22.36 22.63
C ILE D 194 0.60 22.37 23.15
N TRP D 195 1.58 22.33 22.24
CA TRP D 195 2.97 22.34 22.65
C TRP D 195 3.34 23.65 23.34
N ARG D 196 2.81 24.78 22.84
CA ARG D 196 3.13 26.07 23.43
C ARG D 196 2.64 26.17 24.86
N ASN D 197 1.47 25.64 25.15
CA ASN D 197 0.88 25.73 26.48
C ASN D 197 1.38 24.64 27.43
N GLY D 198 2.29 23.79 26.97
CA GLY D 198 2.87 22.77 27.81
C GLY D 198 2.10 21.47 27.90
N GLY D 199 0.98 21.35 27.19
CA GLY D 199 0.21 20.13 27.25
C GLY D 199 0.89 18.98 26.53
N GLN D 200 0.53 17.76 26.95
CA GLN D 200 1.09 16.53 26.37
C GLN D 200 -0.08 15.61 26.01
N ALA D 201 -0.65 15.82 24.83
CA ALA D 201 -1.73 14.98 24.33
C ALA D 201 -1.17 13.96 23.36
N ASN D 202 -1.78 12.77 23.35
CA ASN D 202 -1.32 11.70 22.49
C ASN D 202 -2.43 10.90 21.83
N SER D 203 -3.68 11.35 21.90
CA SER D 203 -4.79 10.62 21.31
C SER D 203 -5.63 11.56 20.46
N ILE D 204 -6.14 11.03 19.35
CA ILE D 204 -7.04 11.75 18.46
C ILE D 204 -8.27 10.90 18.23
N GLN D 205 -9.46 11.48 18.38
CA GLN D 205 -10.71 10.80 18.14
C GLN D 205 -11.61 11.66 17.26
N THR D 206 -12.31 11.01 16.34
CA THR D 206 -13.17 11.72 15.40
C THR D 206 -14.19 10.74 14.85
N SER D 207 -15.06 11.24 13.96
CA SER D 207 -16.11 10.43 13.38
C SER D 207 -15.54 9.49 12.32
N SER D 208 -16.38 8.56 11.86
CA SER D 208 -15.95 7.58 10.87
C SER D 208 -15.66 8.24 9.53
N SER D 209 -16.47 9.24 9.14
CA SER D 209 -16.26 9.89 7.86
C SER D 209 -14.92 10.61 7.80
N ILE D 210 -14.55 11.31 8.87
CA ILE D 210 -13.28 12.00 8.90
C ILE D 210 -12.12 11.01 8.89
N LYS D 211 -12.27 9.90 9.61
CA LYS D 211 -11.22 8.87 9.60
C LYS D 211 -11.06 8.28 8.21
N LYS D 212 -12.16 8.04 7.50
CA LYS D 212 -12.08 7.54 6.14
C LYS D 212 -11.41 8.55 5.21
N ALA D 213 -11.77 9.82 5.34
CA ALA D 213 -11.18 10.85 4.49
C ALA D 213 -9.69 10.98 4.75
N ILE D 214 -9.27 10.83 6.00
CA ILE D 214 -7.85 10.91 6.34
C ILE D 214 -7.07 9.79 5.66
N SER D 215 -7.58 8.56 5.75
CA SER D 215 -6.86 7.43 5.18
C SER D 215 -6.88 7.45 3.66
N LYS D 216 -7.99 7.91 3.06
CA LYS D 216 -8.10 7.91 1.61
C LYS D 216 -7.03 8.80 0.97
N ASN D 217 -6.84 9.99 1.50
CA ASN D 217 -5.84 10.91 0.94
C ASN D 217 -5.35 11.82 2.06
N MET D 218 -4.19 11.47 2.64
CA MET D 218 -3.56 12.29 3.66
C MET D 218 -2.30 12.94 3.14
N LYS D 219 -1.33 12.15 2.66
CA LYS D 219 -0.15 12.65 1.95
C LYS D 219 0.57 13.74 2.74
N GLY D 220 1.11 13.34 3.89
CA GLY D 220 1.82 14.28 4.74
C GLY D 220 3.25 14.48 4.27
N ARG D 221 3.60 15.70 3.88
CA ARG D 221 4.94 16.13 3.49
C ARG D 221 5.43 15.50 2.19
N ALA D 222 4.66 14.61 1.58
CA ALA D 222 5.09 13.94 0.35
C ALA D 222 4.37 14.53 -0.85
N THR D 223 5.00 14.42 -2.01
CA THR D 223 4.42 14.84 -3.27
C THR D 223 4.09 13.68 -4.19
N GLU D 224 4.45 12.45 -3.81
CA GLU D 224 4.19 11.29 -4.64
C GLU D 224 4.25 10.05 -3.76
N ILE D 225 3.23 9.20 -3.87
CA ILE D 225 3.13 7.97 -3.10
C ILE D 225 3.36 6.80 -4.05
N THR D 226 4.30 5.93 -3.68
CA THR D 226 4.72 4.81 -4.53
C THR D 226 4.39 3.48 -3.86
N LEU D 227 4.15 2.48 -4.70
CA LEU D 227 3.87 1.13 -4.27
C LEU D 227 4.65 0.16 -5.15
N ASP D 228 5.17 -0.90 -4.54
CA ASP D 228 5.88 -1.90 -5.32
C ASP D 228 4.92 -2.66 -6.22
N ALA D 229 5.34 -2.89 -7.47
CA ALA D 229 4.49 -3.60 -8.42
C ALA D 229 4.32 -5.07 -8.05
N SER D 230 5.33 -5.66 -7.41
CA SER D 230 5.25 -7.06 -7.01
C SER D 230 4.50 -7.27 -5.70
N ASP D 231 4.11 -6.20 -5.03
CA ASP D 231 3.34 -6.33 -3.80
C ASP D 231 1.94 -6.84 -4.09
N ASN D 232 1.45 -7.75 -3.27
CA ASN D 232 0.15 -8.38 -3.47
C ASN D 232 -0.90 -7.92 -2.45
N ARG D 233 -0.59 -6.90 -1.66
CA ARG D 233 -1.49 -6.41 -0.63
C ARG D 233 -1.78 -4.93 -0.85
N ILE D 234 -3.05 -4.56 -0.79
CA ILE D 234 -3.49 -3.18 -0.94
C ILE D 234 -4.01 -2.71 0.40
N ALA D 235 -3.46 -1.62 0.92
CA ALA D 235 -3.82 -1.11 2.24
C ALA D 235 -4.10 0.38 2.16
N GLN D 236 -5.15 0.82 2.87
CA GLN D 236 -5.50 2.22 3.00
C GLN D 236 -5.70 2.48 4.50
N THR D 237 -4.60 2.78 5.20
CA THR D 237 -4.66 2.92 6.65
C THR D 237 -3.64 3.95 7.09
N VAL D 238 -4.10 4.97 7.80
CA VAL D 238 -3.24 5.97 8.44
C VAL D 238 -3.63 6.02 9.91
N ASP D 239 -2.69 5.66 10.79
CA ASP D 239 -2.98 5.54 12.21
C ASP D 239 -2.14 6.46 13.09
N VAL D 240 -0.90 6.74 12.72
CA VAL D 240 0.02 7.51 13.56
C VAL D 240 0.37 8.80 12.83
N TYR D 241 0.22 9.92 13.53
CA TYR D 241 0.63 11.23 13.04
C TYR D 241 1.77 11.75 13.89
N GLU D 242 2.80 12.28 13.26
CA GLU D 242 3.97 12.79 13.95
C GLU D 242 4.26 14.20 13.48
N SER D 243 4.87 14.99 14.36
CA SER D 243 5.24 16.35 14.05
C SER D 243 6.37 16.76 14.99
N ASP D 244 6.80 18.01 14.88
CA ASP D 244 7.83 18.54 15.75
C ASP D 244 7.36 18.69 17.19
N PHE D 245 6.07 18.56 17.46
CA PHE D 245 5.51 18.89 18.76
C PHE D 245 4.82 17.74 19.47
N GLY D 246 4.60 16.61 18.82
CA GLY D 246 3.97 15.49 19.51
C GLY D 246 3.69 14.34 18.57
N LYS D 247 3.24 13.24 19.15
CA LYS D 247 2.89 12.03 18.43
C LYS D 247 1.47 11.63 18.82
N TYR D 248 0.64 11.33 17.81
CA TYR D 248 -0.76 11.03 18.06
C TYR D 248 -1.17 9.77 17.32
N THR D 249 -2.14 9.06 17.88
CA THR D 249 -2.77 7.92 17.23
C THR D 249 -4.22 8.28 16.91
N ILE D 250 -4.65 7.95 15.69
CA ILE D 250 -5.97 8.34 15.19
C ILE D 250 -6.89 7.13 15.27
N ARG D 251 -8.07 7.34 15.84
CA ARG D 251 -9.07 6.29 15.99
C ARG D 251 -10.44 6.85 15.66
N ALA D 252 -11.35 5.97 15.24
CA ALA D 252 -12.70 6.36 14.86
C ALA D 252 -13.68 5.94 15.95
N ASN D 253 -14.58 6.86 16.30
CA ASN D 253 -15.60 6.62 17.32
C ASN D 253 -16.97 6.60 16.67
N ARG D 254 -17.74 5.54 16.95
CA ARG D 254 -19.07 5.41 16.36
C ARG D 254 -20.01 6.51 16.82
N TRP D 255 -19.96 6.88 18.09
CA TRP D 255 -20.93 7.79 18.69
C TRP D 255 -20.44 9.23 18.73
N PHE D 256 -19.28 9.52 18.14
CA PHE D 256 -18.74 10.86 18.21
C PHE D 256 -19.62 11.84 17.42
N HIS D 257 -19.64 13.09 17.89
CA HIS D 257 -20.38 14.14 17.21
C HIS D 257 -19.82 14.36 15.81
N GLU D 258 -20.72 14.59 14.86
CA GLU D 258 -20.31 14.79 13.48
C GLU D 258 -19.59 16.12 13.31
N ASN D 259 -18.64 16.15 12.36
CA ASN D 259 -17.88 17.36 12.03
C ASN D 259 -17.12 17.89 13.25
N THR D 260 -16.39 16.99 13.91
CA THR D 260 -15.65 17.37 15.11
C THR D 260 -14.47 16.43 15.30
N MET D 261 -13.33 16.98 15.71
CA MET D 261 -12.16 16.19 16.05
C MET D 261 -11.66 16.61 17.44
N PHE D 262 -11.15 15.64 18.19
CA PHE D 262 -10.72 15.88 19.57
C PHE D 262 -9.32 15.33 19.75
N ILE D 263 -8.38 16.19 20.09
CA ILE D 263 -7.02 15.80 20.44
C ILE D 263 -6.87 15.94 21.94
N PHE D 264 -6.51 14.87 22.62
CA PHE D 264 -6.57 14.84 24.07
C PHE D 264 -5.56 13.85 24.64
N ASP D 265 -5.34 13.99 25.95
CA ASP D 265 -4.54 13.07 26.74
C ASP D 265 -5.45 12.33 27.70
N PRO D 266 -5.54 11.00 27.62
CA PRO D 266 -6.50 10.28 28.48
C PRO D 266 -6.26 10.44 29.97
N LYS D 267 -5.03 10.76 30.38
CA LYS D 267 -4.73 10.88 31.81
C LYS D 267 -5.36 12.10 32.45
N MET D 268 -5.91 13.03 31.67
CA MET D 268 -6.44 14.29 32.19
C MET D 268 -7.96 14.33 32.17
N HIS D 269 -8.62 13.16 32.16
CA HIS D 269 -10.07 13.10 32.14
C HIS D 269 -10.54 11.98 33.06
N ALA D 270 -11.54 12.29 33.89
CA ALA D 270 -12.05 11.31 34.84
C ALA D 270 -13.57 11.27 34.78
N LEU D 271 -14.11 10.09 35.03
CA LEU D 271 -15.55 9.88 35.18
C LEU D 271 -15.79 9.49 36.63
N CYS D 272 -16.49 10.35 37.36
CA CYS D 272 -16.69 10.17 38.80
C CYS D 272 -18.11 9.66 39.03
N TYR D 273 -18.23 8.52 39.70
CA TYR D 273 -19.52 7.90 39.98
C TYR D 273 -19.98 8.31 41.36
N LEU D 274 -21.09 9.06 41.42
CA LEU D 274 -21.70 9.32 42.72
C LEU D 274 -22.43 8.08 43.24
N ARG D 275 -23.14 7.40 42.34
CA ARG D 275 -23.77 6.11 42.63
C ARG D 275 -23.48 5.17 41.46
N PRO D 276 -22.77 4.08 41.69
CA PRO D 276 -22.48 3.14 40.60
C PRO D 276 -23.76 2.53 40.07
N PHE D 277 -23.67 2.05 38.83
CA PHE D 277 -24.84 1.51 38.14
C PHE D 277 -25.47 0.38 38.97
N PHE D 278 -26.79 0.44 39.12
CA PHE D 278 -27.50 -0.59 39.88
C PHE D 278 -28.91 -0.71 39.31
N GLN D 279 -29.67 -1.66 39.85
CA GLN D 279 -31.01 -1.92 39.35
C GLN D 279 -31.88 -2.44 40.47
N HIS D 280 -33.20 -2.28 40.31
CA HIS D 280 -34.16 -2.80 41.26
C HIS D 280 -35.50 -2.96 40.57
N GLU D 281 -36.39 -3.71 41.21
CA GLU D 281 -37.72 -3.95 40.69
C GLU D 281 -38.75 -3.09 41.42
N LEU D 282 -39.79 -2.70 40.70
CA LEU D 282 -40.80 -1.80 41.21
C LEU D 282 -42.00 -2.57 41.72
N ALA D 283 -42.95 -1.82 42.30
CA ALA D 283 -44.14 -2.44 42.88
C ALA D 283 -45.07 -2.96 41.79
N LYS D 284 -45.76 -4.05 42.10
CA LYS D 284 -46.69 -4.66 41.16
C LYS D 284 -48.04 -3.96 41.25
N THR D 285 -48.59 -3.55 40.12
CA THR D 285 -49.89 -2.92 40.06
C THR D 285 -50.91 -3.70 39.27
N GLY D 286 -50.50 -4.74 38.54
CA GLY D 286 -51.42 -5.56 37.77
C GLY D 286 -50.79 -6.85 37.32
N ASP D 287 -51.15 -7.30 36.13
CA ASP D 287 -50.58 -8.53 35.56
C ASP D 287 -49.36 -8.18 34.72
N SER D 288 -48.35 -7.62 35.40
CA SER D 288 -47.14 -7.20 34.71
C SER D 288 -46.00 -7.10 35.73
N GLU D 289 -44.79 -7.06 35.20
CA GLU D 289 -43.57 -6.89 35.99
C GLU D 289 -42.83 -5.65 35.50
N LYS D 290 -42.20 -4.95 36.44
CA LYS D 290 -41.50 -3.70 36.15
C LYS D 290 -40.08 -3.76 36.68
N ARG D 291 -39.14 -3.21 35.91
CA ARG D 291 -37.73 -3.16 36.26
C ARG D 291 -37.19 -1.77 35.99
N GLN D 292 -36.23 -1.36 36.81
CA GLN D 292 -35.58 -0.06 36.66
C GLN D 292 -34.08 -0.20 36.88
N LEU D 293 -33.31 0.52 36.07
CA LEU D 293 -31.85 0.59 36.20
C LEU D 293 -31.46 2.06 36.32
N LEU D 294 -30.49 2.34 37.19
CA LEU D 294 -30.12 3.71 37.52
C LEU D 294 -28.60 3.85 37.61
N VAL D 295 -28.13 5.07 37.33
CA VAL D 295 -26.73 5.42 37.50
C VAL D 295 -26.65 6.93 37.70
N GLU D 296 -25.61 7.37 38.41
CA GLU D 296 -25.42 8.78 38.72
C GLU D 296 -23.93 9.11 38.62
N TYR D 297 -23.59 10.03 37.72
CA TYR D 297 -22.20 10.22 37.34
C TYR D 297 -21.93 11.68 37.01
N THR D 298 -20.64 12.01 36.87
CA THR D 298 -20.20 13.32 36.41
C THR D 298 -18.85 13.15 35.74
N LEU D 299 -18.43 14.20 35.02
CA LEU D 299 -17.18 14.17 34.27
C LEU D 299 -16.28 15.32 34.71
N ARG D 300 -15.01 15.02 34.96
CA ARG D 300 -14.03 16.00 35.35
C ARG D 300 -12.95 16.13 34.29
N VAL D 301 -12.71 17.36 33.85
CA VAL D 301 -11.65 17.69 32.91
C VAL D 301 -10.59 18.45 33.70
N ASN D 302 -9.40 17.87 33.81
CA ASN D 302 -8.37 18.42 34.69
C ASN D 302 -7.91 19.79 34.22
N ASN D 303 -7.57 19.92 32.94
CA ASN D 303 -7.07 21.19 32.42
C ASN D 303 -7.34 21.23 30.92
N GLU D 304 -8.07 22.26 30.47
CA GLU D 304 -8.42 22.37 29.06
C GLU D 304 -7.25 22.79 28.18
N LYS D 305 -6.13 23.21 28.76
CA LYS D 305 -4.99 23.65 27.98
C LYS D 305 -4.12 22.50 27.49
N SER D 306 -4.44 21.27 27.84
CA SER D 306 -3.67 20.10 27.44
C SER D 306 -4.28 19.38 26.24
N GLY D 307 -5.28 19.97 25.58
CA GLY D 307 -5.92 19.35 24.45
C GLY D 307 -6.53 20.39 23.53
N ALA D 308 -7.08 19.92 22.42
CA ALA D 308 -7.70 20.79 21.43
C ALA D 308 -8.97 20.15 20.89
N LEU D 309 -9.92 21.00 20.51
CA LEU D 309 -11.20 20.55 19.96
C LEU D 309 -11.46 21.35 18.68
N ILE D 310 -11.45 20.66 17.55
CA ILE D 310 -11.68 21.28 16.25
C ILE D 310 -13.12 21.04 15.85
N ARG D 311 -13.85 22.10 15.56
CA ARG D 311 -15.28 22.05 15.28
C ARG D 311 -15.56 22.57 13.89
N ASP D 312 -16.70 22.14 13.34
CA ASP D 312 -17.19 22.58 12.03
C ASP D 312 -16.18 22.26 10.93
N VAL D 313 -15.77 21.00 10.87
CA VAL D 313 -14.85 20.52 9.84
C VAL D 313 -15.57 19.42 9.05
N VAL D 314 -15.61 19.57 7.74
CA VAL D 314 -16.29 18.63 6.86
C VAL D 314 -15.24 17.81 6.10
N ALA D 315 -15.42 16.49 6.12
CA ALA D 315 -14.50 15.59 5.44
C ALA D 315 -14.96 15.37 4.00
N GLN D 316 -14.13 15.79 3.05
CA GLN D 316 -14.40 15.62 1.62
C GLN D 316 -15.73 16.27 1.24
N VAL D 317 -15.85 17.55 1.59
CA VAL D 317 -17.03 18.41 1.36
C VAL D 317 -18.37 17.66 1.42
N MET E 1 4.03 -48.46 -56.45
CA MET E 1 5.28 -47.95 -57.02
C MET E 1 6.43 -48.21 -56.05
N ALA E 2 6.10 -48.27 -54.77
CA ALA E 2 7.06 -48.54 -53.72
C ALA E 2 6.92 -49.98 -53.27
N THR E 3 7.82 -50.39 -52.38
CA THR E 3 7.95 -51.76 -51.86
C THR E 3 8.30 -52.72 -52.99
N PRO E 4 9.21 -53.66 -52.77
CA PRO E 4 9.66 -54.53 -53.86
C PRO E 4 8.57 -55.48 -54.34
N THR E 5 7.55 -54.93 -55.00
CA THR E 5 6.41 -55.69 -55.52
C THR E 5 5.81 -56.59 -54.46
N ASN E 6 6.14 -57.89 -54.51
CA ASN E 6 5.57 -58.86 -53.60
C ASN E 6 6.26 -58.82 -52.25
N ALA E 7 6.27 -57.66 -51.61
CA ALA E 7 6.90 -57.49 -50.31
C ALA E 7 5.85 -57.56 -49.22
N VAL E 8 6.13 -58.33 -48.18
CA VAL E 8 5.20 -58.47 -47.06
C VAL E 8 5.24 -57.20 -46.24
N SER E 9 4.18 -56.38 -46.36
CA SER E 9 4.13 -55.10 -45.67
C SER E 9 2.95 -55.03 -44.71
N THR E 10 2.78 -53.90 -44.04
CA THR E 10 1.71 -53.77 -43.05
C THR E 10 0.32 -53.84 -43.67
N VAL E 11 0.22 -53.65 -44.98
CA VAL E 11 -1.08 -53.72 -45.65
C VAL E 11 -1.58 -55.16 -45.68
N GLU E 12 -0.69 -56.12 -45.94
CA GLU E 12 -1.11 -57.51 -46.08
C GLU E 12 -1.27 -58.22 -44.75
N ILE E 13 -0.61 -57.74 -43.70
CA ILE E 13 -0.68 -58.41 -42.40
C ILE E 13 -2.10 -58.37 -41.87
N ASN E 14 -2.58 -59.51 -41.39
CA ASN E 14 -3.87 -59.63 -40.75
C ASN E 14 -3.69 -59.98 -39.28
N GLY E 15 -4.64 -59.56 -38.46
CA GLY E 15 -4.54 -59.79 -37.03
C GLY E 15 -3.60 -58.86 -36.31
N LYS E 16 -3.43 -57.64 -36.80
CA LYS E 16 -2.62 -56.65 -36.11
C LYS E 16 -3.38 -56.09 -34.92
N ARG E 17 -2.84 -56.27 -33.72
CA ARG E 17 -3.49 -55.82 -32.52
C ARG E 17 -3.45 -54.29 -32.42
N GLU E 18 -4.58 -53.71 -32.04
CA GLU E 18 -4.66 -52.28 -31.82
C GLU E 18 -4.00 -51.91 -30.50
N ASP E 19 -3.59 -50.64 -30.38
CA ASP E 19 -2.97 -50.12 -29.18
C ASP E 19 -3.84 -48.99 -28.64
N LEU E 20 -4.67 -49.29 -27.66
CA LEU E 20 -5.49 -48.30 -26.99
C LEU E 20 -5.05 -48.23 -25.53
N ILE E 21 -4.58 -47.05 -25.11
CA ILE E 21 -4.08 -46.90 -23.75
C ILE E 21 -5.24 -46.94 -22.77
N ASP E 22 -4.92 -47.32 -21.53
CA ASP E 22 -5.92 -47.50 -20.49
C ASP E 22 -6.12 -46.28 -19.61
N ILE E 23 -5.90 -45.09 -20.16
CA ILE E 23 -6.02 -43.84 -19.40
C ILE E 23 -6.96 -42.91 -20.15
N ILE E 24 -7.91 -42.32 -19.43
CA ILE E 24 -8.80 -41.30 -19.97
C ILE E 24 -8.42 -39.97 -19.33
N TYR E 25 -8.16 -38.97 -20.17
CA TYR E 25 -7.68 -37.68 -19.71
C TYR E 25 -8.87 -36.75 -19.47
N ASN E 26 -9.19 -36.52 -18.19
CA ASN E 26 -10.25 -35.60 -17.81
C ASN E 26 -9.67 -34.61 -16.80
N ILE E 27 -9.80 -33.32 -17.10
CA ILE E 27 -9.22 -32.28 -16.26
C ILE E 27 -10.26 -31.21 -15.95
N ALA E 28 -11.53 -31.53 -16.17
CA ALA E 28 -12.59 -30.57 -15.90
C ALA E 28 -12.68 -30.30 -14.40
N PRO E 29 -12.75 -29.05 -13.98
CA PRO E 29 -12.85 -28.75 -12.56
C PRO E 29 -14.27 -28.89 -12.05
N TYR E 30 -14.39 -29.29 -10.78
CA TYR E 30 -15.69 -29.50 -10.16
C TYR E 30 -15.71 -28.98 -8.72
N ASP E 31 -14.94 -27.95 -8.42
CA ASP E 31 -14.89 -27.40 -7.07
C ASP E 31 -16.01 -26.40 -6.84
N THR E 32 -16.48 -26.33 -5.60
CA THR E 32 -17.56 -25.43 -5.19
C THR E 32 -17.08 -24.65 -3.97
N PRO E 33 -16.37 -23.53 -4.18
CA PRO E 33 -15.82 -22.80 -3.04
C PRO E 33 -16.86 -22.19 -2.13
N PHE E 34 -17.89 -21.55 -2.67
CA PHE E 34 -18.89 -20.90 -1.83
C PHE E 34 -19.66 -21.91 -1.00
N MET E 35 -20.04 -23.04 -1.60
CA MET E 35 -20.75 -24.07 -0.85
C MET E 35 -19.87 -24.65 0.25
N THR E 36 -18.57 -24.78 -0.03
CA THR E 36 -17.66 -25.33 0.97
C THR E 36 -17.43 -24.33 2.12
N ALA E 37 -17.46 -23.04 1.83
CA ALA E 37 -17.15 -22.05 2.85
C ALA E 37 -18.27 -21.92 3.88
N ILE E 38 -19.52 -21.89 3.43
CA ILE E 38 -20.66 -21.60 4.31
C ILE E 38 -20.98 -22.81 5.16
N GLY E 39 -21.84 -22.63 6.15
CA GLY E 39 -22.15 -23.70 7.08
C GLY E 39 -23.26 -24.61 6.59
N LYS E 40 -23.49 -25.67 7.36
CA LYS E 40 -24.54 -26.65 7.07
C LYS E 40 -25.63 -26.59 8.14
N GLY E 41 -26.82 -27.05 7.76
CA GLY E 41 -27.93 -27.05 8.69
C GLY E 41 -29.03 -27.96 8.21
N VAL E 42 -30.04 -28.12 9.07
CA VAL E 42 -31.15 -29.02 8.85
C VAL E 42 -32.44 -28.21 8.76
N ALA E 43 -33.28 -28.56 7.77
CA ALA E 43 -34.60 -27.98 7.62
C ALA E 43 -35.64 -29.06 7.78
N THR E 44 -36.73 -28.73 8.48
CA THR E 44 -37.78 -29.70 8.77
C THR E 44 -39.12 -29.34 8.13
N ALA E 45 -39.15 -28.36 7.23
CA ALA E 45 -40.39 -27.95 6.59
C ALA E 45 -40.08 -27.32 5.24
N ILE E 46 -41.12 -27.09 4.46
CA ILE E 46 -40.96 -26.42 3.18
C ILE E 46 -40.49 -24.99 3.37
N THR E 47 -40.98 -24.32 4.41
CA THR E 47 -40.61 -22.95 4.72
C THR E 47 -39.68 -22.93 5.93
N HIS E 48 -38.56 -22.22 5.79
CA HIS E 48 -37.55 -22.12 6.84
C HIS E 48 -37.47 -20.67 7.30
N GLU E 49 -37.59 -20.43 8.61
CA GLU E 49 -37.72 -19.09 9.14
C GLU E 49 -36.69 -18.83 10.24
N TRP E 50 -36.28 -17.56 10.36
CA TRP E 50 -35.35 -17.13 11.40
C TRP E 50 -35.63 -15.67 11.74
N GLN E 51 -34.88 -15.16 12.71
CA GLN E 51 -35.14 -13.85 13.30
C GLN E 51 -33.88 -12.99 13.32
N THR E 52 -34.08 -11.67 13.30
CA THR E 52 -33.01 -10.70 13.43
C THR E 52 -33.43 -9.62 14.44
N ASP E 53 -32.44 -8.89 14.96
CA ASP E 53 -32.71 -7.87 15.96
C ASP E 53 -31.64 -6.79 15.87
N GLU E 54 -31.91 -5.65 16.51
CA GLU E 54 -31.02 -4.49 16.49
C GLU E 54 -31.26 -3.68 17.76
N LEU E 55 -30.48 -2.61 17.92
CA LEU E 55 -30.50 -1.78 19.14
C LEU E 55 -31.05 -0.39 18.82
N ARG E 56 -31.00 0.49 19.82
CA ARG E 56 -31.63 1.80 19.77
C ARG E 56 -30.58 2.90 19.90
N GLN E 57 -30.84 4.02 19.22
CA GLN E 57 -29.92 5.15 19.27
C GLN E 57 -30.02 5.88 20.61
N PRO E 58 -28.92 6.52 21.05
CA PRO E 58 -28.94 7.24 22.33
C PRO E 58 -29.44 8.68 22.19
N GLY E 59 -30.37 9.09 23.06
CA GLY E 59 -30.97 10.40 22.94
C GLY E 59 -30.47 11.51 23.85
N LYS E 60 -30.44 11.28 25.16
CA LYS E 60 -30.18 12.36 26.12
C LYS E 60 -30.11 11.83 27.54
N ASN E 61 -31.24 11.35 28.06
CA ASN E 61 -31.32 10.65 29.34
C ASN E 61 -30.88 11.54 30.50
N THR E 62 -31.65 12.59 30.72
CA THR E 62 -31.61 13.37 31.96
C THR E 62 -32.91 13.15 32.71
N ARG E 63 -32.81 12.87 34.01
CA ARG E 63 -33.97 12.58 34.84
C ARG E 63 -33.96 13.46 36.07
N VAL E 64 -35.14 13.58 36.68
CA VAL E 64 -35.35 14.39 37.87
C VAL E 64 -35.19 13.51 39.11
N GLU E 65 -34.67 14.12 40.18
CA GLU E 65 -34.34 13.40 41.40
C GLU E 65 -35.59 12.93 42.11
N GLY E 66 -35.66 11.63 42.41
CA GLY E 66 -36.82 11.07 43.04
C GLY E 66 -38.06 11.00 42.17
N GLU E 67 -37.92 11.18 40.86
CA GLU E 67 -39.05 11.22 39.96
C GLU E 67 -39.78 9.88 39.96
N ASP E 68 -41.10 9.96 39.80
CA ASP E 68 -41.89 8.77 39.55
C ASP E 68 -41.50 8.20 38.20
N ALA E 69 -41.35 6.87 38.14
CA ALA E 69 -40.86 6.22 36.93
C ALA E 69 -41.87 6.30 35.79
N THR E 70 -41.37 6.60 34.58
CA THR E 70 -42.15 6.53 33.36
C THR E 70 -41.59 5.42 32.48
N ILE E 71 -42.48 4.72 31.79
CA ILE E 71 -42.10 3.54 31.02
C ILE E 71 -41.81 3.93 29.58
N LYS E 72 -40.63 3.54 29.09
CA LYS E 72 -40.26 3.73 27.70
C LYS E 72 -40.37 2.40 26.95
N ALA E 73 -40.79 2.47 25.69
CA ALA E 73 -41.04 1.28 24.91
C ALA E 73 -39.73 0.57 24.55
N GLY E 74 -39.83 -0.73 24.32
CA GLY E 74 -38.69 -1.54 23.95
C GLY E 74 -38.55 -1.70 22.45
N SER E 75 -37.82 -2.74 22.06
CA SER E 75 -37.59 -3.05 20.67
C SER E 75 -37.90 -4.52 20.41
N PHE E 76 -38.25 -4.83 19.17
CA PHE E 76 -38.71 -6.15 18.80
C PHE E 76 -37.97 -6.65 17.57
N THR E 77 -38.08 -7.96 17.33
CA THR E 77 -37.32 -8.64 16.30
C THR E 77 -38.04 -8.56 14.94
N THR E 78 -37.36 -9.09 13.92
CA THR E 78 -37.90 -9.15 12.57
C THR E 78 -37.78 -10.58 12.05
N MET E 79 -38.76 -10.98 11.25
CA MET E 79 -38.90 -12.34 10.75
C MET E 79 -38.43 -12.41 9.30
N LEU E 80 -37.73 -13.50 8.97
CA LEU E 80 -37.34 -13.78 7.59
C LEU E 80 -37.56 -15.26 7.31
N ASN E 81 -37.76 -15.58 6.03
CA ASN E 81 -38.06 -16.95 5.65
C ASN E 81 -37.62 -17.21 4.21
N ASN E 82 -37.51 -18.49 3.88
CA ASN E 82 -37.12 -18.94 2.55
C ASN E 82 -37.80 -20.27 2.26
N PHE E 83 -37.92 -20.59 0.98
CA PHE E 83 -38.54 -21.82 0.54
C PHE E 83 -37.48 -22.86 0.19
N CYS E 84 -37.96 -24.07 -0.12
CA CYS E 84 -37.09 -25.20 -0.43
C CYS E 84 -37.05 -25.46 -1.92
N GLN E 85 -35.99 -26.14 -2.35
CA GLN E 85 -35.72 -26.41 -3.75
C GLN E 85 -35.31 -27.86 -3.91
N ILE E 86 -35.73 -28.47 -5.02
CA ILE E 86 -35.46 -29.87 -5.31
C ILE E 86 -34.52 -29.94 -6.51
N SER E 87 -33.56 -30.86 -6.46
CA SER E 87 -32.68 -31.12 -7.59
C SER E 87 -32.49 -32.61 -7.73
N ASP E 88 -32.37 -33.08 -8.98
CA ASP E 88 -32.32 -34.51 -9.23
C ASP E 88 -31.56 -34.80 -10.51
N GLU E 89 -31.28 -36.08 -10.71
CA GLU E 89 -30.59 -36.57 -11.90
C GLU E 89 -30.97 -38.04 -12.09
N THR E 90 -31.08 -38.46 -13.35
CA THR E 90 -31.49 -39.82 -13.67
C THR E 90 -30.49 -40.45 -14.63
N LEU E 91 -30.39 -41.78 -14.58
CA LEU E 91 -29.47 -42.49 -15.44
C LEU E 91 -29.96 -43.91 -15.67
N GLN E 92 -29.74 -44.42 -16.88
CA GLN E 92 -30.07 -45.80 -17.22
C GLN E 92 -28.98 -46.40 -18.07
N VAL E 93 -28.57 -47.62 -17.75
CA VAL E 93 -27.48 -48.31 -18.43
C VAL E 93 -27.90 -49.75 -18.67
N THR E 94 -27.70 -50.24 -19.90
CA THR E 94 -28.05 -51.61 -20.22
C THR E 94 -27.07 -52.59 -19.57
N GLY E 95 -27.54 -53.82 -19.37
CA GLY E 95 -26.74 -54.81 -18.68
C GLY E 95 -25.52 -55.25 -19.47
N THR E 96 -25.67 -55.38 -20.79
CA THR E 96 -24.57 -55.89 -21.61
C THR E 96 -23.42 -54.90 -21.70
N ALA E 97 -23.70 -53.59 -21.60
CA ALA E 97 -22.64 -52.60 -21.65
C ALA E 97 -21.74 -52.65 -20.42
N ASP E 98 -22.21 -53.22 -19.32
CA ASP E 98 -21.40 -53.29 -18.11
C ASP E 98 -20.33 -54.38 -18.19
N LYS E 99 -20.56 -55.42 -18.96
CA LYS E 99 -19.67 -56.57 -18.97
C LYS E 99 -18.59 -56.50 -20.03
N VAL E 100 -18.84 -55.79 -21.14
CA VAL E 100 -17.86 -55.74 -22.21
C VAL E 100 -16.59 -55.04 -21.73
N LYS E 101 -15.45 -55.48 -22.27
CA LYS E 101 -14.17 -54.91 -21.88
C LYS E 101 -14.02 -53.52 -22.47
N LYS E 102 -13.63 -52.56 -21.63
CA LYS E 102 -13.49 -51.17 -22.04
C LYS E 102 -12.17 -50.62 -21.52
N ALA E 103 -11.68 -49.59 -22.19
CA ALA E 103 -10.41 -48.97 -21.83
C ALA E 103 -10.64 -47.82 -20.86
N GLY E 104 -9.92 -47.84 -19.74
CA GLY E 104 -10.00 -46.78 -18.76
C GLY E 104 -11.06 -46.96 -17.68
N ARG E 105 -11.86 -48.01 -17.75
CA ARG E 105 -12.90 -48.22 -16.75
C ARG E 105 -13.25 -49.69 -16.67
N LYS E 106 -13.84 -50.09 -15.55
CA LYS E 106 -14.32 -51.44 -15.33
C LYS E 106 -15.84 -51.56 -15.43
N ASN E 107 -16.58 -50.64 -14.80
CA ASN E 107 -18.03 -50.65 -14.80
C ASN E 107 -18.54 -49.30 -15.27
N GLU E 108 -19.44 -49.32 -16.25
CA GLU E 108 -19.94 -48.07 -16.82
C GLU E 108 -20.85 -47.34 -15.83
N LEU E 109 -21.62 -48.07 -15.04
CA LEU E 109 -22.59 -47.46 -14.15
C LEU E 109 -21.92 -46.55 -13.13
N ALA E 110 -20.82 -47.02 -12.53
CA ALA E 110 -20.11 -46.21 -11.55
C ALA E 110 -19.53 -44.94 -12.18
N TYR E 111 -18.96 -45.09 -13.38
CA TYR E 111 -18.42 -43.94 -14.10
C TYR E 111 -19.50 -42.88 -14.33
N GLN E 112 -20.63 -43.28 -14.89
CA GLN E 112 -21.71 -42.34 -15.14
C GLN E 112 -22.25 -41.76 -13.85
N LEU E 113 -22.35 -42.58 -12.79
CA LEU E 113 -22.87 -42.09 -11.52
C LEU E 113 -21.98 -41.02 -10.93
N ALA E 114 -20.65 -41.23 -10.98
CA ALA E 114 -19.73 -40.22 -10.47
C ALA E 114 -19.84 -38.93 -11.27
N LYS E 115 -19.93 -39.04 -12.60
CA LYS E 115 -20.07 -37.84 -13.41
C LYS E 115 -21.35 -37.09 -13.07
N LYS E 116 -22.46 -37.81 -12.90
CA LYS E 116 -23.73 -37.17 -12.59
C LYS E 116 -23.70 -36.55 -11.20
N SER E 117 -23.03 -37.18 -10.24
CA SER E 117 -22.92 -36.59 -8.91
C SER E 117 -22.16 -35.28 -8.94
N LYS E 118 -21.04 -35.25 -9.68
CA LYS E 118 -20.30 -34.00 -9.82
C LYS E 118 -21.14 -32.92 -10.49
N GLU E 119 -21.88 -33.31 -11.54
CA GLU E 119 -22.74 -32.34 -12.23
C GLU E 119 -23.82 -31.82 -11.30
N LEU E 120 -24.39 -32.68 -10.46
CA LEU E 120 -25.43 -32.25 -9.52
C LEU E 120 -24.87 -31.28 -8.50
N LYS E 121 -23.66 -31.55 -7.98
CA LYS E 121 -23.05 -30.60 -7.05
C LYS E 121 -22.81 -29.25 -7.72
N LEU E 122 -22.33 -29.27 -8.96
CA LEU E 122 -22.15 -28.02 -9.70
C LEU E 122 -23.48 -27.30 -9.88
N ASP E 123 -24.55 -28.05 -10.12
CA ASP E 123 -25.87 -27.43 -10.29
C ASP E 123 -26.33 -26.76 -9.00
N MET E 124 -26.10 -27.41 -7.85
CA MET E 124 -26.46 -26.78 -6.58
C MET E 124 -25.65 -25.50 -6.37
N GLU E 125 -24.36 -25.54 -6.68
CA GLU E 125 -23.54 -24.34 -6.51
C GLU E 125 -24.04 -23.21 -7.41
N TYR E 126 -24.36 -23.53 -8.67
CA TYR E 126 -24.87 -22.52 -9.59
C TYR E 126 -26.19 -21.95 -9.09
N ALA E 127 -27.07 -22.81 -8.59
CA ALA E 127 -28.34 -22.32 -8.04
C ALA E 127 -28.10 -21.38 -6.87
N MET E 128 -27.10 -21.69 -6.04
CA MET E 128 -26.82 -20.82 -4.90
C MET E 128 -26.26 -19.48 -5.35
N VAL E 129 -25.38 -19.47 -6.35
CA VAL E 129 -24.63 -18.26 -6.66
C VAL E 129 -24.67 -17.86 -8.14
N GLY E 130 -24.99 -18.77 -9.06
CA GLY E 130 -24.76 -18.49 -10.47
C GLY E 130 -25.59 -17.35 -11.04
N ALA E 131 -26.86 -17.28 -10.66
CA ALA E 131 -27.77 -16.30 -11.26
C ALA E 131 -28.71 -15.78 -10.19
N PRO E 132 -29.25 -14.58 -10.38
CA PRO E 132 -30.26 -14.08 -9.43
C PRO E 132 -31.50 -14.97 -9.43
N GLN E 133 -32.11 -15.10 -8.25
CA GLN E 133 -33.25 -15.99 -8.09
C GLN E 133 -34.15 -15.46 -6.98
N ALA E 134 -35.45 -15.65 -7.16
CA ALA E 134 -36.44 -15.25 -6.16
C ALA E 134 -37.27 -16.47 -5.75
N LYS E 135 -37.74 -16.46 -4.51
CA LYS E 135 -38.53 -17.58 -4.01
C LYS E 135 -39.87 -17.66 -4.73
N ILE E 136 -40.27 -18.89 -5.06
CA ILE E 136 -41.54 -19.15 -5.73
C ILE E 136 -42.23 -20.29 -5.00
N GLN E 137 -43.49 -20.09 -4.64
CA GLN E 137 -44.25 -21.13 -3.97
C GLN E 137 -44.59 -22.24 -4.95
N ARG E 138 -44.47 -23.48 -4.48
CA ARG E 138 -44.69 -24.66 -5.32
C ARG E 138 -46.16 -25.04 -5.34
N ASN E 139 -46.54 -25.80 -6.37
CA ASN E 139 -47.87 -26.36 -6.48
C ASN E 139 -47.80 -27.60 -7.37
N THR E 140 -48.96 -28.12 -7.77
CA THR E 140 -48.99 -29.34 -8.55
C THR E 140 -48.46 -29.17 -9.96
N THR E 141 -48.29 -27.93 -10.42
CA THR E 141 -47.84 -27.64 -11.77
C THR E 141 -46.50 -26.94 -11.81
N THR E 142 -46.34 -25.85 -11.05
CA THR E 142 -45.09 -25.12 -11.13
C THR E 142 -44.10 -25.60 -10.09
N PRO E 143 -42.84 -25.78 -10.48
CA PRO E 143 -41.82 -26.22 -9.53
C PRO E 143 -41.49 -25.15 -8.51
N GLY E 144 -41.06 -25.60 -7.33
CA GLY E 144 -40.67 -24.68 -6.29
C GLY E 144 -39.27 -24.14 -6.50
N GLN E 145 -39.07 -22.88 -6.10
CA GLN E 145 -37.80 -22.19 -6.28
C GLN E 145 -37.42 -21.49 -4.98
N MET E 146 -36.11 -21.44 -4.71
CA MET E 146 -35.59 -20.78 -3.53
C MET E 146 -34.89 -19.48 -3.91
N ALA E 147 -34.79 -18.58 -2.94
CA ALA E 147 -34.12 -17.31 -3.12
C ALA E 147 -32.64 -17.44 -2.79
N ASN E 148 -31.83 -16.58 -3.39
CA ASN E 148 -30.39 -16.59 -3.18
C ASN E 148 -29.94 -15.19 -2.73
N ILE E 149 -28.63 -14.99 -2.70
CA ILE E 149 -28.04 -13.78 -2.14
C ILE E 149 -28.49 -12.52 -2.86
N PHE E 150 -28.92 -12.64 -4.13
CA PHE E 150 -29.34 -11.47 -4.87
C PHE E 150 -30.68 -10.91 -4.42
N ALA E 151 -31.40 -11.62 -3.56
CA ALA E 151 -32.71 -11.18 -3.10
C ALA E 151 -32.72 -10.82 -1.61
N TYR E 152 -31.56 -10.73 -0.97
CA TYR E 152 -31.50 -10.44 0.45
C TYR E 152 -30.64 -9.24 0.80
N TYR E 153 -29.56 -8.99 0.05
CA TYR E 153 -28.64 -7.91 0.38
C TYR E 153 -29.11 -6.62 -0.28
N LYS E 154 -29.44 -5.62 0.55
CA LYS E 154 -29.88 -4.33 0.03
C LYS E 154 -29.30 -3.13 0.74
N THR E 155 -28.59 -3.29 1.85
CA THR E 155 -28.21 -2.16 2.69
C THR E 155 -26.84 -1.58 2.34
N ASN E 156 -25.79 -2.39 2.46
CA ASN E 156 -24.42 -1.90 2.33
C ASN E 156 -23.91 -1.94 0.91
N GLY E 157 -24.65 -2.50 -0.03
CA GLY E 157 -24.23 -2.61 -1.41
C GLY E 157 -24.56 -1.37 -2.22
N SER E 158 -24.47 -1.52 -3.53
CA SER E 158 -24.78 -0.43 -4.45
C SER E 158 -25.23 -1.02 -5.78
N VAL E 159 -25.92 -0.20 -6.57
CA VAL E 159 -26.43 -0.61 -7.87
C VAL E 159 -26.16 0.51 -8.87
N GLY E 160 -26.21 0.14 -10.15
CA GLY E 160 -25.96 1.10 -11.20
C GLY E 160 -27.10 2.08 -11.38
N ALA E 161 -26.88 3.04 -12.29
CA ALA E 161 -27.88 4.06 -12.56
C ALA E 161 -29.16 3.43 -13.11
N ASN E 162 -30.30 4.03 -12.75
CA ASN E 162 -31.62 3.53 -13.14
C ASN E 162 -31.84 2.08 -12.67
N GLY E 163 -31.24 1.73 -11.53
CA GLY E 163 -31.42 0.41 -10.97
C GLY E 163 -32.22 0.44 -9.68
N THR E 164 -32.84 -0.68 -9.33
CA THR E 164 -33.68 -0.78 -8.14
C THR E 164 -33.17 -1.87 -7.23
N LEU E 165 -33.09 -1.55 -5.94
CA LEU E 165 -32.67 -2.53 -4.95
C LEU E 165 -33.81 -3.51 -4.65
N PRO E 166 -33.47 -4.72 -4.22
CA PRO E 166 -34.52 -5.67 -3.84
C PRO E 166 -35.25 -5.24 -2.59
N THR E 167 -36.46 -5.78 -2.42
CA THR E 167 -37.27 -5.45 -1.26
C THR E 167 -36.58 -5.87 0.04
N GLY E 168 -36.01 -7.07 0.05
CA GLY E 168 -35.27 -7.58 1.19
C GLY E 168 -35.82 -8.86 1.77
N ASP E 169 -37.06 -9.22 1.48
CA ASP E 169 -37.67 -10.43 1.99
C ASP E 169 -37.45 -11.64 1.08
N GLY E 170 -36.83 -11.44 -0.08
CA GLY E 170 -36.59 -12.52 -1.01
C GLY E 170 -37.63 -12.67 -2.11
N SER E 171 -38.68 -11.86 -2.10
CA SER E 171 -39.74 -11.99 -3.10
C SER E 171 -39.31 -11.50 -4.48
N ASP E 172 -38.32 -10.62 -4.56
CA ASP E 172 -37.86 -10.10 -5.83
C ASP E 172 -36.39 -9.74 -5.72
N THR E 173 -35.72 -9.63 -6.87
CA THR E 173 -34.31 -9.33 -6.93
C THR E 173 -34.01 -7.94 -7.52
N GLY E 174 -35.03 -7.13 -7.77
CA GLY E 174 -34.80 -5.81 -8.31
C GLY E 174 -34.49 -5.84 -9.80
N THR E 175 -34.13 -4.67 -10.32
CA THR E 175 -33.79 -4.50 -11.72
C THR E 175 -32.35 -4.01 -11.85
N ALA E 176 -31.61 -4.63 -12.76
CA ALA E 176 -30.22 -4.26 -12.98
C ALA E 176 -30.13 -2.92 -13.70
N GLY E 177 -29.07 -2.16 -13.39
CA GLY E 177 -28.79 -0.91 -14.02
C GLY E 177 -27.71 -1.01 -15.07
N ASP E 178 -27.32 0.15 -15.60
CA ASP E 178 -26.27 0.21 -16.61
C ASP E 178 -24.92 -0.12 -15.99
N LEU E 179 -24.07 -0.78 -16.77
CA LEU E 179 -22.77 -1.22 -16.27
C LEU E 179 -21.88 -0.02 -15.98
N ARG E 180 -20.97 -0.20 -15.03
CA ARG E 180 -20.04 0.85 -14.63
C ARG E 180 -18.70 0.22 -14.26
N LEU E 181 -17.67 1.05 -14.24
CA LEU E 181 -16.32 0.57 -13.95
C LEU E 181 -16.18 0.30 -12.46
N LEU E 182 -15.06 -0.33 -12.09
CA LEU E 182 -14.76 -0.67 -10.71
C LEU E 182 -13.74 0.32 -10.17
N THR E 183 -14.02 0.88 -8.99
CA THR E 183 -13.14 1.85 -8.35
C THR E 183 -12.94 1.48 -6.89
N GLU E 184 -11.91 2.08 -6.29
CA GLU E 184 -11.61 1.82 -4.88
C GLU E 184 -12.63 2.47 -3.95
N ASP E 185 -13.29 3.54 -4.41
CA ASP E 185 -14.23 4.26 -3.56
C ASP E 185 -15.38 3.35 -3.13
N MET E 186 -15.88 2.53 -4.06
CA MET E 186 -16.97 1.62 -3.73
C MET E 186 -16.55 0.61 -2.67
N LEU E 187 -15.34 0.06 -2.80
CA LEU E 187 -14.85 -0.88 -1.78
C LEU E 187 -14.70 -0.20 -0.43
N LEU E 188 -14.14 1.01 -0.41
CA LEU E 188 -13.96 1.71 0.87
C LEU E 188 -15.32 2.03 1.50
N ASN E 189 -16.28 2.47 0.69
CA ASN E 189 -17.60 2.78 1.22
C ASN E 189 -18.30 1.54 1.75
N ALA E 190 -18.17 0.41 1.04
CA ALA E 190 -18.76 -0.83 1.53
C ALA E 190 -18.14 -1.25 2.85
N SER E 191 -16.81 -1.13 2.97
CA SER E 191 -16.16 -1.47 4.22
C SER E 191 -16.65 -0.59 5.36
N GLU E 192 -16.76 0.72 5.10
CA GLU E 192 -17.24 1.62 6.14
C GLU E 192 -18.67 1.32 6.53
N ALA E 193 -19.54 1.03 5.55
CA ALA E 193 -20.93 0.71 5.86
C ALA E 193 -21.04 -0.57 6.67
N ILE E 194 -20.24 -1.59 6.33
CA ILE E 194 -20.25 -2.82 7.10
C ILE E 194 -19.79 -2.56 8.52
N TRP E 195 -18.74 -1.76 8.68
CA TRP E 195 -18.23 -1.46 10.01
C TRP E 195 -19.25 -0.69 10.84
N ARG E 196 -19.99 0.23 10.22
CA ARG E 196 -20.98 1.01 10.94
C ARG E 196 -22.08 0.12 11.50
N ASN E 197 -22.52 -0.88 10.72
CA ASN E 197 -23.58 -1.77 11.15
C ASN E 197 -23.10 -2.89 12.04
N GLY E 198 -21.80 -2.97 12.32
CA GLY E 198 -21.27 -3.98 13.20
C GLY E 198 -20.94 -5.31 12.56
N GLY E 199 -20.89 -5.38 11.24
CA GLY E 199 -20.60 -6.63 10.57
C GLY E 199 -19.16 -7.06 10.75
N GLN E 200 -18.91 -8.33 10.47
CA GLN E 200 -17.60 -8.95 10.61
C GLN E 200 -17.20 -9.69 9.35
N ALA E 201 -17.53 -9.14 8.19
CA ALA E 201 -17.21 -9.77 6.92
C ALA E 201 -15.69 -9.78 6.72
N ASN E 202 -15.18 -10.89 6.17
CA ASN E 202 -13.75 -11.01 5.93
C ASN E 202 -13.41 -11.69 4.61
N SER E 203 -14.36 -11.93 3.72
CA SER E 203 -14.09 -12.62 2.48
C SER E 203 -14.69 -11.85 1.30
N ILE E 204 -14.01 -11.92 0.16
CA ILE E 204 -14.47 -11.30 -1.07
C ILE E 204 -14.47 -12.37 -2.16
N GLN E 205 -15.58 -12.46 -2.91
CA GLN E 205 -15.68 -13.38 -4.02
C GLN E 205 -16.27 -12.66 -5.22
N THR E 206 -15.80 -13.04 -6.41
CA THR E 206 -16.26 -12.40 -7.64
C THR E 206 -15.88 -13.28 -8.82
N SER E 207 -16.30 -12.86 -10.01
CA SER E 207 -16.05 -13.60 -11.23
C SER E 207 -14.59 -13.44 -11.66
N SER E 208 -14.20 -14.26 -12.64
CA SER E 208 -12.83 -14.21 -13.14
C SER E 208 -12.50 -12.88 -13.81
N SER E 209 -13.44 -12.32 -14.57
CA SER E 209 -13.17 -11.06 -15.27
C SER E 209 -12.93 -9.92 -14.30
N ILE E 210 -13.76 -9.81 -13.25
CA ILE E 210 -13.60 -8.73 -12.29
C ILE E 210 -12.32 -8.93 -11.49
N LYS E 211 -11.97 -10.18 -11.17
CA LYS E 211 -10.71 -10.45 -10.49
C LYS E 211 -9.53 -10.04 -11.36
N LYS E 212 -9.60 -10.32 -12.66
CA LYS E 212 -8.55 -9.91 -13.57
C LYS E 212 -8.43 -8.38 -13.63
N ALA E 213 -9.57 -7.70 -13.68
CA ALA E 213 -9.56 -6.24 -13.72
C ALA E 213 -8.97 -5.66 -12.44
N ILE E 214 -9.33 -6.21 -11.29
CA ILE E 214 -8.83 -5.71 -10.02
C ILE E 214 -7.32 -5.88 -9.93
N SER E 215 -6.82 -7.06 -10.28
CA SER E 215 -5.41 -7.36 -10.18
C SER E 215 -4.56 -6.60 -11.20
N LYS E 216 -5.17 -5.96 -12.19
CA LYS E 216 -4.43 -5.27 -13.24
C LYS E 216 -4.23 -3.79 -12.94
N ASN E 217 -5.27 -3.07 -12.54
CA ASN E 217 -5.20 -1.63 -12.34
C ASN E 217 -5.90 -1.22 -11.05
N MET E 218 -5.56 -1.87 -9.94
CA MET E 218 -6.13 -1.49 -8.66
C MET E 218 -5.56 -0.16 -8.17
N LYS E 219 -4.25 -0.15 -7.85
CA LYS E 219 -3.53 1.06 -7.44
C LYS E 219 -4.21 1.72 -6.24
N GLY E 220 -4.25 1.00 -5.13
CA GLY E 220 -4.91 1.50 -3.94
C GLY E 220 -4.07 2.46 -3.11
N ARG E 221 -4.52 3.71 -3.00
CA ARG E 221 -3.91 4.80 -2.24
C ARG E 221 -2.58 5.23 -2.82
N ALA E 222 -2.09 4.59 -3.88
CA ALA E 222 -0.82 4.92 -4.50
C ALA E 222 -1.07 5.69 -5.78
N THR E 223 0.03 6.13 -6.42
CA THR E 223 -0.06 6.87 -7.66
C THR E 223 0.93 6.42 -8.73
N GLU E 224 1.92 5.59 -8.38
CA GLU E 224 2.96 5.22 -9.32
C GLU E 224 2.97 3.74 -9.65
N ILE E 225 3.02 2.86 -8.65
CA ILE E 225 3.27 1.43 -8.86
C ILE E 225 4.60 1.27 -9.57
N THR E 226 5.66 1.03 -8.82
CA THR E 226 7.01 1.01 -9.35
C THR E 226 7.51 -0.42 -9.54
N LEU E 227 8.32 -0.61 -10.57
CA LEU E 227 8.91 -1.91 -10.88
C LEU E 227 10.38 -1.71 -11.22
N ASP E 228 11.23 -2.62 -10.71
CA ASP E 228 12.66 -2.53 -11.01
C ASP E 228 12.92 -2.87 -12.46
N ALA E 229 13.84 -2.12 -13.08
CA ALA E 229 14.15 -2.34 -14.49
C ALA E 229 14.91 -3.64 -14.72
N SER E 230 15.78 -4.01 -13.78
CA SER E 230 16.60 -5.19 -13.92
C SER E 230 15.90 -6.46 -13.47
N ASP E 231 14.69 -6.36 -12.94
CA ASP E 231 13.97 -7.54 -12.49
C ASP E 231 13.48 -8.35 -13.69
N ASN E 232 13.72 -9.66 -13.63
CA ASN E 232 13.30 -10.57 -14.70
C ASN E 232 11.99 -11.29 -14.38
N ARG E 233 11.38 -11.02 -13.23
CA ARG E 233 10.12 -11.62 -12.84
C ARG E 233 9.04 -10.54 -12.82
N ILE E 234 7.91 -10.84 -13.42
CA ILE E 234 6.79 -9.90 -13.50
C ILE E 234 5.58 -10.56 -12.86
N ALA E 235 5.00 -9.89 -11.86
CA ALA E 235 3.91 -10.42 -11.06
C ALA E 235 2.68 -9.53 -11.19
N GLN E 236 1.52 -10.16 -11.35
CA GLN E 236 0.23 -9.47 -11.40
C GLN E 236 -0.73 -10.24 -10.49
N THR E 237 -0.72 -9.92 -9.20
CA THR E 237 -1.52 -10.64 -8.23
C THR E 237 -1.89 -9.72 -7.08
N VAL E 238 -3.19 -9.60 -6.82
CA VAL E 238 -3.69 -8.82 -5.69
C VAL E 238 -4.66 -9.71 -4.92
N ASP E 239 -4.35 -9.98 -3.66
CA ASP E 239 -5.16 -10.88 -2.84
C ASP E 239 -5.81 -10.20 -1.64
N VAL E 240 -5.10 -9.35 -0.91
CA VAL E 240 -5.57 -8.82 0.35
C VAL E 240 -5.88 -7.34 0.22
N TYR E 241 -7.05 -6.94 0.67
CA TYR E 241 -7.43 -5.54 0.79
C TYR E 241 -7.54 -5.18 2.26
N GLU E 242 -7.05 -4.01 2.62
CA GLU E 242 -7.04 -3.56 4.00
C GLU E 242 -7.56 -2.13 4.11
N SER E 243 -8.12 -1.82 5.27
CA SER E 243 -8.65 -0.49 5.55
C SER E 243 -8.74 -0.34 7.06
N ASP E 244 -9.13 0.86 7.49
CA ASP E 244 -9.35 1.10 8.92
C ASP E 244 -10.53 0.29 9.46
N PHE E 245 -11.39 -0.21 8.59
CA PHE E 245 -12.65 -0.81 9.01
C PHE E 245 -12.76 -2.29 8.72
N GLY E 246 -11.78 -2.90 8.05
CA GLY E 246 -11.87 -4.32 7.76
C GLY E 246 -10.61 -4.80 7.06
N LYS E 247 -10.59 -6.11 6.84
CA LYS E 247 -9.48 -6.78 6.16
C LYS E 247 -10.04 -7.97 5.41
N TYR E 248 -9.89 -7.97 4.08
CA TYR E 248 -10.54 -8.95 3.23
C TYR E 248 -9.51 -9.64 2.35
N THR E 249 -9.84 -10.87 1.95
CA THR E 249 -9.04 -11.63 0.99
C THR E 249 -9.87 -11.85 -0.26
N ILE E 250 -9.25 -11.64 -1.42
CA ILE E 250 -9.94 -11.69 -2.70
C ILE E 250 -9.69 -13.05 -3.34
N ARG E 251 -10.76 -13.73 -3.72
CA ARG E 251 -10.69 -15.03 -4.35
C ARG E 251 -11.62 -15.07 -5.55
N ALA E 252 -11.23 -15.81 -6.58
CA ALA E 252 -12.01 -15.91 -7.80
C ALA E 252 -12.86 -17.16 -7.78
N ASN E 253 -14.08 -17.06 -8.30
CA ASN E 253 -15.02 -18.17 -8.38
C ASN E 253 -15.34 -18.45 -9.84
N ARG E 254 -15.23 -19.71 -10.23
CA ARG E 254 -15.50 -20.10 -11.62
C ARG E 254 -16.96 -19.86 -11.99
N TRP E 255 -17.88 -20.20 -11.08
CA TRP E 255 -19.30 -20.20 -11.37
C TRP E 255 -20.01 -18.94 -10.89
N PHE E 256 -19.28 -17.95 -10.39
CA PHE E 256 -19.89 -16.73 -9.91
C PHE E 256 -20.55 -15.96 -11.04
N HIS E 257 -21.61 -15.25 -10.72
CA HIS E 257 -22.33 -14.45 -11.71
C HIS E 257 -21.42 -13.36 -12.26
N GLU E 258 -21.54 -13.09 -13.55
CA GLU E 258 -20.78 -12.02 -14.16
C GLU E 258 -21.24 -10.67 -13.63
N ASN E 259 -20.29 -9.74 -13.52
CA ASN E 259 -20.57 -8.36 -13.13
C ASN E 259 -21.11 -8.26 -11.70
N THR E 260 -20.50 -8.98 -10.76
CA THR E 260 -20.93 -8.97 -9.38
C THR E 260 -19.76 -9.21 -8.46
N MET E 261 -19.76 -8.54 -7.31
CA MET E 261 -18.78 -8.75 -6.25
C MET E 261 -19.52 -8.93 -4.93
N PHE E 262 -18.99 -9.80 -4.07
CA PHE E 262 -19.65 -10.14 -2.82
C PHE E 262 -18.64 -10.09 -1.69
N ILE E 263 -18.87 -9.19 -0.74
CA ILE E 263 -18.09 -9.13 0.50
C ILE E 263 -18.95 -9.72 1.60
N PHE E 264 -18.45 -10.74 2.29
CA PHE E 264 -19.30 -11.51 3.17
C PHE E 264 -18.49 -12.16 4.28
N ASP E 265 -19.22 -12.62 5.29
CA ASP E 265 -18.71 -13.42 6.39
C ASP E 265 -19.23 -14.84 6.24
N PRO E 266 -18.39 -15.85 6.09
CA PRO E 266 -18.88 -17.21 5.86
C PRO E 266 -19.76 -17.74 6.98
N LYS E 267 -19.54 -17.30 8.22
CA LYS E 267 -20.31 -17.83 9.35
C LYS E 267 -21.76 -17.38 9.35
N MET E 268 -22.14 -16.43 8.51
CA MET E 268 -23.50 -15.91 8.49
C MET E 268 -24.36 -16.51 7.39
N HIS E 269 -23.90 -17.56 6.74
CA HIS E 269 -24.64 -18.21 5.67
C HIS E 269 -24.69 -19.71 5.92
N ALA E 270 -25.87 -20.30 5.71
CA ALA E 270 -26.06 -21.72 5.95
C ALA E 270 -26.81 -22.35 4.79
N LEU E 271 -26.49 -23.60 4.51
CA LEU E 271 -27.22 -24.42 3.55
C LEU E 271 -27.96 -25.49 4.34
N CYS E 272 -29.29 -25.47 4.29
CA CYS E 272 -30.13 -26.36 5.08
C CYS E 272 -30.71 -27.44 4.21
N TYR E 273 -30.55 -28.69 4.63
CA TYR E 273 -31.00 -29.84 3.86
C TYR E 273 -32.32 -30.35 4.45
N LEU E 274 -33.39 -30.30 3.67
CA LEU E 274 -34.61 -30.98 4.07
C LEU E 274 -34.47 -32.48 3.87
N ARG E 275 -33.93 -32.89 2.72
CA ARG E 275 -33.53 -34.27 2.46
C ARG E 275 -32.09 -34.23 1.98
N PRO E 276 -31.14 -34.76 2.75
CA PRO E 276 -29.75 -34.74 2.31
C PRO E 276 -29.56 -35.51 1.02
N PHE E 277 -28.48 -35.19 0.31
CA PHE E 277 -28.20 -35.79 -0.98
C PHE E 277 -28.18 -37.31 -0.86
N PHE E 278 -28.90 -37.98 -1.76
CA PHE E 278 -28.98 -39.43 -1.71
C PHE E 278 -29.27 -39.97 -3.10
N GLN E 279 -29.27 -41.30 -3.22
CA GLN E 279 -29.54 -41.98 -4.47
C GLN E 279 -30.38 -43.21 -4.20
N HIS E 280 -31.10 -43.66 -5.23
CA HIS E 280 -31.92 -44.86 -5.08
C HIS E 280 -32.20 -45.49 -6.44
N GLU E 281 -32.70 -46.72 -6.37
CA GLU E 281 -33.05 -47.52 -7.53
C GLU E 281 -34.29 -46.96 -8.22
N LEU E 282 -34.64 -47.60 -9.32
CA LEU E 282 -35.91 -47.41 -10.01
C LEU E 282 -36.51 -48.77 -10.32
N ALA E 283 -37.64 -48.77 -11.03
CA ALA E 283 -38.30 -50.01 -11.37
C ALA E 283 -37.47 -50.82 -12.34
N LYS E 284 -37.17 -52.07 -11.98
CA LYS E 284 -36.40 -52.98 -12.81
C LYS E 284 -37.35 -53.72 -13.73
N THR E 285 -37.36 -53.35 -15.01
CA THR E 285 -38.26 -53.95 -15.98
C THR E 285 -37.52 -54.71 -17.08
N GLY E 286 -36.25 -55.03 -16.87
CA GLY E 286 -35.49 -55.74 -17.88
C GLY E 286 -34.04 -55.86 -17.48
N ASP E 287 -33.19 -56.18 -18.45
CA ASP E 287 -31.76 -56.31 -18.21
C ASP E 287 -31.07 -54.95 -18.35
N SER E 288 -31.44 -54.06 -17.44
CA SER E 288 -30.86 -52.72 -17.38
C SER E 288 -31.03 -52.18 -15.98
N GLU E 289 -30.21 -51.19 -15.64
CA GLU E 289 -30.21 -50.59 -14.32
C GLU E 289 -30.49 -49.10 -14.44
N LYS E 290 -31.39 -48.60 -13.58
CA LYS E 290 -31.75 -47.21 -13.52
C LYS E 290 -31.48 -46.65 -12.13
N ARG E 291 -30.83 -45.49 -12.08
CA ARG E 291 -30.47 -44.83 -10.83
C ARG E 291 -31.03 -43.42 -10.84
N GLN E 292 -31.41 -42.95 -9.66
CA GLN E 292 -31.83 -41.56 -9.50
C GLN E 292 -31.12 -40.94 -8.30
N LEU E 293 -30.57 -39.76 -8.50
CA LEU E 293 -29.94 -38.97 -7.44
C LEU E 293 -30.85 -37.79 -7.11
N LEU E 294 -31.01 -37.51 -5.82
CA LEU E 294 -31.95 -36.49 -5.38
C LEU E 294 -31.36 -35.70 -4.21
N VAL E 295 -31.76 -34.42 -4.13
CA VAL E 295 -31.39 -33.55 -3.03
C VAL E 295 -32.47 -32.48 -2.88
N GLU E 296 -32.67 -32.02 -1.65
CA GLU E 296 -33.67 -31.00 -1.35
C GLU E 296 -33.08 -30.05 -0.32
N TYR E 297 -32.93 -28.78 -0.71
CA TYR E 297 -32.11 -27.86 0.06
C TYR E 297 -32.68 -26.45 0.01
N THR E 298 -32.17 -25.60 0.90
CA THR E 298 -32.52 -24.19 0.95
C THR E 298 -31.33 -23.42 1.50
N LEU E 299 -31.36 -22.10 1.36
CA LEU E 299 -30.28 -21.24 1.79
C LEU E 299 -30.79 -20.25 2.82
N ARG E 300 -30.04 -20.10 3.91
CA ARG E 300 -30.37 -19.16 4.98
C ARG E 300 -29.28 -18.11 5.09
N VAL E 301 -29.69 -16.85 5.07
CA VAL E 301 -28.81 -15.71 5.26
C VAL E 301 -29.14 -15.11 6.63
N ASN E 302 -28.20 -15.20 7.57
CA ASN E 302 -28.49 -14.84 8.95
C ASN E 302 -28.83 -13.36 9.07
N ASN E 303 -28.00 -12.49 8.52
CA ASN E 303 -28.23 -11.05 8.62
C ASN E 303 -27.57 -10.37 7.44
N GLU E 304 -28.37 -9.73 6.59
CA GLU E 304 -27.85 -9.06 5.41
C GLU E 304 -27.05 -7.82 5.74
N LYS E 305 -27.13 -7.32 6.97
CA LYS E 305 -26.39 -6.13 7.35
C LYS E 305 -24.91 -6.40 7.59
N SER E 306 -24.49 -7.65 7.58
CA SER E 306 -23.11 -8.02 7.84
C SER E 306 -22.27 -8.18 6.58
N GLY E 307 -22.82 -7.86 5.41
CA GLY E 307 -22.08 -8.00 4.18
C GLY E 307 -22.54 -6.98 3.15
N ALA E 308 -21.89 -7.00 1.99
CA ALA E 308 -22.21 -6.08 0.91
C ALA E 308 -22.18 -6.83 -0.42
N LEU E 309 -23.02 -6.38 -1.34
CA LEU E 309 -23.10 -6.94 -2.68
C LEU E 309 -23.08 -5.81 -3.68
N ILE E 310 -22.06 -5.81 -4.55
CA ILE E 310 -21.90 -4.76 -5.56
C ILE E 310 -22.26 -5.36 -6.91
N ARG E 311 -23.23 -4.74 -7.57
CA ARG E 311 -23.77 -5.23 -8.83
C ARG E 311 -23.46 -4.27 -9.96
N ASP E 312 -23.56 -4.78 -11.18
CA ASP E 312 -23.37 -3.98 -12.40
C ASP E 312 -21.99 -3.36 -12.46
N VAL E 313 -20.96 -4.19 -12.30
CA VAL E 313 -19.57 -3.77 -12.41
C VAL E 313 -18.94 -4.50 -13.59
N VAL E 314 -18.31 -3.75 -14.48
CA VAL E 314 -17.80 -4.31 -15.73
C VAL E 314 -16.31 -4.08 -15.81
N ALA E 315 -15.63 -4.95 -16.54
CA ALA E 315 -14.20 -4.85 -16.78
C ALA E 315 -13.95 -4.42 -18.22
N GLN E 316 -13.02 -3.49 -18.41
CA GLN E 316 -12.68 -2.97 -19.74
C GLN E 316 -13.92 -2.38 -20.42
N VAL E 317 -14.77 -1.76 -19.62
CA VAL E 317 -16.04 -1.18 -20.08
C VAL E 317 -16.82 -2.18 -20.93
N MET F 1 58.19 2.79 -54.96
CA MET F 1 57.68 1.69 -55.76
C MET F 1 58.68 1.31 -56.84
N ALA F 2 59.81 0.73 -56.43
CA ALA F 2 60.87 0.46 -57.38
C ALA F 2 60.91 -1.04 -57.64
N THR F 3 60.98 -1.85 -56.59
CA THR F 3 61.07 -3.30 -56.72
C THR F 3 62.19 -3.58 -57.71
N PRO F 4 63.45 -3.38 -57.31
CA PRO F 4 64.54 -3.26 -58.29
C PRO F 4 64.52 -4.34 -59.36
N THR F 5 64.94 -3.95 -60.56
CA THR F 5 64.54 -4.61 -61.78
C THR F 5 64.90 -6.09 -61.79
N ASN F 6 66.15 -6.42 -61.46
CA ASN F 6 66.62 -7.80 -61.54
C ASN F 6 66.58 -8.50 -60.19
N ALA F 7 65.97 -7.88 -59.19
CA ALA F 7 65.85 -8.51 -57.89
C ALA F 7 64.89 -9.70 -57.95
N VAL F 8 65.29 -10.79 -57.30
CA VAL F 8 64.44 -11.98 -57.21
C VAL F 8 63.40 -11.77 -56.13
N SER F 9 62.13 -11.77 -56.51
CA SER F 9 61.03 -11.51 -55.60
C SER F 9 60.10 -12.71 -55.56
N THR F 10 59.02 -12.59 -54.78
CA THR F 10 58.06 -13.68 -54.68
C THR F 10 57.39 -13.94 -56.03
N VAL F 11 57.40 -12.95 -56.92
CA VAL F 11 56.76 -13.10 -58.22
C VAL F 11 57.54 -14.09 -59.08
N GLU F 12 58.87 -13.96 -59.10
CA GLU F 12 59.67 -14.72 -60.05
C GLU F 12 59.76 -16.19 -59.67
N ILE F 13 60.18 -16.50 -58.45
CA ILE F 13 60.44 -17.88 -58.08
C ILE F 13 59.13 -18.69 -58.01
N ASN F 14 59.26 -20.01 -58.18
CA ASN F 14 58.13 -20.93 -58.22
C ASN F 14 58.28 -21.99 -57.15
N GLY F 15 57.22 -22.77 -56.94
CA GLY F 15 57.25 -23.84 -55.98
C GLY F 15 56.96 -23.44 -54.55
N LYS F 16 56.21 -22.36 -54.33
CA LYS F 16 55.85 -21.96 -52.98
C LYS F 16 54.83 -22.95 -52.43
N ARG F 17 55.14 -23.53 -51.27
CA ARG F 17 54.20 -24.42 -50.61
C ARG F 17 53.06 -23.62 -50.01
N GLU F 18 51.83 -24.04 -50.30
CA GLU F 18 50.65 -23.37 -49.79
C GLU F 18 50.45 -23.72 -48.32
N ASP F 19 49.94 -22.76 -47.56
CA ASP F 19 49.63 -22.96 -46.15
C ASP F 19 48.13 -23.01 -45.97
N LEU F 20 47.65 -24.08 -45.35
CA LEU F 20 46.23 -24.29 -45.09
C LEU F 20 46.09 -24.91 -43.72
N ILE F 21 45.47 -24.17 -42.79
CA ILE F 21 45.37 -24.66 -41.42
C ILE F 21 44.47 -25.88 -41.36
N ASP F 22 44.70 -26.71 -40.35
CA ASP F 22 43.98 -27.96 -40.18
C ASP F 22 42.70 -27.83 -39.37
N ILE F 23 42.29 -26.61 -39.04
CA ILE F 23 41.10 -26.40 -38.24
C ILE F 23 39.98 -25.93 -39.15
N ILE F 24 38.80 -26.52 -38.96
CA ILE F 24 37.58 -26.12 -39.65
C ILE F 24 36.64 -25.50 -38.61
N TYR F 25 36.17 -24.29 -38.89
CA TYR F 25 35.41 -23.51 -37.92
C TYR F 25 33.92 -23.68 -38.22
N ASN F 26 33.23 -24.43 -37.36
CA ASN F 26 31.80 -24.65 -37.48
C ASN F 26 31.15 -24.31 -36.14
N ILE F 27 30.18 -23.41 -36.16
CA ILE F 27 29.50 -22.99 -34.94
C ILE F 27 27.98 -23.10 -35.12
N ALA F 28 27.56 -23.89 -36.09
CA ALA F 28 26.14 -24.05 -36.36
C ALA F 28 25.46 -24.73 -35.16
N PRO F 29 24.37 -24.17 -34.66
CA PRO F 29 23.71 -24.76 -33.49
C PRO F 29 22.83 -25.94 -33.87
N TYR F 30 22.64 -26.84 -32.91
CA TYR F 30 21.76 -28.00 -33.09
C TYR F 30 21.18 -28.35 -31.72
N ASP F 31 19.95 -27.91 -31.48
CA ASP F 31 19.28 -28.21 -30.22
C ASP F 31 17.79 -28.35 -30.48
N THR F 32 17.14 -29.18 -29.67
CA THR F 32 15.72 -29.49 -29.82
C THR F 32 15.06 -29.31 -28.46
N PRO F 33 14.79 -28.05 -28.06
CA PRO F 33 14.16 -27.84 -26.74
C PRO F 33 12.82 -28.51 -26.58
N PHE F 34 12.00 -28.54 -27.64
CA PHE F 34 10.68 -29.16 -27.53
C PHE F 34 10.80 -30.67 -27.38
N MET F 35 11.78 -31.28 -28.07
CA MET F 35 12.03 -32.70 -27.89
C MET F 35 12.44 -33.01 -26.46
N THR F 36 13.29 -32.18 -25.87
CA THR F 36 13.74 -32.43 -24.50
C THR F 36 12.61 -32.19 -23.49
N ALA F 37 11.72 -31.23 -23.76
CA ALA F 37 10.68 -30.89 -22.80
C ALA F 37 9.64 -32.00 -22.69
N ILE F 38 9.17 -32.50 -23.84
CA ILE F 38 8.03 -33.42 -23.86
C ILE F 38 8.49 -34.82 -23.49
N GLY F 39 7.52 -35.71 -23.18
CA GLY F 39 7.85 -37.05 -22.74
C GLY F 39 8.11 -38.02 -23.87
N LYS F 40 8.62 -39.19 -23.50
CA LYS F 40 8.91 -40.26 -24.44
C LYS F 40 7.97 -41.43 -24.22
N GLY F 41 7.74 -42.20 -25.28
CA GLY F 41 6.85 -43.35 -25.17
C GLY F 41 7.06 -44.31 -26.32
N VAL F 42 6.33 -45.43 -26.25
CA VAL F 42 6.46 -46.53 -27.20
C VAL F 42 5.11 -46.72 -27.90
N ALA F 43 5.15 -46.79 -29.22
CA ALA F 43 3.98 -47.10 -30.03
C ALA F 43 4.15 -48.48 -30.65
N THR F 44 3.06 -49.23 -30.75
CA THR F 44 3.09 -50.60 -31.23
C THR F 44 2.22 -50.84 -32.45
N ALA F 45 1.80 -49.78 -33.15
CA ALA F 45 0.96 -49.94 -34.32
C ALA F 45 1.09 -48.69 -35.19
N ILE F 46 0.56 -48.79 -36.41
CA ILE F 46 0.57 -47.65 -37.32
C ILE F 46 -0.28 -46.51 -36.76
N THR F 47 -1.43 -46.85 -36.18
CA THR F 47 -2.35 -45.86 -35.62
C THR F 47 -2.28 -45.90 -34.10
N HIS F 48 -2.10 -44.74 -33.48
CA HIS F 48 -2.02 -44.61 -32.04
C HIS F 48 -3.16 -43.73 -31.56
N GLU F 49 -3.99 -44.26 -30.66
CA GLU F 49 -5.24 -43.59 -30.30
C GLU F 49 -5.44 -43.58 -28.79
N TRP F 50 -6.21 -42.59 -28.34
CA TRP F 50 -6.52 -42.38 -26.93
C TRP F 50 -7.88 -41.69 -26.83
N GLN F 51 -8.30 -41.42 -25.59
CA GLN F 51 -9.61 -40.85 -25.33
C GLN F 51 -9.51 -39.66 -24.38
N THR F 52 -10.48 -38.76 -24.51
CA THR F 52 -10.62 -37.61 -23.62
C THR F 52 -12.08 -37.49 -23.19
N ASP F 53 -12.30 -36.80 -22.07
CA ASP F 53 -13.64 -36.59 -21.54
C ASP F 53 -13.76 -35.18 -21.00
N GLU F 54 -14.98 -34.80 -20.61
CA GLU F 54 -15.29 -33.45 -20.17
C GLU F 54 -16.61 -33.47 -19.41
N LEU F 55 -16.94 -32.34 -18.79
CA LEU F 55 -18.21 -32.15 -18.08
C LEU F 55 -18.97 -30.98 -18.68
N ARG F 56 -20.29 -31.02 -18.52
CA ARG F 56 -21.16 -30.01 -19.10
C ARG F 56 -21.31 -28.80 -18.18
N GLN F 57 -21.79 -27.71 -18.75
CA GLN F 57 -21.93 -26.47 -18.00
C GLN F 57 -23.10 -26.57 -17.02
N PRO F 58 -22.97 -25.98 -15.83
CA PRO F 58 -24.09 -25.99 -14.89
C PRO F 58 -25.23 -25.11 -15.36
N GLY F 59 -26.43 -25.41 -14.87
CA GLY F 59 -27.60 -24.63 -15.20
C GLY F 59 -28.62 -24.61 -14.08
N LYS F 60 -29.85 -24.22 -14.39
CA LYS F 60 -30.93 -24.17 -13.41
C LYS F 60 -31.79 -25.42 -13.56
N ASN F 61 -32.00 -26.13 -12.45
CA ASN F 61 -32.89 -27.29 -12.43
C ASN F 61 -33.70 -27.26 -11.15
N THR F 62 -35.02 -27.25 -11.30
CA THR F 62 -35.93 -27.23 -10.16
C THR F 62 -36.79 -28.48 -10.08
N ARG F 63 -37.47 -28.83 -11.18
CA ARG F 63 -38.28 -30.04 -11.29
C ARG F 63 -39.51 -29.98 -10.39
N VAL F 64 -40.58 -30.62 -10.81
CA VAL F 64 -41.84 -30.62 -10.06
C VAL F 64 -41.80 -31.75 -9.05
N GLU F 65 -42.28 -31.49 -7.84
CA GLU F 65 -42.25 -32.49 -6.79
C GLU F 65 -43.06 -33.72 -7.20
N GLY F 66 -42.45 -34.89 -7.04
CA GLY F 66 -43.05 -36.12 -7.52
C GLY F 66 -42.99 -36.29 -9.03
N GLU F 67 -42.02 -35.67 -9.69
CA GLU F 67 -41.91 -35.76 -11.15
C GLU F 67 -41.74 -37.20 -11.60
N ASP F 68 -42.48 -37.58 -12.65
CA ASP F 68 -42.26 -38.87 -13.28
C ASP F 68 -40.91 -38.86 -13.98
N ALA F 69 -40.09 -39.86 -13.70
CA ALA F 69 -38.70 -39.84 -14.15
C ALA F 69 -38.62 -40.00 -15.66
N THR F 70 -37.93 -39.07 -16.31
CA THR F 70 -37.65 -39.13 -17.74
C THR F 70 -36.14 -39.27 -17.90
N ILE F 71 -35.71 -40.36 -18.56
CA ILE F 71 -34.29 -40.63 -18.68
C ILE F 71 -33.68 -39.71 -19.72
N LYS F 72 -32.60 -39.03 -19.35
CA LYS F 72 -31.86 -38.16 -20.25
C LYS F 72 -30.54 -38.79 -20.62
N ALA F 73 -30.14 -38.62 -21.88
CA ALA F 73 -28.95 -39.28 -22.39
C ALA F 73 -27.69 -38.82 -21.66
N GLY F 74 -26.77 -39.74 -21.46
CA GLY F 74 -25.51 -39.45 -20.81
C GLY F 74 -24.48 -38.87 -21.77
N SER F 75 -23.25 -38.81 -21.28
CA SER F 75 -22.13 -38.27 -22.03
C SER F 75 -21.13 -39.38 -22.34
N PHE F 76 -20.45 -39.27 -23.47
CA PHE F 76 -19.51 -40.27 -23.93
C PHE F 76 -18.16 -39.63 -24.22
N THR F 77 -17.12 -40.45 -24.17
CA THR F 77 -15.77 -39.98 -24.40
C THR F 77 -15.54 -39.66 -25.88
N THR F 78 -14.46 -38.94 -26.14
CA THR F 78 -14.07 -38.56 -27.49
C THR F 78 -12.76 -39.26 -27.83
N MET F 79 -12.72 -39.90 -29.00
CA MET F 79 -11.57 -40.67 -29.45
C MET F 79 -10.71 -39.84 -30.38
N LEU F 80 -9.40 -39.82 -30.12
CA LEU F 80 -8.45 -39.14 -30.99
C LEU F 80 -7.36 -40.12 -31.39
N ASN F 81 -6.75 -39.89 -32.56
CA ASN F 81 -5.75 -40.80 -33.07
C ASN F 81 -4.75 -40.04 -33.91
N ASN F 82 -3.59 -40.68 -34.12
CA ASN F 82 -2.51 -40.13 -34.91
C ASN F 82 -1.81 -41.26 -35.65
N PHE F 83 -1.13 -40.91 -36.74
CA PHE F 83 -0.46 -41.88 -37.60
C PHE F 83 1.05 -41.73 -37.46
N CYS F 84 1.75 -42.86 -37.50
CA CYS F 84 3.20 -42.85 -37.44
C CYS F 84 3.78 -42.42 -38.79
N GLN F 85 5.00 -41.90 -38.75
CA GLN F 85 5.69 -41.49 -39.96
C GLN F 85 7.17 -41.85 -39.85
N ILE F 86 7.81 -41.99 -41.01
CA ILE F 86 9.19 -42.44 -41.11
C ILE F 86 10.05 -41.30 -41.64
N SER F 87 11.24 -41.17 -41.06
CA SER F 87 12.22 -40.19 -41.50
C SER F 87 13.55 -40.91 -41.71
N ASP F 88 14.30 -40.46 -42.72
CA ASP F 88 15.53 -41.18 -43.08
C ASP F 88 16.55 -40.22 -43.68
N GLU F 89 17.77 -40.71 -43.76
CA GLU F 89 18.86 -39.98 -44.40
C GLU F 89 19.78 -40.99 -45.09
N THR F 90 20.27 -40.61 -46.26
CA THR F 90 21.13 -41.49 -47.06
C THR F 90 22.43 -40.76 -47.39
N LEU F 91 23.51 -41.53 -47.50
CA LEU F 91 24.82 -40.98 -47.79
C LEU F 91 25.58 -41.92 -48.72
N GLN F 92 26.25 -41.34 -49.72
CA GLN F 92 27.10 -42.08 -50.64
C GLN F 92 28.40 -41.33 -50.85
N VAL F 93 29.53 -41.99 -50.64
CA VAL F 93 30.85 -41.39 -50.80
C VAL F 93 31.71 -42.31 -51.65
N THR F 94 32.32 -41.76 -52.70
CA THR F 94 33.18 -42.55 -53.56
C THR F 94 34.48 -42.92 -52.85
N GLY F 95 35.13 -43.97 -53.35
CA GLY F 95 36.35 -44.45 -52.72
C GLY F 95 37.50 -43.47 -52.83
N THR F 96 37.57 -42.74 -53.95
CA THR F 96 38.69 -41.83 -54.18
C THR F 96 38.74 -40.73 -53.12
N ALA F 97 37.59 -40.19 -52.74
CA ALA F 97 37.57 -39.06 -51.81
C ALA F 97 38.10 -39.43 -50.44
N ASP F 98 38.06 -40.71 -50.09
CA ASP F 98 38.55 -41.13 -48.78
C ASP F 98 40.07 -41.18 -48.72
N LYS F 99 40.73 -41.45 -49.84
CA LYS F 99 42.18 -41.66 -49.81
C LYS F 99 42.97 -40.37 -49.94
N VAL F 100 42.45 -39.39 -50.68
CA VAL F 100 43.22 -38.16 -50.89
C VAL F 100 43.36 -37.40 -49.58
N LYS F 101 44.47 -36.68 -49.45
CA LYS F 101 44.73 -35.92 -48.23
C LYS F 101 43.83 -34.71 -48.17
N LYS F 102 43.30 -34.41 -46.98
CA LYS F 102 42.38 -33.31 -46.80
C LYS F 102 42.69 -32.55 -45.52
N ALA F 103 42.28 -31.29 -45.51
CA ALA F 103 42.54 -30.38 -44.40
C ALA F 103 41.38 -30.43 -43.43
N GLY F 104 41.67 -30.80 -42.18
CA GLY F 104 40.68 -30.80 -41.13
C GLY F 104 39.91 -32.09 -40.96
N ARG F 105 40.15 -33.10 -41.80
CA ARG F 105 39.44 -34.36 -41.70
C ARG F 105 40.31 -35.49 -42.19
N LYS F 106 40.30 -36.61 -41.47
CA LYS F 106 41.01 -37.81 -41.89
C LYS F 106 40.15 -38.68 -42.78
N ASN F 107 38.88 -38.88 -42.42
CA ASN F 107 37.94 -39.67 -43.20
C ASN F 107 36.70 -38.83 -43.45
N GLU F 108 36.33 -38.70 -44.73
CA GLU F 108 35.18 -37.89 -45.10
C GLU F 108 33.86 -38.53 -44.66
N LEU F 109 33.80 -39.86 -44.67
CA LEU F 109 32.54 -40.55 -44.41
C LEU F 109 32.04 -40.28 -43.01
N ALA F 110 32.91 -40.31 -42.01
CA ALA F 110 32.49 -40.05 -40.64
C ALA F 110 32.01 -38.62 -40.48
N TYR F 111 32.70 -37.67 -41.11
CA TYR F 111 32.31 -36.26 -41.06
C TYR F 111 30.90 -36.06 -41.61
N GLN F 112 30.67 -36.56 -42.82
CA GLN F 112 29.34 -36.43 -43.42
C GLN F 112 28.28 -37.19 -42.64
N LEU F 113 28.63 -38.35 -42.09
CA LEU F 113 27.67 -39.12 -41.30
C LEU F 113 27.25 -38.36 -40.05
N ALA F 114 28.20 -37.73 -39.36
CA ALA F 114 27.85 -36.94 -38.19
C ALA F 114 26.95 -35.77 -38.56
N LYS F 115 27.27 -35.09 -39.68
CA LYS F 115 26.42 -34.00 -40.12
C LYS F 115 24.99 -34.47 -40.39
N LYS F 116 24.85 -35.60 -41.09
CA LYS F 116 23.52 -36.12 -41.38
C LYS F 116 22.81 -36.57 -40.12
N SER F 117 23.54 -37.10 -39.14
CA SER F 117 22.93 -37.51 -37.88
C SER F 117 22.34 -36.32 -37.15
N LYS F 118 23.06 -35.19 -37.13
CA LYS F 118 22.49 -33.98 -36.54
C LYS F 118 21.28 -33.49 -37.33
N GLU F 119 21.39 -33.52 -38.66
CA GLU F 119 20.30 -33.01 -39.50
C GLU F 119 19.03 -33.83 -39.34
N LEU F 120 19.16 -35.13 -39.03
CA LEU F 120 17.97 -35.95 -38.86
C LEU F 120 17.15 -35.49 -37.66
N LYS F 121 17.81 -35.25 -36.52
CA LYS F 121 17.10 -34.75 -35.35
C LYS F 121 16.56 -33.35 -35.60
N LEU F 122 17.30 -32.52 -36.34
CA LEU F 122 16.77 -31.21 -36.70
C LEU F 122 15.49 -31.34 -37.52
N ASP F 123 15.47 -32.28 -38.46
CA ASP F 123 14.28 -32.51 -39.28
C ASP F 123 13.11 -33.01 -38.43
N MET F 124 13.39 -33.88 -37.45
CA MET F 124 12.33 -34.35 -36.57
C MET F 124 11.72 -33.19 -35.78
N GLU F 125 12.58 -32.32 -35.25
CA GLU F 125 12.08 -31.16 -34.51
C GLU F 125 11.26 -30.24 -35.42
N TYR F 126 11.73 -30.01 -36.64
CA TYR F 126 10.96 -29.20 -37.58
C TYR F 126 9.61 -29.84 -37.88
N ALA F 127 9.58 -31.16 -38.07
CA ALA F 127 8.32 -31.83 -38.35
C ALA F 127 7.37 -31.69 -37.18
N MET F 128 7.89 -31.67 -35.96
CA MET F 128 7.00 -31.49 -34.81
C MET F 128 6.48 -30.05 -34.71
N VAL F 129 7.34 -29.04 -34.87
CA VAL F 129 6.95 -27.67 -34.56
C VAL F 129 7.29 -26.68 -35.67
N GLY F 130 7.95 -27.10 -36.75
CA GLY F 130 8.39 -26.15 -37.75
C GLY F 130 7.26 -25.51 -38.53
N ALA F 131 6.27 -26.31 -38.91
CA ALA F 131 5.20 -25.84 -39.79
C ALA F 131 3.96 -26.69 -39.54
N PRO F 132 2.77 -26.18 -39.88
CA PRO F 132 1.55 -26.98 -39.72
C PRO F 132 1.59 -28.25 -40.56
N GLN F 133 1.00 -29.31 -40.01
CA GLN F 133 0.99 -30.61 -40.69
C GLN F 133 -0.28 -31.35 -40.32
N ALA F 134 -0.86 -32.06 -41.29
CA ALA F 134 -2.06 -32.84 -41.10
C ALA F 134 -1.78 -34.31 -41.36
N LYS F 135 -2.49 -35.18 -40.64
CA LYS F 135 -2.27 -36.61 -40.77
C LYS F 135 -2.75 -37.11 -42.13
N ILE F 136 -1.96 -38.00 -42.73
CA ILE F 136 -2.31 -38.66 -43.98
C ILE F 136 -2.00 -40.14 -43.84
N GLN F 137 -2.97 -40.99 -44.14
CA GLN F 137 -2.77 -42.42 -44.04
C GLN F 137 -1.90 -42.93 -45.18
N ARG F 138 -1.02 -43.88 -44.87
CA ARG F 138 -0.08 -44.40 -45.86
C ARG F 138 -0.72 -45.55 -46.64
N ASN F 139 -0.15 -45.79 -47.83
CA ASN F 139 -0.50 -46.95 -48.62
C ASN F 139 0.74 -47.36 -49.41
N THR F 140 0.55 -48.13 -50.47
CA THR F 140 1.70 -48.62 -51.23
C THR F 140 2.36 -47.54 -52.07
N THR F 141 1.68 -46.43 -52.32
CA THR F 141 2.24 -45.36 -53.16
C THR F 141 2.35 -44.01 -52.47
N THR F 142 1.64 -43.78 -51.37
CA THR F 142 1.63 -42.45 -50.78
C THR F 142 2.33 -42.45 -49.42
N PRO F 143 3.02 -41.37 -49.08
CA PRO F 143 3.71 -41.33 -47.79
C PRO F 143 2.76 -41.24 -46.60
N GLY F 144 3.22 -41.74 -45.47
CA GLY F 144 2.51 -41.55 -44.23
C GLY F 144 2.97 -40.26 -43.55
N GLN F 145 1.99 -39.50 -43.05
CA GLN F 145 2.26 -38.20 -42.46
C GLN F 145 1.67 -38.11 -41.07
N MET F 146 2.36 -37.42 -40.18
CA MET F 146 1.94 -37.24 -38.80
C MET F 146 1.47 -35.82 -38.56
N ALA F 147 0.40 -35.70 -37.76
CA ALA F 147 -0.20 -34.41 -37.45
C ALA F 147 0.48 -33.80 -36.24
N ASN F 148 0.78 -32.50 -36.31
CA ASN F 148 1.49 -31.80 -35.26
C ASN F 148 0.51 -30.97 -34.43
N ILE F 149 1.06 -30.15 -33.52
CA ILE F 149 0.23 -29.37 -32.61
C ILE F 149 -0.66 -28.37 -33.34
N PHE F 150 -0.29 -27.97 -34.56
CA PHE F 150 -1.09 -27.01 -35.29
C PHE F 150 -2.43 -27.56 -35.75
N ALA F 151 -2.63 -28.88 -35.66
CA ALA F 151 -3.87 -29.52 -36.08
C ALA F 151 -4.71 -30.01 -34.92
N TYR F 152 -4.36 -29.61 -33.69
CA TYR F 152 -5.08 -30.08 -32.51
C TYR F 152 -5.61 -28.96 -31.64
N TYR F 153 -4.89 -27.85 -31.48
CA TYR F 153 -5.27 -26.80 -30.54
C TYR F 153 -6.24 -25.84 -31.21
N LYS F 154 -7.46 -25.76 -30.69
CA LYS F 154 -8.47 -24.89 -31.26
C LYS F 154 -9.37 -24.18 -30.24
N THR F 155 -9.15 -24.35 -28.94
CA THR F 155 -10.08 -23.83 -27.95
C THR F 155 -9.62 -22.52 -27.32
N ASN F 156 -8.44 -22.51 -26.70
CA ASN F 156 -7.99 -21.36 -25.95
C ASN F 156 -7.16 -20.38 -26.78
N GLY F 157 -6.84 -20.72 -28.01
CA GLY F 157 -6.06 -19.85 -28.87
C GLY F 157 -6.91 -18.85 -29.62
N SER F 158 -6.30 -18.23 -30.62
CA SER F 158 -7.00 -17.26 -31.45
C SER F 158 -6.30 -17.14 -32.79
N VAL F 159 -7.02 -16.61 -33.77
CA VAL F 159 -6.49 -16.39 -35.11
C VAL F 159 -6.88 -14.99 -35.56
N GLY F 160 -6.27 -14.55 -36.65
CA GLY F 160 -6.56 -13.25 -37.21
C GLY F 160 -7.89 -13.21 -37.93
N ALA F 161 -8.19 -12.04 -38.49
CA ALA F 161 -9.42 -11.86 -39.24
C ALA F 161 -9.42 -12.77 -40.47
N ASN F 162 -10.60 -13.26 -40.83
CA ASN F 162 -10.78 -14.19 -41.95
C ASN F 162 -9.93 -15.45 -41.76
N GLY F 163 -9.83 -15.91 -40.51
CA GLY F 163 -9.09 -17.12 -40.20
C GLY F 163 -10.03 -18.21 -39.72
N THR F 164 -9.62 -19.45 -39.96
CA THR F 164 -10.42 -20.62 -39.62
C THR F 164 -9.63 -21.52 -38.67
N LEU F 165 -10.30 -21.96 -37.61
CA LEU F 165 -9.70 -22.85 -36.64
C LEU F 165 -9.68 -24.28 -37.17
N PRO F 166 -8.75 -25.11 -36.69
CA PRO F 166 -8.74 -26.52 -37.09
C PRO F 166 -9.94 -27.27 -36.55
N THR F 167 -10.27 -28.37 -37.23
CA THR F 167 -11.43 -29.16 -36.82
C THR F 167 -11.24 -29.74 -35.42
N GLY F 168 -10.06 -30.27 -35.13
CA GLY F 168 -9.72 -30.79 -33.81
C GLY F 168 -9.22 -32.22 -33.84
N ASP F 169 -9.61 -32.99 -34.85
CA ASP F 169 -9.19 -34.39 -34.95
C ASP F 169 -7.83 -34.57 -35.62
N GLY F 170 -7.26 -33.51 -36.18
CA GLY F 170 -5.98 -33.58 -36.84
C GLY F 170 -6.04 -33.74 -38.34
N SER F 171 -7.23 -33.86 -38.92
CA SER F 171 -7.34 -34.04 -40.36
C SER F 171 -6.93 -32.80 -41.15
N ASP F 172 -7.03 -31.63 -40.52
CA ASP F 172 -6.66 -30.38 -41.17
C ASP F 172 -6.18 -29.38 -40.12
N THR F 173 -5.48 -28.35 -40.59
CA THR F 173 -4.93 -27.34 -39.71
C THR F 173 -5.62 -25.99 -39.81
N GLY F 174 -6.53 -25.81 -40.76
CA GLY F 174 -7.23 -24.54 -40.92
C GLY F 174 -6.40 -23.53 -41.69
N THR F 175 -7.04 -22.39 -41.96
CA THR F 175 -6.40 -21.31 -42.69
C THR F 175 -5.82 -20.29 -41.73
N ALA F 176 -4.97 -19.41 -42.26
CA ALA F 176 -4.29 -18.39 -41.48
C ALA F 176 -4.84 -17.01 -41.83
N GLY F 177 -5.16 -16.23 -40.79
CA GLY F 177 -5.64 -14.88 -40.96
C GLY F 177 -4.53 -13.87 -41.07
N ASP F 178 -4.93 -12.61 -41.21
CA ASP F 178 -3.97 -11.52 -41.33
C ASP F 178 -3.28 -11.26 -40.00
N LEU F 179 -2.04 -10.81 -40.06
CA LEU F 179 -1.24 -10.60 -38.87
C LEU F 179 -1.76 -9.44 -38.05
N ARG F 180 -1.53 -9.51 -36.74
CA ARG F 180 -1.93 -8.47 -35.81
C ARG F 180 -0.85 -8.27 -34.76
N LEU F 181 -0.83 -7.08 -34.17
CA LEU F 181 0.18 -6.75 -33.17
C LEU F 181 -0.08 -7.52 -31.88
N LEU F 182 0.99 -7.84 -31.17
CA LEU F 182 0.90 -8.61 -29.93
C LEU F 182 0.91 -7.69 -28.72
N THR F 183 0.03 -7.97 -27.76
CA THR F 183 -0.06 -7.23 -26.52
C THR F 183 -0.22 -8.21 -25.36
N GLU F 184 -0.17 -7.67 -24.13
CA GLU F 184 -0.39 -8.51 -22.96
C GLU F 184 -1.82 -9.05 -22.90
N ASP F 185 -2.77 -8.38 -23.55
CA ASP F 185 -4.17 -8.79 -23.44
C ASP F 185 -4.37 -10.20 -23.96
N MET F 186 -3.74 -10.53 -25.09
CA MET F 186 -3.87 -11.88 -25.63
C MET F 186 -3.33 -12.93 -24.66
N LEU F 187 -2.17 -12.67 -24.08
CA LEU F 187 -1.58 -13.63 -23.15
C LEU F 187 -2.44 -13.79 -21.90
N LEU F 188 -2.94 -12.68 -21.35
CA LEU F 188 -3.77 -12.76 -20.15
C LEU F 188 -5.08 -13.49 -20.44
N ASN F 189 -5.70 -13.20 -21.58
CA ASN F 189 -6.93 -13.90 -21.94
C ASN F 189 -6.69 -15.39 -22.15
N ALA F 190 -5.56 -15.74 -22.77
CA ALA F 190 -5.24 -17.16 -22.93
C ALA F 190 -5.04 -17.84 -21.59
N SER F 191 -4.35 -17.17 -20.66
CA SER F 191 -4.17 -17.74 -19.33
C SER F 191 -5.50 -17.92 -18.62
N GLU F 192 -6.39 -16.93 -18.72
CA GLU F 192 -7.70 -17.05 -18.09
C GLU F 192 -8.51 -18.19 -18.70
N ALA F 193 -8.44 -18.33 -20.03
CA ALA F 193 -9.17 -19.41 -20.69
C ALA F 193 -8.63 -20.77 -20.27
N ILE F 194 -7.31 -20.90 -20.14
CA ILE F 194 -6.72 -22.16 -19.70
C ILE F 194 -7.16 -22.47 -18.27
N TRP F 195 -7.15 -21.46 -17.40
CA TRP F 195 -7.58 -21.68 -16.02
C TRP F 195 -9.05 -22.06 -15.94
N ARG F 196 -9.88 -21.48 -16.81
CA ARG F 196 -11.31 -21.77 -16.79
C ARG F 196 -11.58 -23.23 -17.12
N ASN F 197 -10.84 -23.78 -18.08
CA ASN F 197 -11.02 -25.16 -18.51
C ASN F 197 -10.31 -26.16 -17.61
N GLY F 198 -9.64 -25.70 -16.57
CA GLY F 198 -8.98 -26.58 -15.63
C GLY F 198 -7.58 -27.02 -16.02
N GLY F 199 -7.05 -26.53 -17.13
CA GLY F 199 -5.71 -26.91 -17.52
C GLY F 199 -4.65 -26.30 -16.63
N GLN F 200 -3.47 -26.93 -16.64
CA GLN F 200 -2.34 -26.50 -15.81
C GLN F 200 -1.10 -26.43 -16.72
N ALA F 201 -0.93 -25.32 -17.41
CA ALA F 201 0.22 -25.10 -18.28
C ALA F 201 1.23 -24.21 -17.58
N ASN F 202 2.52 -24.48 -17.82
CA ASN F 202 3.57 -23.71 -17.16
C ASN F 202 4.73 -23.37 -18.07
N SER F 203 4.63 -23.59 -19.38
CA SER F 203 5.71 -23.27 -20.29
C SER F 203 5.19 -22.44 -21.45
N ILE F 204 6.03 -21.51 -21.92
CA ILE F 204 5.71 -20.69 -23.08
C ILE F 204 6.89 -20.76 -24.04
N GLN F 205 6.61 -21.02 -25.32
CA GLN F 205 7.63 -21.08 -26.34
C GLN F 205 7.16 -20.31 -27.58
N THR F 206 8.09 -19.59 -28.21
CA THR F 206 7.79 -18.81 -29.38
C THR F 206 9.09 -18.51 -30.12
N SER F 207 8.99 -17.74 -31.20
CA SER F 207 10.15 -17.40 -32.01
C SER F 207 11.00 -16.35 -31.31
N SER F 208 12.19 -16.11 -31.87
CA SER F 208 13.11 -15.16 -31.28
C SER F 208 12.58 -13.73 -31.33
N SER F 209 11.90 -13.36 -32.42
CA SER F 209 11.38 -11.99 -32.53
C SER F 209 10.32 -11.71 -31.47
N ILE F 210 9.43 -12.67 -31.23
CA ILE F 210 8.40 -12.48 -30.22
C ILE F 210 9.02 -12.37 -28.84
N LYS F 211 10.03 -13.21 -28.56
CA LYS F 211 10.72 -13.13 -27.28
C LYS F 211 11.40 -11.78 -27.10
N LYS F 212 12.01 -11.26 -28.18
CA LYS F 212 12.64 -9.95 -28.11
C LYS F 212 11.61 -8.86 -27.84
N ALA F 213 10.46 -8.92 -28.53
CA ALA F 213 9.43 -7.90 -28.34
C ALA F 213 8.86 -7.96 -26.92
N ILE F 214 8.70 -9.16 -26.37
CA ILE F 214 8.18 -9.31 -25.02
C ILE F 214 9.14 -8.67 -24.02
N SER F 215 10.44 -8.95 -24.17
CA SER F 215 11.43 -8.43 -23.25
C SER F 215 11.65 -6.93 -23.39
N LYS F 216 11.13 -6.31 -24.45
CA LYS F 216 11.39 -4.91 -24.71
C LYS F 216 10.38 -4.00 -23.98
N ASN F 217 9.09 -4.19 -24.25
CA ASN F 217 8.06 -3.27 -23.79
C ASN F 217 6.88 -4.03 -23.19
N MET F 218 7.16 -4.93 -22.25
CA MET F 218 6.06 -5.65 -21.60
C MET F 218 5.45 -4.81 -20.48
N LYS F 219 6.24 -4.48 -19.45
CA LYS F 219 5.84 -3.67 -18.30
C LYS F 219 4.47 -4.09 -17.74
N GLY F 220 4.44 -5.31 -17.21
CA GLY F 220 3.22 -5.84 -16.63
C GLY F 220 2.81 -5.18 -15.32
N ARG F 221 1.66 -4.49 -15.32
CA ARG F 221 1.03 -3.90 -14.14
C ARG F 221 1.80 -2.68 -13.65
N ALA F 222 2.98 -2.43 -14.21
CA ALA F 222 3.78 -1.27 -13.82
C ALA F 222 3.38 -0.05 -14.66
N THR F 223 3.85 1.11 -14.23
CA THR F 223 3.54 2.36 -14.91
C THR F 223 4.76 3.16 -15.31
N GLU F 224 5.86 3.08 -14.56
CA GLU F 224 7.04 3.90 -14.86
C GLU F 224 8.34 3.11 -14.97
N ILE F 225 8.55 2.09 -14.13
CA ILE F 225 9.77 1.29 -14.12
C ILE F 225 10.98 2.14 -13.74
N THR F 226 11.62 1.79 -12.62
CA THR F 226 12.72 2.58 -12.08
C THR F 226 14.04 1.85 -12.25
N LEU F 227 15.12 2.64 -12.33
CA LEU F 227 16.47 2.11 -12.46
C LEU F 227 17.43 2.96 -11.65
N ASP F 228 18.33 2.30 -10.93
CA ASP F 228 19.34 3.02 -10.15
C ASP F 228 20.24 3.85 -11.07
N ALA F 229 20.53 5.08 -10.64
CA ALA F 229 21.36 5.97 -11.43
C ALA F 229 22.84 5.62 -11.39
N SER F 230 23.30 5.01 -10.30
CA SER F 230 24.70 4.63 -10.16
C SER F 230 24.99 3.23 -10.69
N ASP F 231 23.97 2.52 -11.16
CA ASP F 231 24.16 1.17 -11.68
C ASP F 231 24.88 1.22 -13.03
N ASN F 232 25.89 0.36 -13.18
CA ASN F 232 26.68 0.30 -14.40
C ASN F 232 26.27 -0.83 -15.33
N ARG F 233 25.24 -1.59 -14.97
CA ARG F 233 24.78 -2.71 -15.78
C ARG F 233 23.36 -2.45 -16.24
N ILE F 234 23.11 -2.66 -17.53
CA ILE F 234 21.79 -2.53 -18.12
C ILE F 234 21.36 -3.91 -18.60
N ALA F 235 20.20 -4.36 -18.15
CA ALA F 235 19.70 -5.69 -18.48
C ALA F 235 18.31 -5.56 -19.11
N GLN F 236 18.09 -6.33 -20.17
CA GLN F 236 16.79 -6.40 -20.84
C GLN F 236 16.42 -7.87 -20.93
N THR F 237 15.79 -8.38 -19.87
CA THR F 237 15.50 -9.80 -19.78
C THR F 237 14.22 -10.02 -19.00
N VAL F 238 13.22 -10.62 -19.64
CA VAL F 238 11.97 -11.02 -19.00
C VAL F 238 11.72 -12.46 -19.40
N ASP F 239 11.66 -13.36 -18.42
CA ASP F 239 11.50 -14.78 -18.67
C ASP F 239 10.44 -15.44 -17.81
N VAL F 240 10.02 -14.83 -16.71
CA VAL F 240 9.04 -15.40 -15.80
C VAL F 240 7.82 -14.49 -15.77
N TYR F 241 6.65 -15.07 -15.98
CA TYR F 241 5.40 -14.32 -15.99
C TYR F 241 4.44 -14.90 -14.97
N GLU F 242 3.87 -14.03 -14.14
CA GLU F 242 2.95 -14.41 -13.08
C GLU F 242 1.56 -13.87 -13.39
N SER F 243 0.56 -14.51 -12.80
CA SER F 243 -0.82 -14.08 -12.93
C SER F 243 -1.63 -14.76 -11.84
N ASP F 244 -2.89 -14.34 -11.71
CA ASP F 244 -3.80 -15.00 -10.79
C ASP F 244 -4.18 -16.40 -11.23
N PHE F 245 -3.84 -16.78 -12.46
CA PHE F 245 -4.29 -18.04 -13.04
C PHE F 245 -3.17 -18.99 -13.41
N GLY F 246 -1.91 -18.57 -13.38
CA GLY F 246 -0.84 -19.49 -13.72
C GLY F 246 0.53 -18.85 -13.59
N LYS F 247 1.54 -19.69 -13.73
CA LYS F 247 2.95 -19.29 -13.71
C LYS F 247 3.61 -19.82 -14.97
N TYR F 248 4.35 -18.96 -15.67
CA TYR F 248 4.94 -19.36 -16.94
C TYR F 248 6.39 -18.92 -17.02
N THR F 249 7.18 -19.73 -17.72
CA THR F 249 8.55 -19.40 -18.07
C THR F 249 8.66 -19.26 -19.58
N ILE F 250 9.23 -18.16 -20.04
CA ILE F 250 9.29 -17.84 -21.46
C ILE F 250 10.67 -18.20 -22.01
N ARG F 251 10.69 -19.00 -23.07
CA ARG F 251 11.92 -19.39 -23.74
C ARG F 251 11.76 -19.22 -25.24
N ALA F 252 12.89 -19.01 -25.92
CA ALA F 252 12.89 -18.83 -27.36
C ALA F 252 13.34 -20.12 -28.04
N ASN F 253 12.68 -20.46 -29.14
CA ASN F 253 12.99 -21.65 -29.91
C ASN F 253 13.50 -21.24 -31.28
N ARG F 254 14.65 -21.80 -31.67
CA ARG F 254 15.24 -21.45 -32.97
C ARG F 254 14.36 -21.89 -34.13
N TRP F 255 13.75 -23.07 -34.03
CA TRP F 255 13.06 -23.69 -35.15
C TRP F 255 11.54 -23.50 -35.08
N PHE F 256 11.05 -22.70 -34.15
CA PHE F 256 9.62 -22.50 -34.02
C PHE F 256 9.05 -21.76 -35.22
N HIS F 257 7.80 -22.08 -35.55
CA HIS F 257 7.12 -21.42 -36.65
C HIS F 257 6.98 -19.93 -36.37
N GLU F 258 7.16 -19.12 -37.41
CA GLU F 258 7.12 -17.68 -37.25
C GLU F 258 5.71 -17.20 -36.93
N ASN F 259 5.63 -16.10 -36.19
CA ASN F 259 4.35 -15.47 -35.81
C ASN F 259 3.45 -16.44 -35.07
N THR F 260 3.99 -17.09 -34.04
CA THR F 260 3.24 -18.06 -33.26
C THR F 260 3.77 -18.08 -31.83
N MET F 261 2.85 -18.26 -30.88
CA MET F 261 3.19 -18.46 -29.48
C MET F 261 2.44 -19.67 -28.97
N PHE F 262 3.08 -20.44 -28.08
CA PHE F 262 2.53 -21.70 -27.61
C PHE F 262 2.68 -21.75 -26.09
N ILE F 263 1.55 -21.81 -25.38
CA ILE F 263 1.52 -21.99 -23.94
C ILE F 263 1.07 -23.42 -23.68
N PHE F 264 1.89 -24.19 -22.98
CA PHE F 264 1.65 -25.62 -22.89
C PHE F 264 2.21 -26.17 -21.59
N ASP F 265 1.81 -27.41 -21.30
CA ASP F 265 2.30 -28.20 -20.18
C ASP F 265 3.07 -29.39 -20.73
N PRO F 266 4.37 -29.53 -20.42
CA PRO F 266 5.15 -30.61 -21.03
C PRO F 266 4.62 -32.01 -20.71
N LYS F 267 3.95 -32.20 -19.59
CA LYS F 267 3.49 -33.53 -19.21
C LYS F 267 2.34 -34.04 -20.08
N MET F 268 1.74 -33.18 -20.91
CA MET F 268 0.61 -33.56 -21.74
C MET F 268 1.01 -33.86 -23.18
N HIS F 269 2.30 -34.00 -23.46
CA HIS F 269 2.77 -34.27 -24.82
C HIS F 269 3.78 -35.40 -24.79
N ALA F 270 3.61 -36.37 -25.68
CA ALA F 270 4.49 -37.53 -25.74
C ALA F 270 4.93 -37.77 -27.18
N LEU F 271 6.17 -38.23 -27.33
CA LEU F 271 6.70 -38.67 -28.60
C LEU F 271 6.87 -40.18 -28.54
N CYS F 272 6.14 -40.90 -29.38
CA CYS F 272 6.12 -42.35 -29.36
C CYS F 272 6.95 -42.91 -30.50
N TYR F 273 7.90 -43.78 -30.16
CA TYR F 273 8.81 -44.36 -31.13
C TYR F 273 8.31 -45.73 -31.56
N LEU F 274 7.91 -45.86 -32.83
CA LEU F 274 7.61 -47.19 -33.34
C LEU F 274 8.89 -48.00 -33.54
N ARG F 275 9.90 -47.36 -34.12
CA ARG F 275 11.23 -47.95 -34.24
C ARG F 275 12.23 -46.89 -33.80
N PRO F 276 13.01 -47.13 -32.75
CA PRO F 276 14.02 -46.14 -32.35
C PRO F 276 15.05 -45.94 -33.45
N PHE F 277 15.65 -44.75 -33.44
CA PHE F 277 16.58 -44.36 -34.50
C PHE F 277 17.71 -45.38 -34.63
N PHE F 278 18.03 -45.74 -35.87
CA PHE F 278 19.09 -46.69 -36.12
C PHE F 278 19.70 -46.39 -37.47
N GLN F 279 20.75 -47.15 -37.82
CA GLN F 279 21.44 -46.97 -39.07
C GLN F 279 22.00 -48.30 -39.55
N HIS F 280 22.26 -48.39 -40.84
CA HIS F 280 22.79 -49.62 -41.41
C HIS F 280 23.50 -49.35 -42.72
N GLU F 281 24.25 -50.36 -43.16
CA GLU F 281 24.99 -50.36 -44.41
C GLU F 281 24.05 -50.45 -45.60
N LEU F 282 24.64 -50.48 -46.79
CA LEU F 282 23.91 -50.72 -48.04
C LEU F 282 24.76 -51.63 -48.92
N ALA F 283 24.10 -52.22 -49.91
CA ALA F 283 24.77 -53.14 -50.82
C ALA F 283 25.84 -52.41 -51.63
N LYS F 284 26.98 -53.07 -51.79
CA LYS F 284 28.10 -52.49 -52.54
C LYS F 284 27.94 -52.79 -54.02
N THR F 285 27.81 -51.75 -54.83
CA THR F 285 27.69 -51.89 -56.27
C THR F 285 28.82 -51.19 -57.01
N GLY F 286 29.91 -50.87 -56.32
CA GLY F 286 31.02 -50.17 -56.94
C GLY F 286 32.02 -49.74 -55.89
N ASP F 287 32.94 -48.86 -56.30
CA ASP F 287 33.96 -48.34 -55.41
C ASP F 287 33.41 -47.12 -54.66
N SER F 288 32.37 -47.39 -53.87
CA SER F 288 31.76 -46.34 -53.06
C SER F 288 31.06 -46.98 -51.87
N GLU F 289 30.92 -46.20 -50.82
CA GLU F 289 30.26 -46.62 -49.60
C GLU F 289 28.92 -45.89 -49.47
N LYS F 290 27.89 -46.63 -49.05
CA LYS F 290 26.56 -46.09 -48.84
C LYS F 290 26.08 -46.42 -47.44
N ARG F 291 25.47 -45.43 -46.79
CA ARG F 291 24.96 -45.57 -45.44
C ARG F 291 23.54 -45.02 -45.38
N GLN F 292 22.73 -45.62 -44.49
CA GLN F 292 21.36 -45.17 -44.30
C GLN F 292 21.04 -45.05 -42.82
N LEU F 293 20.25 -44.05 -42.47
CA LEU F 293 19.76 -43.84 -41.12
C LEU F 293 18.25 -43.69 -41.15
N LEU F 294 17.56 -44.32 -40.20
CA LEU F 294 16.10 -44.38 -40.21
C LEU F 294 15.54 -44.17 -38.80
N VAL F 295 14.32 -43.66 -38.75
CA VAL F 295 13.57 -43.52 -37.51
C VAL F 295 12.08 -43.51 -37.86
N GLU F 296 11.26 -43.98 -36.92
CA GLU F 296 9.81 -44.03 -37.12
C GLU F 296 9.12 -43.60 -35.85
N TYR F 297 8.29 -42.55 -35.93
CA TYR F 297 7.80 -41.90 -34.73
C TYR F 297 6.41 -41.33 -34.96
N THR F 298 5.77 -40.93 -33.86
CA THR F 298 4.49 -40.26 -33.88
C THR F 298 4.39 -39.37 -32.64
N LEU F 299 3.39 -38.49 -32.63
CA LEU F 299 3.21 -37.53 -31.55
C LEU F 299 1.81 -37.66 -30.96
N ARG F 300 1.71 -37.59 -29.63
CA ARG F 300 0.45 -37.69 -28.92
C ARG F 300 0.26 -36.45 -28.05
N VAL F 301 -0.90 -35.81 -28.21
CA VAL F 301 -1.31 -34.68 -27.38
C VAL F 301 -2.43 -35.18 -26.47
N ASN F 302 -2.18 -35.21 -25.17
CA ASN F 302 -3.13 -35.83 -24.25
C ASN F 302 -4.46 -35.11 -24.24
N ASN F 303 -4.45 -33.79 -24.04
CA ASN F 303 -5.69 -33.02 -23.98
C ASN F 303 -5.44 -31.63 -24.54
N GLU F 304 -6.27 -31.23 -25.50
CA GLU F 304 -6.09 -29.93 -26.14
C GLU F 304 -6.45 -28.78 -25.21
N LYS F 305 -7.40 -28.99 -24.31
CA LYS F 305 -7.91 -27.91 -23.46
C LYS F 305 -6.90 -27.45 -22.43
N SER F 306 -5.78 -28.15 -22.26
CA SER F 306 -4.80 -27.81 -21.25
C SER F 306 -3.75 -26.81 -21.74
N GLY F 307 -3.89 -26.32 -22.97
CA GLY F 307 -2.91 -25.39 -23.51
C GLY F 307 -3.57 -24.40 -24.46
N ALA F 308 -2.75 -23.51 -24.99
CA ALA F 308 -3.21 -22.48 -25.91
C ALA F 308 -2.16 -22.25 -26.99
N LEU F 309 -2.63 -21.92 -28.20
CA LEU F 309 -1.76 -21.67 -29.34
C LEU F 309 -2.25 -20.41 -30.04
N ILE F 310 -1.48 -19.32 -29.92
CA ILE F 310 -1.84 -18.04 -30.50
C ILE F 310 -1.12 -17.91 -31.84
N ARG F 311 -1.87 -17.65 -32.90
CA ARG F 311 -1.34 -17.61 -34.26
C ARG F 311 -1.53 -16.21 -34.85
N ASP F 312 -0.73 -15.94 -35.88
CA ASP F 312 -0.82 -14.69 -36.65
C ASP F 312 -0.63 -13.47 -35.75
N VAL F 313 0.46 -13.48 -34.97
CA VAL F 313 0.84 -12.36 -34.13
C VAL F 313 2.22 -11.89 -34.57
N VAL F 314 2.35 -10.59 -34.79
CA VAL F 314 3.60 -10.01 -35.26
C VAL F 314 4.21 -9.21 -34.12
N ALA F 315 5.54 -9.10 -34.14
CA ALA F 315 6.29 -8.39 -33.12
C ALA F 315 6.71 -7.03 -33.66
N GLN F 316 6.42 -5.97 -32.88
CA GLN F 316 6.73 -4.58 -33.24
C GLN F 316 6.48 -4.31 -34.72
N VAL F 317 5.34 -4.79 -35.22
CA VAL F 317 4.95 -4.64 -36.63
C VAL F 317 6.09 -5.07 -37.56
N MET G 1 -91.64 -20.38 95.30
CA MET G 1 -91.99 -20.78 93.95
C MET G 1 -91.34 -19.85 92.92
N ALA G 2 -91.10 -20.37 91.72
CA ALA G 2 -90.47 -19.63 90.63
C ALA G 2 -89.12 -19.05 91.08
N THR G 3 -88.19 -19.95 91.41
CA THR G 3 -86.83 -19.68 91.87
C THR G 3 -86.88 -19.22 93.32
N PRO G 4 -86.06 -19.82 94.19
CA PRO G 4 -86.06 -19.40 95.60
C PRO G 4 -85.77 -17.92 95.77
N THR G 5 -86.05 -17.41 96.98
CA THR G 5 -86.05 -15.98 97.21
C THR G 5 -84.70 -15.35 96.93
N ASN G 6 -83.63 -15.93 97.49
CA ASN G 6 -82.30 -15.34 97.39
C ASN G 6 -81.31 -16.25 96.69
N ALA G 7 -81.79 -17.21 95.89
CA ALA G 7 -80.89 -18.09 95.17
C ALA G 7 -80.12 -17.34 94.10
N VAL G 8 -78.86 -17.73 93.89
CA VAL G 8 -78.03 -17.15 92.85
C VAL G 8 -78.33 -17.85 91.53
N SER G 9 -78.74 -17.09 90.54
CA SER G 9 -79.11 -17.62 89.23
C SER G 9 -78.36 -16.88 88.14
N THR G 10 -78.62 -17.29 86.90
CA THR G 10 -77.95 -16.65 85.76
C THR G 10 -78.41 -15.22 85.55
N VAL G 11 -79.52 -14.83 86.17
CA VAL G 11 -80.02 -13.47 86.03
C VAL G 11 -79.08 -12.48 86.70
N GLU G 12 -78.49 -12.87 87.83
CA GLU G 12 -77.72 -11.94 88.66
C GLU G 12 -76.25 -11.90 88.29
N ILE G 13 -75.64 -13.01 87.89
CA ILE G 13 -74.22 -13.03 87.59
C ILE G 13 -73.94 -12.21 86.34
N ASN G 14 -72.72 -11.69 86.24
CA ASN G 14 -72.36 -10.76 85.17
C ASN G 14 -71.16 -11.20 84.34
N GLY G 15 -70.46 -12.27 84.72
CA GLY G 15 -69.28 -12.66 83.99
C GLY G 15 -69.47 -13.83 83.05
N LYS G 16 -70.64 -13.92 82.44
CA LYS G 16 -70.93 -15.02 81.53
C LYS G 16 -70.27 -14.80 80.18
N ARG G 17 -69.67 -15.86 79.65
CA ARG G 17 -69.00 -15.80 78.36
C ARG G 17 -69.99 -16.09 77.24
N GLU G 18 -69.69 -15.54 76.07
CA GLU G 18 -70.51 -15.79 74.89
C GLU G 18 -70.21 -17.16 74.30
N ASP G 19 -71.14 -17.66 73.48
CA ASP G 19 -71.02 -18.97 72.85
C ASP G 19 -71.20 -18.80 71.36
N LEU G 20 -70.13 -19.05 70.60
CA LEU G 20 -70.16 -18.96 69.14
C LEU G 20 -69.88 -20.32 68.54
N ILE G 21 -70.59 -20.64 67.46
CA ILE G 21 -70.53 -21.98 66.87
C ILE G 21 -69.14 -22.25 66.29
N ASP G 22 -68.46 -21.20 65.80
CA ASP G 22 -67.16 -21.29 65.14
C ASP G 22 -67.24 -22.00 63.79
N ILE G 23 -68.42 -22.12 63.22
CA ILE G 23 -68.62 -22.69 61.89
C ILE G 23 -69.54 -21.77 61.12
N ILE G 24 -69.22 -21.53 59.85
CA ILE G 24 -70.03 -20.69 58.97
C ILE G 24 -70.73 -21.61 57.97
N TYR G 25 -72.04 -21.49 57.89
CA TYR G 25 -72.86 -22.34 57.04
C TYR G 25 -73.21 -21.57 55.76
N ASN G 26 -72.63 -22.00 54.64
CA ASN G 26 -72.91 -21.40 53.34
C ASN G 26 -73.42 -22.49 52.42
N ILE G 27 -74.61 -22.30 51.87
CA ILE G 27 -75.25 -23.27 51.00
C ILE G 27 -75.48 -22.71 49.59
N ALA G 28 -74.88 -21.57 49.27
CA ALA G 28 -75.03 -21.02 47.94
C ALA G 28 -74.43 -21.97 46.91
N PRO G 29 -75.08 -22.18 45.77
CA PRO G 29 -74.56 -23.15 44.80
C PRO G 29 -73.34 -22.62 44.07
N TYR G 30 -72.34 -23.50 43.94
CA TYR G 30 -71.15 -23.16 43.16
C TYR G 30 -70.70 -24.31 42.28
N ASP G 31 -71.57 -25.29 42.02
CA ASP G 31 -71.21 -26.40 41.16
C ASP G 31 -71.20 -25.98 39.70
N THR G 32 -70.31 -26.59 38.92
CA THR G 32 -70.17 -26.31 37.50
C THR G 32 -70.31 -27.62 36.75
N PRO G 33 -71.51 -27.99 36.33
CA PRO G 33 -71.71 -29.30 35.69
C PRO G 33 -70.92 -29.47 34.40
N PHE G 34 -71.02 -28.51 33.48
CA PHE G 34 -70.33 -28.63 32.20
C PHE G 34 -68.82 -28.64 32.37
N MET G 35 -68.30 -27.76 33.24
CA MET G 35 -66.85 -27.73 33.46
C MET G 35 -66.36 -29.04 34.06
N THR G 36 -67.12 -29.60 35.00
CA THR G 36 -66.72 -30.87 35.61
C THR G 36 -66.81 -32.03 34.63
N ALA G 37 -67.77 -31.99 33.70
CA ALA G 37 -67.96 -33.12 32.80
C ALA G 37 -66.84 -33.21 31.76
N ILE G 38 -66.43 -32.08 31.20
CA ILE G 38 -65.48 -32.06 30.09
C ILE G 38 -64.06 -32.25 30.59
N GLY G 39 -63.12 -32.51 29.67
CA GLY G 39 -61.76 -32.79 30.04
C GLY G 39 -60.92 -31.54 30.26
N LYS G 40 -59.70 -31.76 30.73
CA LYS G 40 -58.75 -30.69 31.01
C LYS G 40 -57.57 -30.77 30.05
N GLY G 41 -56.91 -29.65 29.84
CA GLY G 41 -55.76 -29.62 28.95
C GLY G 41 -54.93 -28.38 29.15
N VAL G 42 -53.79 -28.35 28.46
CA VAL G 42 -52.81 -27.27 28.59
C VAL G 42 -52.58 -26.65 27.22
N ALA G 43 -52.59 -25.32 27.17
CA ALA G 43 -52.29 -24.57 25.96
C ALA G 43 -51.04 -23.76 26.18
N THR G 44 -50.21 -23.67 25.14
CA THR G 44 -48.92 -22.98 25.23
C THR G 44 -48.84 -21.74 24.36
N ALA G 45 -49.97 -21.25 23.84
CA ALA G 45 -49.96 -20.07 22.98
C ALA G 45 -51.31 -19.38 23.08
N ILE G 46 -51.37 -18.18 22.50
CA ILE G 46 -52.61 -17.42 22.48
C ILE G 46 -53.66 -18.13 21.65
N THR G 47 -53.26 -18.72 20.54
CA THR G 47 -54.17 -19.43 19.64
C THR G 47 -53.97 -20.93 19.80
N HIS G 48 -55.07 -21.65 19.99
CA HIS G 48 -55.07 -23.10 20.14
C HIS G 48 -55.65 -23.73 18.89
N GLU G 49 -54.96 -24.74 18.35
CA GLU G 49 -55.34 -25.35 17.08
C GLU G 49 -55.43 -26.85 17.21
N TRP G 50 -56.31 -27.44 16.41
CA TRP G 50 -56.49 -28.90 16.37
C TRP G 50 -57.02 -29.29 14.99
N GLN G 51 -57.15 -30.60 14.79
CA GLN G 51 -57.46 -31.16 13.48
C GLN G 51 -58.63 -32.13 13.56
N THR G 52 -59.35 -32.26 12.45
CA THR G 52 -60.44 -33.21 12.30
C THR G 52 -60.29 -33.97 10.99
N ASP G 53 -60.91 -35.14 10.91
CA ASP G 53 -60.83 -35.99 9.73
C ASP G 53 -62.08 -36.87 9.68
N GLU G 54 -62.21 -37.61 8.58
CA GLU G 54 -63.35 -38.51 8.39
C GLU G 54 -62.95 -39.61 7.41
N LEU G 55 -63.93 -40.45 7.05
CA LEU G 55 -63.73 -41.60 6.18
C LEU G 55 -64.74 -41.53 5.03
N ARG G 56 -64.80 -42.61 4.26
CA ARG G 56 -65.67 -42.71 3.10
C ARG G 56 -66.70 -43.81 3.30
N GLN G 57 -67.53 -44.05 2.23
CA GLN G 57 -68.61 -45.03 2.21
C GLN G 57 -68.16 -46.32 1.52
N PRO G 58 -68.69 -47.46 1.93
CA PRO G 58 -68.28 -48.73 1.32
C PRO G 58 -68.93 -48.94 -0.05
N GLY G 59 -68.39 -49.92 -0.78
CA GLY G 59 -68.91 -50.26 -2.09
C GLY G 59 -68.41 -51.62 -2.53
N LYS G 60 -68.84 -52.00 -3.73
CA LYS G 60 -68.43 -53.28 -4.30
C LYS G 60 -66.96 -53.21 -4.75
N ASN G 61 -66.17 -54.20 -4.33
CA ASN G 61 -64.75 -54.20 -4.65
C ASN G 61 -64.53 -55.13 -5.83
N THR G 62 -64.79 -56.44 -5.69
CA THR G 62 -64.83 -57.39 -6.80
C THR G 62 -63.65 -57.22 -7.77
N ARG G 63 -62.43 -57.46 -7.30
CA ARG G 63 -61.24 -57.28 -8.12
C ARG G 63 -60.93 -58.54 -8.92
N VAL G 64 -60.26 -58.36 -10.05
CA VAL G 64 -59.88 -59.46 -10.91
C VAL G 64 -58.52 -60.02 -10.48
N GLU G 65 -58.36 -61.33 -10.60
CA GLU G 65 -57.14 -62.00 -10.17
C GLU G 65 -55.95 -61.54 -11.00
N GLY G 66 -54.88 -61.13 -10.33
CA GLY G 66 -53.65 -60.78 -10.99
C GLY G 66 -53.66 -59.48 -11.77
N GLU G 67 -54.66 -58.65 -11.58
CA GLU G 67 -54.76 -57.41 -12.34
C GLU G 67 -53.74 -56.39 -11.86
N ASP G 68 -53.39 -55.46 -12.75
CA ASP G 68 -52.47 -54.39 -12.39
C ASP G 68 -53.16 -53.38 -11.48
N ALA G 69 -52.39 -52.79 -10.57
CA ALA G 69 -52.95 -51.88 -9.58
C ALA G 69 -53.19 -50.49 -10.19
N THR G 70 -54.11 -49.76 -9.56
CA THR G 70 -54.42 -48.39 -9.93
C THR G 70 -54.56 -47.56 -8.66
N ILE G 71 -53.91 -46.40 -8.64
CA ILE G 71 -53.90 -45.54 -7.47
C ILE G 71 -55.28 -44.92 -7.28
N LYS G 72 -55.73 -44.81 -6.02
CA LYS G 72 -57.11 -44.47 -5.69
C LYS G 72 -57.14 -43.36 -4.64
N ALA G 73 -57.02 -42.12 -5.10
CA ALA G 73 -57.31 -40.87 -4.38
C ALA G 73 -56.72 -40.88 -2.96
N GLY G 74 -57.38 -40.20 -2.05
CA GLY G 74 -56.90 -40.06 -0.68
C GLY G 74 -57.82 -39.15 0.11
N SER G 75 -57.48 -38.97 1.38
CA SER G 75 -58.26 -38.15 2.30
C SER G 75 -57.35 -37.21 3.07
N PHE G 76 -57.88 -36.05 3.43
CA PHE G 76 -57.13 -35.01 4.10
C PHE G 76 -57.91 -34.48 5.30
N THR G 77 -57.20 -33.75 6.17
CA THR G 77 -57.75 -33.26 7.42
C THR G 77 -58.17 -31.81 7.31
N THR G 78 -58.76 -31.29 8.39
CA THR G 78 -59.24 -29.92 8.45
C THR G 78 -58.77 -29.29 9.77
N MET G 79 -58.53 -27.98 9.72
CA MET G 79 -57.96 -27.23 10.84
C MET G 79 -59.04 -26.44 11.56
N LEU G 80 -58.94 -26.37 12.89
CA LEU G 80 -59.80 -25.53 13.70
C LEU G 80 -58.95 -24.85 14.76
N ASN G 81 -59.41 -23.68 15.21
CA ASN G 81 -58.64 -22.91 16.17
C ASN G 81 -59.56 -22.05 17.03
N ASN G 82 -59.02 -21.62 18.17
CA ASN G 82 -59.75 -20.80 19.12
C ASN G 82 -58.77 -19.90 19.85
N PHE G 83 -59.30 -18.82 20.43
CA PHE G 83 -58.49 -17.83 21.14
C PHE G 83 -58.61 -18.00 22.65
N CYS G 84 -57.74 -17.30 23.37
CA CYS G 84 -57.68 -17.38 24.82
C CYS G 84 -58.37 -16.18 25.45
N GLN G 85 -58.72 -16.32 26.72
CA GLN G 85 -59.47 -15.30 27.44
C GLN G 85 -58.98 -15.25 28.88
N ILE G 86 -59.00 -14.05 29.46
CA ILE G 86 -58.45 -13.79 30.79
C ILE G 86 -59.58 -13.41 31.74
N SER G 87 -59.54 -13.97 32.94
CA SER G 87 -60.48 -13.63 34.00
C SER G 87 -59.70 -13.31 35.26
N ASP G 88 -60.26 -12.41 36.08
CA ASP G 88 -59.53 -11.92 37.24
C ASP G 88 -60.49 -11.48 38.33
N GLU G 89 -59.94 -11.32 39.53
CA GLU G 89 -60.66 -10.82 40.70
C GLU G 89 -59.69 -10.07 41.60
N THR G 90 -60.22 -9.17 42.41
CA THR G 90 -59.42 -8.33 43.28
C THR G 90 -60.00 -8.34 44.68
N LEU G 91 -59.14 -8.04 45.67
CA LEU G 91 -59.57 -8.05 47.06
C LEU G 91 -58.69 -7.12 47.87
N GLN G 92 -59.31 -6.45 48.85
CA GLN G 92 -58.58 -5.57 49.76
C GLN G 92 -59.16 -5.69 51.16
N VAL G 93 -58.27 -5.84 52.15
CA VAL G 93 -58.66 -6.03 53.54
C VAL G 93 -57.78 -5.14 54.41
N THR G 94 -58.40 -4.44 55.36
CA THR G 94 -57.63 -3.58 56.26
C THR G 94 -56.78 -4.42 57.21
N GLY G 95 -55.74 -3.77 57.76
CA GLY G 95 -54.83 -4.49 58.63
C GLY G 95 -55.45 -4.93 59.94
N THR G 96 -56.30 -4.07 60.52
CA THR G 96 -56.92 -4.41 61.80
C THR G 96 -57.82 -5.63 61.69
N ALA G 97 -58.61 -5.72 60.62
CA ALA G 97 -59.53 -6.83 60.45
C ALA G 97 -58.83 -8.17 60.31
N ASP G 98 -57.54 -8.16 59.95
CA ASP G 98 -56.81 -9.41 59.80
C ASP G 98 -56.22 -9.91 61.11
N LYS G 99 -56.30 -9.13 62.18
CA LYS G 99 -55.70 -9.48 63.46
C LYS G 99 -56.72 -9.87 64.52
N VAL G 100 -57.86 -9.19 64.57
CA VAL G 100 -58.85 -9.41 65.62
C VAL G 100 -59.63 -10.69 65.35
N LYS G 101 -60.39 -11.14 66.34
CA LYS G 101 -61.35 -12.24 66.20
C LYS G 101 -62.65 -11.75 66.81
N LYS G 102 -63.61 -11.35 65.97
CA LYS G 102 -64.77 -10.59 66.42
C LYS G 102 -66.08 -11.38 66.31
N ALA G 103 -66.47 -11.78 65.11
CA ALA G 103 -67.71 -12.55 64.94
C ALA G 103 -67.67 -13.21 63.57
N GLY G 104 -67.52 -14.53 63.54
CA GLY G 104 -67.61 -15.28 62.30
C GLY G 104 -66.41 -15.10 61.40
N ARG G 105 -66.25 -13.90 60.84
CA ARG G 105 -65.13 -13.57 59.98
C ARG G 105 -64.05 -12.90 60.83
N LYS G 106 -62.91 -13.56 60.98
CA LYS G 106 -61.87 -13.09 61.88
C LYS G 106 -60.52 -12.98 61.19
N ASN G 107 -60.26 -13.85 60.21
CA ASN G 107 -59.05 -13.81 59.39
C ASN G 107 -59.52 -13.67 57.94
N GLU G 108 -59.57 -12.43 57.47
CA GLU G 108 -60.36 -12.12 56.28
C GLU G 108 -59.72 -12.63 55.00
N LEU G 109 -58.38 -12.58 54.91
CA LEU G 109 -57.73 -12.74 53.60
C LEU G 109 -58.04 -14.10 52.98
N ALA G 110 -57.79 -15.18 53.72
CA ALA G 110 -57.98 -16.51 53.16
C ALA G 110 -59.44 -16.80 52.88
N TYR G 111 -60.33 -16.41 53.80
CA TYR G 111 -61.76 -16.67 53.63
C TYR G 111 -62.30 -15.98 52.39
N GLN G 112 -62.04 -14.67 52.26
CA GLN G 112 -62.50 -13.94 51.10
C GLN G 112 -61.82 -14.44 49.82
N LEU G 113 -60.56 -14.86 49.91
CA LEU G 113 -59.89 -15.40 48.74
C LEU G 113 -60.55 -16.67 48.25
N ALA G 114 -60.92 -17.57 49.18
CA ALA G 114 -61.62 -18.78 48.79
C ALA G 114 -62.97 -18.48 48.17
N LYS G 115 -63.71 -17.54 48.76
CA LYS G 115 -65.00 -17.17 48.21
C LYS G 115 -64.86 -16.60 46.80
N LYS G 116 -63.86 -15.74 46.59
CA LYS G 116 -63.66 -15.17 45.26
C LYS G 116 -63.16 -16.21 44.27
N SER G 117 -62.43 -17.22 44.73
CA SER G 117 -62.04 -18.31 43.84
C SER G 117 -63.25 -19.09 43.37
N LYS G 118 -64.18 -19.38 44.29
CA LYS G 118 -65.43 -20.04 43.88
C LYS G 118 -66.21 -19.18 42.89
N GLU G 119 -66.28 -17.88 43.15
CA GLU G 119 -66.99 -16.98 42.23
C GLU G 119 -66.31 -16.93 40.88
N LEU G 120 -64.97 -16.98 40.85
CA LEU G 120 -64.25 -17.00 39.58
C LEU G 120 -64.53 -18.26 38.80
N LYS G 121 -64.60 -19.41 39.48
CA LYS G 121 -64.97 -20.65 38.78
C LYS G 121 -66.38 -20.54 38.22
N LEU G 122 -67.30 -19.94 38.97
CA LEU G 122 -68.65 -19.73 38.46
C LEU G 122 -68.65 -18.84 37.22
N ASP G 123 -67.83 -17.79 37.24
CA ASP G 123 -67.72 -16.90 36.09
C ASP G 123 -67.17 -17.64 34.88
N MET G 124 -66.19 -18.52 35.10
CA MET G 124 -65.65 -19.32 34.01
C MET G 124 -66.72 -20.22 33.41
N GLU G 125 -67.52 -20.86 34.26
CA GLU G 125 -68.60 -21.71 33.75
C GLU G 125 -69.61 -20.90 32.96
N TYR G 126 -69.97 -19.71 33.46
CA TYR G 126 -70.92 -18.86 32.75
C TYR G 126 -70.36 -18.45 31.40
N ALA G 127 -69.07 -18.10 31.34
CA ALA G 127 -68.46 -17.75 30.07
C ALA G 127 -68.50 -18.93 29.11
N MET G 128 -68.28 -20.14 29.62
CA MET G 128 -68.32 -21.33 28.77
C MET G 128 -69.72 -21.58 28.21
N VAL G 129 -70.75 -21.39 29.03
CA VAL G 129 -72.09 -21.84 28.64
C VAL G 129 -73.17 -20.78 28.78
N GLY G 130 -72.97 -19.71 29.54
CA GLY G 130 -74.10 -18.84 29.90
C GLY G 130 -74.70 -18.08 28.73
N ALA G 131 -73.86 -17.58 27.84
CA ALA G 131 -74.35 -16.72 26.76
C ALA G 131 -73.56 -17.03 25.50
N PRO G 132 -74.13 -16.77 24.32
CA PRO G 132 -73.39 -16.96 23.08
C PRO G 132 -72.18 -16.03 23.00
N GLN G 133 -71.10 -16.53 22.40
CA GLN G 133 -69.85 -15.77 22.32
C GLN G 133 -69.11 -16.14 21.05
N ALA G 134 -68.50 -15.16 20.42
CA ALA G 134 -67.66 -15.36 19.25
C ALA G 134 -66.24 -14.90 19.55
N LYS G 135 -65.27 -15.56 18.93
CA LYS G 135 -63.87 -15.24 19.17
C LYS G 135 -63.55 -13.83 18.68
N ILE G 136 -62.81 -13.09 19.49
CA ILE G 136 -62.39 -11.73 19.15
C ILE G 136 -60.90 -11.62 19.41
N GLN G 137 -60.15 -11.14 18.42
CA GLN G 137 -58.71 -10.99 18.57
C GLN G 137 -58.41 -9.83 19.52
N ARG G 138 -57.51 -10.06 20.47
CA ARG G 138 -57.18 -9.04 21.45
C ARG G 138 -56.24 -8.01 20.85
N ASN G 139 -56.26 -6.82 21.45
CA ASN G 139 -55.34 -5.75 21.09
C ASN G 139 -55.15 -4.86 22.32
N THR G 140 -54.53 -3.70 22.12
CA THR G 140 -54.19 -2.84 23.25
C THR G 140 -55.40 -2.18 23.89
N THR G 141 -56.56 -2.19 23.25
CA THR G 141 -57.74 -1.51 23.78
C THR G 141 -58.93 -2.43 24.01
N THR G 142 -59.04 -3.55 23.29
CA THR G 142 -60.18 -4.43 23.41
C THR G 142 -59.75 -5.75 24.03
N PRO G 143 -60.44 -6.24 25.06
CA PRO G 143 -60.07 -7.52 25.66
C PRO G 143 -60.33 -8.68 24.72
N GLY G 144 -59.51 -9.72 24.85
CA GLY G 144 -59.70 -10.91 24.04
C GLY G 144 -60.90 -11.70 24.50
N GLN G 145 -61.53 -12.38 23.54
CA GLN G 145 -62.72 -13.18 23.81
C GLN G 145 -62.59 -14.54 23.13
N MET G 146 -63.14 -15.56 23.79
CA MET G 146 -63.12 -16.92 23.28
C MET G 146 -64.49 -17.31 22.77
N ALA G 147 -64.51 -18.28 21.86
CA ALA G 147 -65.76 -18.76 21.27
C ALA G 147 -66.27 -19.97 22.03
N ASN G 148 -67.53 -19.94 22.42
CA ASN G 148 -68.15 -21.02 23.16
C ASN G 148 -68.90 -21.95 22.22
N ILE G 149 -69.70 -22.86 22.78
CA ILE G 149 -70.37 -23.88 22.00
C ILE G 149 -71.37 -23.29 21.00
N PHE G 150 -71.85 -22.08 21.23
CA PHE G 150 -72.83 -21.49 20.34
C PHE G 150 -72.26 -21.10 18.99
N ALA G 151 -70.95 -21.14 18.82
CA ALA G 151 -70.30 -20.74 17.58
C ALA G 151 -69.64 -21.89 16.85
N TYR G 152 -69.92 -23.13 17.25
CA TYR G 152 -69.24 -24.27 16.63
C TYR G 152 -70.23 -25.30 16.09
N TYR G 153 -71.38 -25.45 16.76
CA TYR G 153 -72.33 -26.50 16.42
C TYR G 153 -73.30 -25.98 15.36
N LYS G 154 -73.24 -26.57 14.16
CA LYS G 154 -74.12 -26.15 13.08
C LYS G 154 -74.68 -27.28 12.24
N THR G 155 -74.32 -28.53 12.51
CA THR G 155 -74.68 -29.64 11.62
C THR G 155 -75.95 -30.36 12.04
N ASN G 156 -75.95 -30.95 13.24
CA ASN G 156 -77.05 -31.81 13.66
C ASN G 156 -78.16 -31.06 14.38
N GLY G 157 -77.97 -29.78 14.70
CA GLY G 157 -78.95 -29.02 15.44
C GLY G 157 -80.00 -28.40 14.54
N SER G 158 -80.77 -27.48 15.13
CA SER G 158 -81.81 -26.78 14.40
C SER G 158 -81.96 -25.38 14.99
N VAL G 159 -82.53 -24.48 14.20
CA VAL G 159 -82.70 -23.09 14.60
C VAL G 159 -84.12 -22.66 14.24
N GLY G 160 -84.56 -21.58 14.86
CA GLY G 160 -85.91 -21.08 14.64
C GLY G 160 -86.07 -20.46 13.26
N ALA G 161 -87.31 -20.08 12.97
CA ALA G 161 -87.62 -19.47 11.68
C ALA G 161 -86.89 -18.14 11.54
N ASN G 162 -86.47 -17.84 10.31
CA ASN G 162 -85.71 -16.62 10.00
C ASN G 162 -84.42 -16.54 10.79
N GLY G 163 -83.82 -17.70 11.07
CA GLY G 163 -82.55 -17.74 11.77
C GLY G 163 -81.44 -18.27 10.89
N THR G 164 -80.19 -17.93 11.21
CA THR G 164 -79.04 -18.35 10.44
C THR G 164 -78.08 -19.14 11.32
N LEU G 165 -77.58 -20.24 10.78
CA LEU G 165 -76.63 -21.07 11.48
C LEU G 165 -75.24 -20.42 11.47
N PRO G 166 -74.42 -20.70 12.47
CA PRO G 166 -73.06 -20.15 12.49
C PRO G 166 -72.20 -20.78 11.41
N THR G 167 -71.11 -20.07 11.07
CA THR G 167 -70.21 -20.55 10.03
C THR G 167 -69.54 -21.86 10.43
N GLY G 168 -69.32 -22.07 11.72
CA GLY G 168 -68.71 -23.28 12.21
C GLY G 168 -67.25 -23.16 12.61
N ASP G 169 -66.62 -22.03 12.33
CA ASP G 169 -65.22 -21.81 12.70
C ASP G 169 -65.08 -20.95 13.94
N GLY G 170 -66.18 -20.59 14.60
CA GLY G 170 -66.14 -19.78 15.80
C GLY G 170 -66.11 -18.29 15.58
N SER G 171 -66.08 -17.83 14.32
CA SER G 171 -65.99 -16.41 14.05
C SER G 171 -67.31 -15.68 14.33
N ASP G 172 -68.44 -16.39 14.26
CA ASP G 172 -69.72 -15.76 14.49
C ASP G 172 -70.68 -16.80 15.07
N THR G 173 -71.72 -16.30 15.74
CA THR G 173 -72.70 -17.15 16.40
C THR G 173 -74.03 -17.22 15.66
N GLY G 174 -74.13 -16.63 14.47
CA GLY G 174 -75.38 -16.64 13.75
C GLY G 174 -76.38 -15.66 14.33
N THR G 175 -77.61 -15.76 13.83
CA THR G 175 -78.71 -14.90 14.25
C THR G 175 -79.82 -15.73 14.86
N ALA G 176 -80.43 -15.20 15.92
CA ALA G 176 -81.51 -15.90 16.60
C ALA G 176 -82.79 -15.83 15.80
N GLY G 177 -83.55 -16.93 15.84
CA GLY G 177 -84.82 -17.03 15.16
C GLY G 177 -86.00 -16.84 16.09
N ASP G 178 -87.18 -17.15 15.56
CA ASP G 178 -88.41 -17.02 16.35
C ASP G 178 -88.56 -18.21 17.29
N LEU G 179 -89.04 -17.92 18.50
CA LEU G 179 -89.23 -18.97 19.49
C LEU G 179 -90.34 -19.91 19.07
N ARG G 180 -90.16 -21.20 19.37
CA ARG G 180 -91.14 -22.22 19.01
C ARG G 180 -91.27 -23.20 20.16
N LEU G 181 -92.40 -23.90 20.17
CA LEU G 181 -92.63 -24.93 21.18
C LEU G 181 -91.73 -26.13 20.93
N LEU G 182 -91.32 -26.78 22.01
CA LEU G 182 -90.44 -27.95 21.92
C LEU G 182 -91.27 -29.22 21.73
N THR G 183 -90.88 -30.05 20.78
CA THR G 183 -91.57 -31.29 20.49
C THR G 183 -90.56 -32.43 20.39
N GLU G 184 -91.06 -33.66 20.48
CA GLU G 184 -90.19 -34.82 20.49
C GLU G 184 -89.50 -35.04 19.15
N ASP G 185 -90.13 -34.60 18.06
CA ASP G 185 -89.56 -34.88 16.74
C ASP G 185 -88.20 -34.21 16.56
N MET G 186 -88.04 -33.02 17.13
CA MET G 186 -86.74 -32.36 17.08
C MET G 186 -85.66 -33.19 17.75
N LEU G 187 -85.95 -33.69 18.95
CA LEU G 187 -84.99 -34.52 19.67
C LEU G 187 -84.67 -35.79 18.90
N LEU G 188 -85.70 -36.45 18.37
CA LEU G 188 -85.47 -37.69 17.63
C LEU G 188 -84.65 -37.45 16.37
N ASN G 189 -84.95 -36.38 15.64
CA ASN G 189 -84.18 -36.07 14.44
C ASN G 189 -82.73 -35.73 14.79
N ALA G 190 -82.51 -34.99 15.87
CA ALA G 190 -81.15 -34.68 16.29
C ALA G 190 -80.39 -35.96 16.66
N SER G 191 -81.05 -36.87 17.38
CA SER G 191 -80.40 -38.11 17.75
C SER G 191 -80.05 -38.95 16.52
N GLU G 192 -80.98 -39.02 15.56
CA GLU G 192 -80.71 -39.77 14.34
C GLU G 192 -79.57 -39.15 13.54
N ALA G 193 -79.53 -37.82 13.46
CA ALA G 193 -78.45 -37.16 12.75
C ALA G 193 -77.11 -37.41 13.41
N ILE G 194 -77.08 -37.37 14.75
CA ILE G 194 -75.84 -37.66 15.47
C ILE G 194 -75.39 -39.09 15.20
N TRP G 195 -76.33 -40.04 15.25
CA TRP G 195 -75.99 -41.44 15.01
C TRP G 195 -75.47 -41.66 13.59
N ARG G 196 -76.08 -40.97 12.61
CA ARG G 196 -75.66 -41.12 11.23
C ARG G 196 -74.22 -40.68 11.03
N ASN G 197 -73.83 -39.57 11.66
CA ASN G 197 -72.48 -39.05 11.50
C ASN G 197 -71.44 -39.83 12.29
N GLY G 198 -71.86 -40.76 13.14
CA GLY G 198 -70.94 -41.56 13.91
C GLY G 198 -70.67 -41.08 15.32
N GLY G 199 -71.36 -40.04 15.78
CA GLY G 199 -71.15 -39.54 17.12
C GLY G 199 -71.68 -40.49 18.18
N GLN G 200 -71.22 -40.28 19.40
CA GLN G 200 -71.60 -41.10 20.55
C GLN G 200 -72.03 -40.21 21.71
N ALA G 201 -72.83 -39.20 21.41
CA ALA G 201 -73.33 -38.32 22.46
C ALA G 201 -74.25 -39.07 23.40
N ASN G 202 -74.11 -38.80 24.71
CA ASN G 202 -74.94 -39.46 25.70
C ASN G 202 -75.40 -38.54 26.82
N SER G 203 -75.20 -37.23 26.70
CA SER G 203 -75.62 -36.30 27.74
C SER G 203 -76.51 -35.22 27.14
N ILE G 204 -77.53 -34.82 27.90
CA ILE G 204 -78.41 -33.73 27.52
C ILE G 204 -78.42 -32.71 28.64
N GLN G 205 -78.17 -31.45 28.31
CA GLN G 205 -78.16 -30.37 29.29
C GLN G 205 -79.01 -29.22 28.79
N THR G 206 -79.74 -28.58 29.70
CA THR G 206 -80.62 -27.49 29.35
C THR G 206 -80.98 -26.72 30.62
N SER G 207 -81.80 -25.67 30.44
CA SER G 207 -82.21 -24.83 31.55
C SER G 207 -83.34 -25.50 32.34
N SER G 208 -83.71 -24.86 33.46
CA SER G 208 -84.74 -25.42 34.32
C SER G 208 -86.10 -25.42 33.64
N SER G 209 -86.43 -24.35 32.91
CA SER G 209 -87.74 -24.27 32.26
C SER G 209 -87.90 -25.37 31.22
N ILE G 210 -86.87 -25.58 30.39
CA ILE G 210 -86.93 -26.64 29.38
C ILE G 210 -86.95 -28.01 30.04
N LYS G 211 -86.23 -28.16 31.16
CA LYS G 211 -86.27 -29.42 31.90
C LYS G 211 -87.68 -29.73 32.39
N LYS G 212 -88.37 -28.72 32.92
CA LYS G 212 -89.75 -28.92 33.34
C LYS G 212 -90.66 -29.22 32.15
N ALA G 213 -90.43 -28.54 31.02
CA ALA G 213 -91.25 -28.77 29.84
C ALA G 213 -91.09 -30.19 29.30
N ILE G 214 -89.87 -30.72 29.33
CA ILE G 214 -89.62 -32.05 28.78
C ILE G 214 -90.39 -33.10 29.56
N SER G 215 -90.31 -33.04 30.89
CA SER G 215 -90.99 -34.03 31.72
C SER G 215 -92.51 -33.90 31.60
N LYS G 216 -93.00 -32.70 31.30
CA LYS G 216 -94.45 -32.49 31.25
C LYS G 216 -95.10 -33.23 30.10
N ASN G 217 -94.53 -33.11 28.89
CA ASN G 217 -95.15 -33.66 27.69
C ASN G 217 -94.09 -34.28 26.78
N MET G 218 -93.78 -35.55 27.01
CA MET G 218 -92.99 -36.34 26.07
C MET G 218 -93.78 -37.53 25.54
N LYS G 219 -94.27 -38.39 26.41
CA LYS G 219 -95.06 -39.59 26.08
C LYS G 219 -94.53 -40.28 24.83
N GLY G 220 -93.25 -40.64 24.88
CA GLY G 220 -92.64 -41.33 23.76
C GLY G 220 -93.26 -42.70 23.56
N ARG G 221 -93.76 -42.95 22.34
CA ARG G 221 -94.35 -44.22 21.95
C ARG G 221 -95.67 -44.50 22.68
N ALA G 222 -96.08 -43.59 23.54
CA ALA G 222 -97.28 -43.77 24.35
C ALA G 222 -98.34 -42.75 23.93
N THR G 223 -99.54 -42.92 24.49
CA THR G 223 -100.66 -42.01 24.20
C THR G 223 -101.46 -41.60 25.41
N GLU G 224 -101.29 -42.23 26.57
CA GLU G 224 -102.16 -41.99 27.71
C GLU G 224 -101.43 -41.57 28.98
N ILE G 225 -100.18 -42.04 29.17
CA ILE G 225 -99.34 -41.87 30.36
C ILE G 225 -100.15 -41.97 31.66
N THR G 226 -99.98 -43.08 32.37
CA THR G 226 -100.71 -43.36 33.60
C THR G 226 -99.72 -43.60 34.73
N LEU G 227 -100.25 -43.89 35.92
CA LEU G 227 -99.46 -44.14 37.11
C LEU G 227 -99.70 -45.55 37.62
N ASP G 228 -98.64 -46.27 37.91
CA ASP G 228 -98.75 -47.64 38.41
C ASP G 228 -98.95 -47.64 39.91
N ALA G 229 -100.01 -48.31 40.35
CA ALA G 229 -100.36 -48.38 41.77
C ALA G 229 -99.68 -49.54 42.48
N SER G 230 -98.91 -50.36 41.78
CA SER G 230 -98.19 -51.47 42.37
C SER G 230 -96.83 -51.07 42.92
N ASP G 231 -96.42 -49.82 42.71
CA ASP G 231 -95.16 -49.30 43.22
C ASP G 231 -95.43 -48.12 44.13
N ASN G 232 -94.53 -47.92 45.10
CA ASN G 232 -94.64 -46.83 46.07
C ASN G 232 -93.81 -45.62 45.66
N ARG G 233 -93.68 -45.38 44.37
CA ARG G 233 -92.87 -44.27 43.86
C ARG G 233 -93.70 -43.43 42.90
N ILE G 234 -93.43 -42.13 42.90
CA ILE G 234 -94.00 -41.19 41.95
C ILE G 234 -92.86 -40.39 41.35
N ALA G 235 -92.67 -40.49 40.04
CA ALA G 235 -91.57 -39.85 39.34
C ALA G 235 -92.14 -38.75 38.46
N GLN G 236 -92.05 -37.50 38.95
CA GLN G 236 -92.49 -36.36 38.15
C GLN G 236 -91.51 -36.05 37.03
N THR G 237 -90.22 -36.18 37.28
CA THR G 237 -89.20 -35.85 36.30
C THR G 237 -88.85 -37.05 35.43
N VAL G 238 -88.21 -36.77 34.31
CA VAL G 238 -87.69 -37.80 33.40
C VAL G 238 -86.18 -37.68 33.41
N ASP G 239 -85.50 -38.73 33.86
CA ASP G 239 -84.05 -38.68 34.02
C ASP G 239 -83.32 -39.31 32.84
N VAL G 240 -83.85 -40.39 32.28
CA VAL G 240 -83.19 -41.13 31.22
C VAL G 240 -84.13 -41.21 30.03
N TYR G 241 -83.61 -40.87 28.85
CA TYR G 241 -84.37 -40.97 27.61
C TYR G 241 -83.63 -41.92 26.67
N GLU G 242 -84.29 -42.99 26.26
CA GLU G 242 -83.72 -43.96 25.34
C GLU G 242 -84.41 -43.85 23.99
N SER G 243 -83.62 -43.66 22.94
CA SER G 243 -84.13 -43.57 21.58
C SER G 243 -83.66 -44.79 20.80
N ASP G 244 -84.00 -44.82 19.51
CA ASP G 244 -83.60 -45.92 18.66
C ASP G 244 -82.10 -45.96 18.40
N PHE G 245 -81.36 -44.91 18.75
CA PHE G 245 -79.95 -44.80 18.40
C PHE G 245 -79.05 -44.35 19.54
N GLY G 246 -79.60 -44.12 20.73
CA GLY G 246 -78.75 -43.73 21.85
C GLY G 246 -79.55 -43.57 23.11
N LYS G 247 -78.84 -43.53 24.23
CA LYS G 247 -79.41 -43.30 25.55
C LYS G 247 -78.81 -42.03 26.14
N TYR G 248 -79.65 -41.19 26.72
CA TYR G 248 -79.22 -39.90 27.23
C TYR G 248 -79.72 -39.70 28.66
N THR G 249 -78.93 -39.02 29.46
CA THR G 249 -79.33 -38.59 30.79
C THR G 249 -79.61 -37.09 30.76
N ILE G 250 -80.77 -36.70 31.27
CA ILE G 250 -81.22 -35.32 31.21
C ILE G 250 -80.92 -34.65 32.55
N ARG G 251 -80.19 -33.55 32.51
CA ARG G 251 -79.82 -32.80 33.71
C ARG G 251 -80.13 -31.33 33.50
N ALA G 252 -80.50 -30.65 34.59
CA ALA G 252 -80.77 -29.22 34.54
C ALA G 252 -79.54 -28.46 35.01
N ASN G 253 -79.15 -27.45 34.24
CA ASN G 253 -77.99 -26.63 34.55
C ASN G 253 -78.45 -25.28 35.07
N ARG G 254 -77.92 -24.88 36.23
CA ARG G 254 -78.34 -23.63 36.85
C ARG G 254 -78.00 -22.43 35.97
N TRP G 255 -76.82 -22.43 35.37
CA TRP G 255 -76.29 -21.27 34.65
C TRP G 255 -76.49 -21.37 33.14
N PHE G 256 -77.22 -22.37 32.67
CA PHE G 256 -77.37 -22.57 31.24
C PHE G 256 -78.20 -21.45 30.62
N HIS G 257 -77.91 -21.17 29.36
CA HIS G 257 -78.67 -20.16 28.62
C HIS G 257 -80.11 -20.60 28.44
N GLU G 258 -81.02 -19.65 28.53
CA GLU G 258 -82.43 -19.94 28.35
C GLU G 258 -82.73 -20.26 26.89
N ASN G 259 -83.78 -21.06 26.69
CA ASN G 259 -84.25 -21.43 25.35
C ASN G 259 -83.18 -22.17 24.55
N THR G 260 -82.57 -23.18 25.16
CA THR G 260 -81.51 -23.93 24.50
C THR G 260 -81.43 -25.33 25.10
N MET G 261 -81.21 -26.32 24.24
CA MET G 261 -80.94 -27.69 24.67
C MET G 261 -79.68 -28.18 23.96
N PHE G 262 -78.84 -28.91 24.69
CA PHE G 262 -77.54 -29.31 24.18
C PHE G 262 -77.37 -30.81 24.37
N ILE G 263 -77.24 -31.54 23.27
CA ILE G 263 -76.95 -32.98 23.30
C ILE G 263 -75.49 -33.14 22.92
N PHE G 264 -74.71 -33.77 23.80
CA PHE G 264 -73.27 -33.78 23.62
C PHE G 264 -72.66 -35.01 24.27
N ASP G 265 -71.41 -35.26 23.88
CA ASP G 265 -70.55 -36.28 24.46
C ASP G 265 -69.47 -35.60 25.28
N PRO G 266 -69.40 -35.81 26.58
CA PRO G 266 -68.43 -35.06 27.41
C PRO G 266 -66.98 -35.28 27.01
N LYS G 267 -66.65 -36.43 26.43
CA LYS G 267 -65.27 -36.73 26.10
C LYS G 267 -64.73 -35.93 24.93
N MET G 268 -65.57 -35.17 24.22
CA MET G 268 -65.14 -34.44 23.04
C MET G 268 -65.01 -32.94 23.28
N HIS G 269 -64.85 -32.52 24.54
CA HIS G 269 -64.67 -31.12 24.88
C HIS G 269 -63.57 -30.99 25.91
N ALA G 270 -62.75 -29.96 25.77
CA ALA G 270 -61.63 -29.76 26.68
C ALA G 270 -61.55 -28.29 27.09
N LEU G 271 -61.11 -28.07 28.32
CA LEU G 271 -60.80 -26.73 28.82
C LEU G 271 -59.28 -26.64 28.96
N CYS G 272 -58.66 -25.75 28.18
CA CYS G 272 -57.21 -25.63 28.13
C CYS G 272 -56.77 -24.40 28.90
N TYR G 273 -55.85 -24.60 29.83
CA TYR G 273 -55.32 -23.52 30.67
C TYR G 273 -54.02 -23.01 30.08
N LEU G 274 -53.97 -21.73 29.74
CA LEU G 274 -52.69 -21.12 29.41
C LEU G 274 -51.94 -20.72 30.66
N ARG G 275 -52.65 -20.18 31.65
CA ARG G 275 -52.11 -19.90 32.97
C ARG G 275 -53.15 -20.33 33.99
N PRO G 276 -52.89 -21.36 34.78
CA PRO G 276 -53.85 -21.78 35.80
C PRO G 276 -54.07 -20.69 36.84
N PHE G 277 -55.01 -20.96 37.75
CA PHE G 277 -55.35 -19.99 38.80
C PHE G 277 -54.10 -19.60 39.58
N PHE G 278 -53.91 -18.28 39.74
CA PHE G 278 -52.79 -17.84 40.57
C PHE G 278 -53.11 -16.47 41.16
N GLN G 279 -52.55 -16.23 42.33
CA GLN G 279 -52.75 -14.98 43.06
C GLN G 279 -51.42 -14.26 43.24
N HIS G 280 -51.51 -12.95 43.41
CA HIS G 280 -50.31 -12.17 43.69
C HIS G 280 -50.67 -10.89 44.42
N GLU G 281 -49.65 -10.30 45.01
CA GLU G 281 -49.76 -9.05 45.75
C GLU G 281 -49.97 -7.87 44.81
N LEU G 282 -50.44 -6.76 45.38
CA LEU G 282 -50.47 -5.49 44.69
C LEU G 282 -49.69 -4.46 45.49
N ALA G 283 -49.55 -3.27 44.92
CA ALA G 283 -48.81 -2.21 45.58
C ALA G 283 -49.47 -1.85 46.91
N LYS G 284 -48.66 -1.77 47.96
CA LYS G 284 -49.14 -1.43 49.29
C LYS G 284 -49.10 0.08 49.48
N THR G 285 -50.28 0.68 49.64
CA THR G 285 -50.40 2.13 49.77
C THR G 285 -50.75 2.57 51.19
N GLY G 286 -50.72 1.67 52.15
CA GLY G 286 -51.06 2.05 53.52
C GLY G 286 -51.23 0.83 54.40
N ASP G 287 -52.04 1.02 55.45
CA ASP G 287 -52.33 -0.05 56.40
C ASP G 287 -53.46 -0.95 55.87
N SER G 288 -53.16 -1.67 54.79
CA SER G 288 -54.13 -2.54 54.16
C SER G 288 -53.38 -3.66 53.45
N GLU G 289 -54.14 -4.53 52.78
CA GLU G 289 -53.60 -5.69 52.10
C GLU G 289 -54.43 -5.94 50.85
N LYS G 290 -53.78 -5.98 49.69
CA LYS G 290 -54.45 -6.15 48.42
C LYS G 290 -53.96 -7.41 47.73
N ARG G 291 -54.88 -8.15 47.14
CA ARG G 291 -54.59 -9.39 46.44
C ARG G 291 -55.32 -9.40 45.11
N GLN G 292 -54.74 -10.10 44.14
CA GLN G 292 -55.36 -10.30 42.84
C GLN G 292 -55.28 -11.76 42.43
N LEU G 293 -56.39 -12.27 41.89
CA LEU G 293 -56.47 -13.61 41.34
C LEU G 293 -56.63 -13.52 39.83
N LEU G 294 -55.93 -14.39 39.10
CA LEU G 294 -55.96 -14.38 37.64
C LEU G 294 -55.99 -15.80 37.12
N VAL G 295 -56.62 -15.95 35.93
CA VAL G 295 -56.65 -17.20 35.21
C VAL G 295 -56.78 -16.88 33.72
N GLU G 296 -56.22 -17.75 32.89
CA GLU G 296 -56.26 -17.59 31.44
C GLU G 296 -56.57 -18.94 30.80
N TYR G 297 -57.61 -18.98 29.98
CA TYR G 297 -58.16 -20.27 29.55
C TYR G 297 -58.78 -20.15 28.17
N THR G 298 -59.08 -21.31 27.60
CA THR G 298 -59.76 -21.41 26.31
C THR G 298 -60.52 -22.72 26.28
N LEU G 299 -61.45 -22.83 25.32
CA LEU G 299 -62.30 -24.02 25.18
C LEU G 299 -62.04 -24.65 23.82
N ARG G 300 -61.86 -25.96 23.81
CA ARG G 300 -61.61 -26.73 22.60
C ARG G 300 -62.78 -27.69 22.37
N VAL G 301 -63.38 -27.60 21.19
CA VAL G 301 -64.43 -28.50 20.75
C VAL G 301 -63.82 -29.44 19.71
N ASN G 302 -63.74 -30.73 20.05
CA ASN G 302 -63.02 -31.67 19.21
C ASN G 302 -63.68 -31.82 17.84
N ASN G 303 -64.98 -32.07 17.83
CA ASN G 303 -65.69 -32.28 16.56
C ASN G 303 -67.17 -31.98 16.78
N GLU G 304 -67.67 -30.94 16.12
CA GLU G 304 -69.06 -30.53 16.27
C GLU G 304 -70.03 -31.53 15.68
N LYS G 305 -69.58 -32.46 14.85
CA LYS G 305 -70.47 -33.45 14.27
C LYS G 305 -70.95 -34.48 15.27
N SER G 306 -70.39 -34.50 16.48
CA SER G 306 -70.72 -35.50 17.48
C SER G 306 -71.82 -35.04 18.44
N GLY G 307 -72.40 -33.87 18.21
CA GLY G 307 -73.44 -33.36 19.09
C GLY G 307 -74.43 -32.49 18.35
N ALA G 308 -75.44 -32.02 19.07
CA ALA G 308 -76.48 -31.18 18.50
C ALA G 308 -76.83 -30.08 19.48
N LEU G 309 -77.24 -28.93 18.93
CA LEU G 309 -77.63 -27.77 19.73
C LEU G 309 -78.96 -27.27 19.19
N ILE G 310 -80.02 -27.42 19.97
CA ILE G 310 -81.35 -26.97 19.59
C ILE G 310 -81.60 -25.62 20.23
N ARG G 311 -81.91 -24.62 19.42
CA ARG G 311 -82.02 -23.24 19.87
C ARG G 311 -83.42 -22.71 19.62
N ASP G 312 -83.75 -21.64 20.36
CA ASP G 312 -85.01 -20.92 20.20
C ASP G 312 -86.21 -21.83 20.46
N VAL G 313 -86.17 -22.55 21.58
CA VAL G 313 -87.28 -23.37 22.01
C VAL G 313 -87.78 -22.86 23.35
N VAL G 314 -89.10 -22.81 23.51
CA VAL G 314 -89.73 -22.26 24.70
C VAL G 314 -90.79 -23.23 25.19
N ALA G 315 -91.17 -23.07 26.46
CA ALA G 315 -92.18 -23.89 27.09
C ALA G 315 -93.52 -23.17 27.08
N GLN G 316 -94.58 -23.92 26.77
CA GLN G 316 -95.97 -23.46 26.78
C GLN G 316 -96.18 -22.13 26.07
N VAL G 317 -95.26 -21.77 25.19
CA VAL G 317 -95.29 -20.50 24.45
C VAL G 317 -95.34 -19.31 25.39
#